data_6QP7
#
_entry.id   6QP7
#
_cell.length_a   103.804
_cell.length_b   109.977
_cell.length_c   134.793
_cell.angle_alpha   90.00
_cell.angle_beta   90.00
_cell.angle_gamma   90.00
#
_symmetry.space_group_name_H-M   'P 21 21 21'
#
loop_
_entity.id
_entity.type
_entity.pdbx_description
1 polymer Semaphorin-2A
2 branched 2-acetamido-2-deoxy-beta-D-glucopyranose-(1-4)-2-acetamido-2-deoxy-beta-D-glucopyranose
3 branched alpha-D-mannopyranose-(1-6)-alpha-D-mannopyranose-(1-6)-[alpha-D-mannopyranose-(1-3)]beta-D-mannopyranose-(1-4)-2-acetamido-2-deoxy-beta-D-glucopyranose-(1-4)-2-acetamido-2-deoxy-beta-D-glucopyranose
4 branched alpha-D-mannopyranose-(1-2)-alpha-D-mannopyranose-(1-6)-[alpha-D-mannopyranose-(1-3)]alpha-D-mannopyranose-(1-6)-[alpha-D-mannopyranose-(1-3)]beta-D-mannopyranose-(1-4)-2-acetamido-2-deoxy-beta-D-glucopyranose-(1-4)-2-acetamido-2-deoxy-beta-D-glucopyranose
5 branched beta-D-mannopyranose-(1-4)-2-acetamido-2-deoxy-beta-D-glucopyranose-(1-4)-2-acetamido-2-deoxy-beta-D-glucopyranose
6 branched alpha-D-mannopyranose-(1-3)-[alpha-D-mannopyranose-(1-6)]alpha-D-mannopyranose-(1-6)-[alpha-D-mannopyranose-(1-3)]beta-D-mannopyranose-(1-4)-2-acetamido-2-deoxy-beta-D-glucopyranose-(1-4)-2-acetamido-2-deoxy-beta-D-glucopyranose
7 non-polymer 2-acetamido-2-deoxy-beta-D-glucopyranose
8 non-polymer 1,2-ETHANEDIOL
9 non-polymer 'CHLORIDE ION'
10 water water
#
_entity_poly.entity_id   1
_entity_poly.type   'polypeptide(L)'
_entity_poly.pdbx_seq_one_letter_code
;ETGYENTWNFYYERPCCTGNDQGNNNYGKHGADHVREFNCGKLYYRTFHMNEDRDTLYVGAMDRVFRVNLQNISSSNCNR
DVINLEPTRDDVVSCVSKGKSQIFDCKNHVRVIQSMDQGDRLYVCGTNAHNPKDYVIYANLTYLPRSEYVIGVGLGIAKC
PYDPLDNSTAIYVENGNPGGLPGLYSGTNAEFTKADTVIFRTDLYNTSAKRLEYKFKRTLKYDSKWLDKPNFVGSFDIGE
YVYFFFRETAVEYINCGKAVYSRIARVCKKDVGGKNLLAHNWATYLKARLNCSISGEFPFYFNEIQSVYQLPSDKSRFFA
TFTTSTNGLIGSAVCSFHINEIQAAFNGKFKEQSSSNSAWLPVLNSRVPEPRPGTCVNDTSNLPDTVLNFIRSHPLMDKA
VNHEHNNPVYYKRDLVFTKLVVDKIRIDILNQEYIVYYVGTNLGRIYKIVQYYRNGESLSKLLDIFEVAPNEAIQVMEIS
QTRKSLYIGTDHRIKQIDLAMCNRRYDNCFRCVRDPYCGWDKEANTCRPYELDLLQDVANETSDICDSSVLKKKIVVTYG
QSVHLGCFVKIPEVLKNEQVTWYHHSKDKGRYEIRYSPTKYIETTERGLVVVSVNEADGGRYDCHLGGSLLCSYNITVDA
HRCTPPNKGTKHHHHHH
;
_entity_poly.pdbx_strand_id   A,B
#
loop_
_chem_comp.id
_chem_comp.type
_chem_comp.name
_chem_comp.formula
BMA D-saccharide, beta linking beta-D-mannopyranose 'C6 H12 O6'
CL non-polymer 'CHLORIDE ION' 'Cl -1'
EDO non-polymer 1,2-ETHANEDIOL 'C2 H6 O2'
MAN D-saccharide, alpha linking alpha-D-mannopyranose 'C6 H12 O6'
NAG D-saccharide, beta linking 2-acetamido-2-deoxy-beta-D-glucopyranose 'C8 H15 N O6'
#
# COMPACT_ATOMS: atom_id res chain seq x y z
N THR A 7 -21.08 -35.60 5.40
CA THR A 7 -19.86 -34.83 5.13
C THR A 7 -18.97 -35.57 4.13
N TRP A 8 -18.82 -35.00 2.94
CA TRP A 8 -18.08 -35.64 1.87
C TRP A 8 -17.03 -34.69 1.32
N ASN A 9 -15.83 -35.21 1.08
CA ASN A 9 -14.72 -34.41 0.58
C ASN A 9 -13.95 -35.23 -0.43
N PHE A 10 -13.67 -34.62 -1.59
CA PHE A 10 -12.99 -35.31 -2.68
C PHE A 10 -11.50 -35.43 -2.42
N TYR A 11 -10.84 -34.31 -2.14
CA TYR A 11 -9.39 -34.25 -2.09
C TYR A 11 -8.93 -33.78 -0.73
N TYR A 12 -7.89 -34.43 -0.21
CA TYR A 12 -7.21 -33.99 1.00
C TYR A 12 -5.77 -33.67 0.63
N GLU A 13 -5.46 -32.38 0.52
CA GLU A 13 -4.10 -31.96 0.22
C GLU A 13 -3.30 -31.93 1.52
N ARG A 14 -2.18 -32.65 1.54
CA ARG A 14 -1.42 -32.82 2.77
C ARG A 14 -0.82 -31.49 3.23
N PRO A 15 -0.88 -31.19 4.53
CA PRO A 15 -0.29 -29.94 5.02
C PRO A 15 1.21 -29.90 4.77
N CYS A 16 1.70 -28.72 4.40
CA CYS A 16 3.11 -28.50 4.12
C CYS A 16 3.52 -27.16 4.71
N CYS A 17 4.67 -27.13 5.38
CA CYS A 17 5.56 -28.27 5.54
C CYS A 17 6.12 -28.36 6.95
N THR A 18 5.26 -28.26 7.96
CA THR A 18 5.70 -28.25 9.35
C THR A 18 6.40 -29.55 9.74
N VAL A 35 9.57 -33.77 3.25
CA VAL A 35 10.01 -32.73 4.17
C VAL A 35 10.83 -33.34 5.30
N ARG A 36 12.12 -33.05 5.31
CA ARG A 36 13.07 -33.54 6.30
C ARG A 36 13.60 -32.38 7.13
N GLU A 37 14.06 -32.69 8.33
CA GLU A 37 14.53 -31.66 9.25
C GLU A 37 15.87 -32.05 9.85
N PHE A 38 16.71 -31.02 10.04
CA PHE A 38 17.93 -31.11 10.82
C PHE A 38 17.81 -30.11 11.97
N ASN A 39 17.92 -30.61 13.20
CA ASN A 39 17.61 -29.80 14.37
C ASN A 39 18.54 -30.19 15.52
N CYS A 40 19.38 -29.26 15.96
CA CYS A 40 20.27 -29.48 17.10
C CYS A 40 20.05 -28.44 18.20
N GLY A 41 18.85 -27.86 18.25
CA GLY A 41 18.52 -26.81 19.19
C GLY A 41 18.46 -25.46 18.51
N LYS A 42 18.17 -24.43 19.30
CA LYS A 42 18.12 -23.06 18.77
C LYS A 42 19.54 -22.56 18.62
N LEU A 43 20.12 -22.78 17.44
CA LEU A 43 21.51 -22.45 17.19
C LEU A 43 21.69 -21.34 16.16
N TYR A 44 20.60 -20.70 15.71
CA TYR A 44 20.66 -19.58 14.78
C TYR A 44 21.38 -19.98 13.49
N TYR A 45 20.72 -20.87 12.76
CA TYR A 45 21.24 -21.43 11.51
C TYR A 45 21.05 -20.39 10.40
N ARG A 46 22.02 -19.49 10.26
CA ARG A 46 21.85 -18.36 9.37
C ARG A 46 22.84 -18.30 8.21
N THR A 47 23.79 -19.22 8.12
CA THR A 47 24.79 -19.19 7.06
C THR A 47 24.82 -20.55 6.36
N PHE A 48 24.64 -20.53 5.03
CA PHE A 48 24.71 -21.72 4.20
C PHE A 48 25.87 -21.61 3.22
N HIS A 49 26.57 -22.72 3.00
CA HIS A 49 27.50 -22.83 1.88
C HIS A 49 27.35 -24.22 1.28
N MET A 50 26.77 -24.30 0.09
CA MET A 50 26.53 -25.58 -0.55
C MET A 50 27.72 -26.00 -1.38
N ASN A 51 28.07 -27.28 -1.28
CA ASN A 51 29.10 -27.90 -2.12
C ASN A 51 28.51 -29.19 -2.65
N GLU A 52 27.92 -29.13 -3.84
CA GLU A 52 27.29 -30.31 -4.42
C GLU A 52 28.32 -31.36 -4.82
N ASP A 53 29.57 -30.96 -5.09
CA ASP A 53 30.60 -31.93 -5.39
C ASP A 53 30.84 -32.89 -4.23
N ARG A 54 30.64 -32.42 -2.99
CA ARG A 54 30.78 -33.26 -1.82
C ARG A 54 29.43 -33.60 -1.18
N ASP A 55 28.33 -33.33 -1.90
CA ASP A 55 26.98 -33.65 -1.42
C ASP A 55 26.73 -33.06 -0.04
N THR A 56 27.23 -31.85 0.19
CA THR A 56 27.26 -31.26 1.52
C THR A 56 26.66 -29.86 1.51
N LEU A 57 25.83 -29.57 2.51
CA LEU A 57 25.44 -28.21 2.86
C LEU A 57 26.17 -27.85 4.15
N TYR A 58 27.16 -26.96 4.04
CA TYR A 58 27.82 -26.44 5.23
C TYR A 58 26.94 -25.40 5.88
N VAL A 59 26.79 -25.47 7.19
CA VAL A 59 25.90 -24.57 7.92
C VAL A 59 26.70 -23.90 9.02
N GLY A 60 26.67 -22.57 9.05
CA GLY A 60 27.26 -21.80 10.12
C GLY A 60 26.18 -21.41 11.11
N ALA A 61 26.44 -21.65 12.38
CA ALA A 61 25.47 -21.42 13.43
C ALA A 61 26.22 -20.94 14.67
N MET A 62 25.55 -20.96 15.81
CA MET A 62 26.15 -20.49 17.05
C MET A 62 27.19 -21.49 17.53
N ASP A 63 28.45 -21.07 17.55
CA ASP A 63 29.59 -21.87 18.01
C ASP A 63 29.88 -23.07 17.11
N ARG A 64 29.33 -23.12 15.90
CA ARG A 64 29.36 -24.37 15.16
C ARG A 64 29.40 -24.15 13.65
N VAL A 65 30.14 -25.03 12.97
CA VAL A 65 29.91 -25.32 11.57
C VAL A 65 29.49 -26.77 11.48
N PHE A 66 28.37 -27.02 10.80
CA PHE A 66 27.89 -28.36 10.51
C PHE A 66 28.18 -28.71 9.04
N ARG A 67 28.47 -29.99 8.79
CA ARG A 67 28.46 -30.51 7.42
C ARG A 67 27.24 -31.39 7.30
N VAL A 68 26.21 -30.86 6.65
CA VAL A 68 24.90 -31.50 6.57
C VAL A 68 24.79 -32.23 5.24
N ASN A 69 24.30 -33.46 5.29
CA ASN A 69 24.15 -34.25 4.08
C ASN A 69 23.06 -33.67 3.19
N LEU A 70 23.42 -33.39 1.93
CA LEU A 70 22.53 -32.72 1.01
C LEU A 70 21.40 -33.63 0.54
N GLN A 71 21.66 -34.93 0.46
CA GLN A 71 20.65 -35.87 -0.02
C GLN A 71 19.53 -36.04 0.99
N ASN A 72 19.86 -36.02 2.28
CA ASN A 72 18.88 -36.18 3.35
C ASN A 72 19.48 -35.54 4.61
N ILE A 73 19.03 -34.31 4.92
CA ILE A 73 19.63 -33.57 6.02
C ILE A 73 19.35 -34.23 7.37
N SER A 74 18.27 -35.01 7.46
CA SER A 74 17.97 -35.73 8.71
C SER A 74 18.98 -36.81 9.03
N SER A 75 19.77 -37.26 8.06
CA SER A 75 20.76 -38.31 8.33
C SER A 75 22.04 -37.79 8.98
N SER A 76 22.19 -36.47 9.12
CA SER A 76 23.39 -35.92 9.72
C SER A 76 23.30 -35.94 11.24
N ASN A 77 24.45 -36.00 11.89
CA ASN A 77 24.55 -36.15 13.34
C ASN A 77 25.09 -34.86 13.96
N CYS A 78 24.37 -34.35 14.97
CA CYS A 78 24.73 -33.08 15.60
C CYS A 78 26.13 -33.10 16.21
N ASN A 79 26.60 -34.26 16.68
CA ASN A 79 27.86 -34.31 17.39
C ASN A 79 29.00 -34.87 16.56
N ARG A 80 28.72 -35.49 15.43
CA ARG A 80 29.76 -36.04 14.58
C ARG A 80 30.06 -35.16 13.37
N ASP A 81 29.03 -34.63 12.72
CA ASP A 81 29.18 -33.82 11.52
C ASP A 81 29.29 -32.34 11.85
N VAL A 82 30.25 -32.01 12.71
CA VAL A 82 30.33 -30.68 13.32
C VAL A 82 31.78 -30.37 13.65
N ILE A 83 32.09 -29.07 13.75
CA ILE A 83 33.27 -28.62 14.45
C ILE A 83 32.82 -27.55 15.44
N ASN A 84 33.27 -27.69 16.69
CA ASN A 84 32.91 -26.75 17.75
C ASN A 84 33.91 -25.60 17.76
N LEU A 85 33.41 -24.39 17.57
CA LEU A 85 34.24 -23.19 17.51
C LEU A 85 33.90 -22.22 18.62
N GLU A 86 33.41 -22.72 19.75
CA GLU A 86 33.00 -21.86 20.85
C GLU A 86 34.17 -20.97 21.27
N PRO A 87 33.88 -19.76 21.76
CA PRO A 87 34.96 -18.87 22.20
C PRO A 87 35.63 -19.40 23.45
N THR A 88 36.87 -18.98 23.64
CA THR A 88 37.54 -19.20 24.91
C THR A 88 36.76 -18.52 26.03
N ARG A 89 36.82 -19.09 27.23
CA ARG A 89 36.17 -18.46 28.37
C ARG A 89 36.76 -17.08 28.64
N ASP A 90 38.03 -16.87 28.31
CA ASP A 90 38.62 -15.53 28.43
C ASP A 90 37.94 -14.55 27.48
N ASP A 91 37.69 -14.96 26.24
CA ASP A 91 36.97 -14.09 25.31
C ASP A 91 35.53 -13.87 25.73
N VAL A 92 34.90 -14.87 26.37
CA VAL A 92 33.53 -14.71 26.82
C VAL A 92 33.45 -13.68 27.93
N VAL A 93 34.32 -13.81 28.95
CA VAL A 93 34.31 -12.86 30.07
C VAL A 93 34.57 -11.44 29.57
N SER A 94 35.49 -11.28 28.63
CA SER A 94 35.78 -9.94 28.12
C SER A 94 34.58 -9.38 27.37
N CYS A 95 33.89 -10.22 26.61
CA CYS A 95 32.69 -9.78 25.91
C CYS A 95 31.57 -9.45 26.89
N VAL A 96 31.42 -10.26 27.95
CA VAL A 96 30.39 -9.97 28.95
C VAL A 96 30.71 -8.66 29.67
N SER A 97 31.99 -8.39 29.93
CA SER A 97 32.37 -7.18 30.66
C SER A 97 32.00 -5.91 29.91
N LYS A 98 31.79 -5.99 28.60
CA LYS A 98 31.42 -4.84 27.79
C LYS A 98 29.92 -4.69 27.63
N GLY A 99 29.14 -5.37 28.45
CA GLY A 99 27.70 -5.22 28.45
C GLY A 99 26.92 -6.16 27.56
N LYS A 100 27.58 -7.12 26.91
CA LYS A 100 26.89 -8.04 26.01
C LYS A 100 26.46 -9.30 26.76
N SER A 101 25.47 -9.99 26.19
CA SER A 101 24.84 -11.12 26.86
C SER A 101 25.68 -12.38 26.71
N GLN A 102 25.86 -13.11 27.82
CA GLN A 102 26.62 -14.35 27.77
C GLN A 102 25.92 -15.41 26.90
N ILE A 103 24.59 -15.41 26.89
CA ILE A 103 23.87 -16.51 26.27
C ILE A 103 23.80 -16.39 24.75
N PHE A 104 23.92 -15.18 24.19
CA PHE A 104 23.74 -15.01 22.76
C PHE A 104 24.86 -14.19 22.13
N ASP A 105 25.10 -12.98 22.65
CA ASP A 105 26.08 -12.09 22.03
C ASP A 105 27.49 -12.64 22.16
N CYS A 106 27.84 -13.20 23.32
CA CYS A 106 29.22 -13.63 23.57
C CYS A 106 29.44 -15.07 23.16
N LYS A 107 28.99 -15.38 21.95
CA LYS A 107 29.17 -16.66 21.28
C LYS A 107 29.87 -16.43 19.95
N ASN A 108 30.34 -17.51 19.34
CA ASN A 108 31.02 -17.43 18.05
C ASN A 108 30.03 -17.85 16.96
N HIS A 109 29.32 -16.86 16.42
CA HIS A 109 28.34 -17.08 15.36
C HIS A 109 29.05 -17.07 14.01
N VAL A 110 29.01 -18.21 13.32
CA VAL A 110 29.69 -18.32 12.04
C VAL A 110 28.90 -17.55 10.98
N ARG A 111 29.58 -16.65 10.27
CA ARG A 111 28.93 -15.79 9.30
C ARG A 111 29.55 -15.85 7.90
N VAL A 112 30.71 -16.48 7.73
CA VAL A 112 31.31 -16.72 6.42
C VAL A 112 31.72 -18.17 6.35
N ILE A 113 31.31 -18.85 5.28
CA ILE A 113 31.86 -20.15 4.92
C ILE A 113 32.07 -20.14 3.41
N GLN A 114 33.32 -20.29 2.99
CA GLN A 114 33.66 -20.28 1.57
C GLN A 114 34.61 -21.42 1.24
N SER A 115 34.46 -21.95 0.04
CA SER A 115 35.29 -23.05 -0.42
C SER A 115 36.66 -22.54 -0.87
N MET A 116 37.70 -23.31 -0.55
CA MET A 116 39.06 -23.02 -0.95
C MET A 116 39.69 -24.28 -1.53
N ASP A 117 40.66 -24.07 -2.41
CA ASP A 117 41.52 -25.14 -2.95
C ASP A 117 40.66 -26.29 -3.50
N GLN A 118 39.78 -25.94 -4.44
CA GLN A 118 38.91 -26.90 -5.11
C GLN A 118 38.03 -27.66 -4.12
N GLY A 119 37.63 -27.00 -3.04
CA GLY A 119 36.80 -27.60 -2.04
C GLY A 119 37.55 -28.40 -0.98
N ASP A 120 38.87 -28.55 -1.10
CA ASP A 120 39.61 -29.31 -0.10
C ASP A 120 39.66 -28.60 1.24
N ARG A 121 39.45 -27.29 1.26
CA ARG A 121 39.51 -26.52 2.50
C ARG A 121 38.35 -25.54 2.52
N LEU A 122 38.10 -25.00 3.71
CA LEU A 122 37.05 -24.02 3.93
C LEU A 122 37.64 -22.79 4.57
N TYR A 123 37.25 -21.61 4.08
CA TYR A 123 37.47 -20.37 4.79
C TYR A 123 36.25 -20.11 5.68
N VAL A 124 36.49 -19.85 6.96
CA VAL A 124 35.42 -19.63 7.92
C VAL A 124 35.71 -18.35 8.71
N CYS A 125 34.67 -17.54 8.95
CA CYS A 125 34.77 -16.36 9.79
C CYS A 125 33.57 -16.35 10.73
N GLY A 126 33.83 -16.02 12.00
CA GLY A 126 32.77 -15.98 12.99
C GLY A 126 32.89 -14.77 13.89
N THR A 127 31.76 -14.42 14.50
CA THR A 127 31.71 -13.20 15.34
C THR A 127 32.60 -13.32 16.56
N ASN A 128 32.76 -14.53 17.11
CA ASN A 128 33.70 -14.82 18.20
C ASN A 128 33.54 -13.85 19.36
N ALA A 129 32.32 -13.77 19.88
CA ALA A 129 32.00 -12.95 21.07
C ALA A 129 32.45 -11.50 20.86
N HIS A 130 31.93 -10.90 19.80
CA HIS A 130 32.26 -9.51 19.44
C HIS A 130 33.76 -9.31 19.34
N ASN A 131 34.41 -10.21 18.63
CA ASN A 131 35.85 -10.23 18.43
C ASN A 131 36.16 -11.08 17.21
N PRO A 132 35.78 -10.63 16.01
CA PRO A 132 35.74 -11.52 14.85
C PRO A 132 37.04 -12.27 14.62
N LYS A 133 36.91 -13.57 14.34
CA LYS A 133 38.04 -14.47 14.14
C LYS A 133 37.76 -15.32 12.90
N ASP A 134 38.78 -15.53 12.07
CA ASP A 134 38.59 -16.36 10.89
C ASP A 134 39.58 -17.52 10.89
N TYR A 135 39.33 -18.46 9.98
CA TYR A 135 40.04 -19.74 9.96
C TYR A 135 40.16 -20.23 8.54
N VAL A 136 41.11 -21.13 8.34
CA VAL A 136 41.11 -22.06 7.21
C VAL A 136 41.17 -23.46 7.81
N ILE A 137 40.21 -24.31 7.45
CA ILE A 137 40.11 -25.66 7.98
C ILE A 137 39.89 -26.62 6.81
N TYR A 138 40.03 -27.91 7.09
CA TYR A 138 39.78 -28.93 6.09
C TYR A 138 38.27 -29.07 5.82
N ALA A 139 37.95 -29.56 4.62
CA ALA A 139 36.55 -29.74 4.24
C ALA A 139 35.81 -30.69 5.20
N ASN A 140 36.52 -31.64 5.81
CA ASN A 140 35.87 -32.53 6.77
C ASN A 140 35.73 -31.92 8.16
N LEU A 141 35.94 -30.61 8.29
CA LEU A 141 35.74 -29.86 9.54
C LEU A 141 36.74 -30.28 10.62
N THR A 142 38.02 -30.36 10.23
CA THR A 142 39.11 -30.52 11.17
C THR A 142 40.13 -29.42 10.93
N TYR A 143 40.94 -29.14 11.94
CA TYR A 143 41.92 -28.07 11.85
C TYR A 143 43.12 -28.47 11.01
N LEU A 144 43.71 -27.48 10.35
CA LEU A 144 44.99 -27.71 9.68
C LEU A 144 46.08 -27.97 10.72
N PRO A 145 47.12 -28.71 10.35
CA PRO A 145 48.29 -28.81 11.22
C PRO A 145 48.90 -27.43 11.46
N ARG A 146 49.54 -27.28 12.62
CA ARG A 146 50.16 -26.00 12.97
C ARG A 146 51.13 -25.54 11.89
N SER A 147 51.86 -26.48 11.28
CA SER A 147 52.79 -26.13 10.21
C SER A 147 52.09 -25.65 8.96
N GLU A 148 50.78 -25.89 8.83
CA GLU A 148 50.03 -25.54 7.63
C GLU A 148 49.19 -24.28 7.81
N TYR A 149 49.33 -23.58 8.93
CA TYR A 149 48.54 -22.38 9.17
C TYR A 149 48.73 -21.37 8.03
N VAL A 150 47.62 -20.82 7.56
CA VAL A 150 47.62 -19.93 6.40
C VAL A 150 47.94 -18.51 6.88
N ILE A 151 48.98 -17.91 6.29
CA ILE A 151 49.38 -16.57 6.69
C ILE A 151 48.23 -15.59 6.43
N GLY A 152 48.10 -14.60 7.31
CA GLY A 152 47.08 -13.59 7.17
C GLY A 152 45.72 -13.97 7.69
N VAL A 153 45.58 -15.12 8.34
CA VAL A 153 44.29 -15.60 8.85
C VAL A 153 44.35 -15.64 10.36
N GLY A 154 43.25 -15.27 11.01
CA GLY A 154 43.19 -15.22 12.45
C GLY A 154 42.33 -14.08 12.95
N LEU A 155 42.57 -12.88 12.44
CA LEU A 155 41.77 -11.71 12.79
C LEU A 155 40.66 -11.53 11.76
N GLY A 156 39.42 -11.60 12.21
CA GLY A 156 38.29 -11.45 11.30
C GLY A 156 37.75 -10.05 11.16
N ILE A 157 38.40 -9.04 11.75
CA ILE A 157 37.90 -7.67 11.64
C ILE A 157 37.79 -7.29 10.18
N ALA A 158 36.63 -6.71 9.81
CA ALA A 158 36.31 -6.23 8.47
C ALA A 158 35.99 -7.38 7.52
N LYS A 159 36.16 -8.63 7.98
CA LYS A 159 35.80 -9.79 7.17
C LYS A 159 34.44 -10.37 7.53
N CYS A 160 34.03 -10.27 8.79
CA CYS A 160 32.68 -10.65 9.20
C CYS A 160 32.34 -9.89 10.47
N PRO A 161 31.06 -9.78 10.82
CA PRO A 161 30.65 -8.81 11.84
C PRO A 161 31.00 -9.22 13.26
N TYR A 162 30.92 -8.22 14.15
CA TYR A 162 30.95 -8.44 15.60
C TYR A 162 29.61 -8.93 16.12
N ASP A 163 28.52 -8.39 15.56
CA ASP A 163 27.18 -8.58 16.09
C ASP A 163 26.48 -9.69 15.34
N PRO A 164 25.98 -10.72 16.03
CA PRO A 164 25.29 -11.83 15.34
C PRO A 164 24.01 -11.41 14.63
N LEU A 165 23.45 -10.25 14.97
CA LEU A 165 22.25 -9.78 14.31
C LEU A 165 22.52 -8.95 13.06
N ASP A 166 23.79 -8.65 12.77
CA ASP A 166 24.13 -7.86 11.60
C ASP A 166 23.78 -8.60 10.32
N ASN A 167 23.63 -7.82 9.24
CA ASN A 167 23.44 -8.33 7.90
C ASN A 167 24.70 -8.01 7.11
N SER A 168 25.48 -9.03 6.81
CA SER A 168 26.79 -8.88 6.21
C SER A 168 26.86 -9.80 5.01
N THR A 169 27.94 -9.67 4.24
CA THR A 169 28.12 -10.52 3.08
C THR A 169 29.60 -10.68 2.82
N ALA A 170 29.96 -11.79 2.19
CA ALA A 170 31.34 -11.99 1.77
C ALA A 170 31.35 -12.98 0.63
N ILE A 171 32.43 -12.94 -0.15
CA ILE A 171 32.64 -13.91 -1.20
C ILE A 171 34.14 -14.09 -1.38
N TYR A 172 34.58 -15.34 -1.42
CA TYR A 172 35.97 -15.67 -1.68
C TYR A 172 36.20 -15.75 -3.18
N VAL A 173 37.20 -15.02 -3.67
CA VAL A 173 37.43 -14.88 -5.10
C VAL A 173 38.81 -15.41 -5.44
N GLU A 174 38.85 -16.45 -6.28
CA GLU A 174 40.11 -17.07 -6.67
C GLU A 174 40.76 -16.36 -7.84
N ASN A 175 39.96 -15.88 -8.81
CA ASN A 175 40.46 -15.47 -10.11
C ASN A 175 40.16 -14.00 -10.39
N GLY A 176 41.10 -13.32 -11.03
CA GLY A 176 40.91 -11.96 -11.50
C GLY A 176 41.47 -10.88 -10.61
N ASN A 177 41.97 -11.22 -9.43
CA ASN A 177 42.55 -10.24 -8.52
C ASN A 177 43.97 -9.92 -8.95
N PRO A 178 44.58 -8.87 -8.38
CA PRO A 178 45.98 -8.57 -8.71
C PRO A 178 46.89 -9.74 -8.38
N GLY A 179 47.82 -10.01 -9.29
CA GLY A 179 48.72 -11.14 -9.14
C GLY A 179 48.07 -12.50 -9.29
N GLY A 180 46.78 -12.56 -9.62
CA GLY A 180 46.09 -13.83 -9.66
C GLY A 180 45.95 -14.50 -8.31
N LEU A 181 46.11 -13.75 -7.22
CA LEU A 181 46.04 -14.26 -5.86
C LEU A 181 44.60 -14.29 -5.35
N PRO A 182 44.25 -15.27 -4.53
CA PRO A 182 42.89 -15.32 -3.98
C PRO A 182 42.70 -14.33 -2.84
N GLY A 183 41.45 -13.92 -2.65
CA GLY A 183 41.14 -12.96 -1.61
C GLY A 183 39.67 -12.97 -1.27
N LEU A 184 39.36 -12.43 -0.10
CA LEU A 184 37.98 -12.29 0.36
C LEU A 184 37.51 -10.86 0.14
N TYR A 185 36.34 -10.72 -0.46
CA TYR A 185 35.62 -9.45 -0.53
C TYR A 185 34.48 -9.50 0.48
N SER A 186 34.24 -8.39 1.18
CA SER A 186 33.25 -8.43 2.25
C SER A 186 32.57 -7.08 2.42
N GLY A 187 31.37 -7.14 2.99
CA GLY A 187 30.66 -5.98 3.48
C GLY A 187 30.17 -6.25 4.88
N THR A 188 30.62 -5.46 5.85
CA THR A 188 30.31 -5.73 7.25
C THR A 188 30.66 -4.49 8.06
N ASN A 189 30.41 -4.57 9.36
CA ASN A 189 30.86 -3.54 10.28
C ASN A 189 32.21 -3.95 10.86
N ALA A 190 33.12 -3.00 10.95
CA ALA A 190 34.50 -3.29 11.32
C ALA A 190 34.84 -2.84 12.74
N GLU A 191 33.85 -2.46 13.54
CA GLU A 191 34.13 -1.91 14.85
C GLU A 191 33.09 -2.36 15.85
N PHE A 192 33.51 -2.47 17.11
CA PHE A 192 32.63 -2.94 18.16
C PHE A 192 31.47 -1.98 18.38
N THR A 193 31.74 -0.67 18.31
CA THR A 193 30.70 0.34 18.48
C THR A 193 29.79 0.44 17.27
N LYS A 194 30.09 -0.30 16.20
CA LYS A 194 29.31 -0.31 14.96
C LYS A 194 29.40 1.00 14.19
N ALA A 195 30.43 1.81 14.44
CA ALA A 195 30.58 3.10 13.78
C ALA A 195 31.35 3.03 12.48
N ASP A 196 31.77 1.83 12.02
CA ASP A 196 32.63 1.71 10.84
C ASP A 196 32.15 0.56 9.96
N THR A 197 31.14 0.82 9.16
CA THR A 197 30.74 -0.13 8.13
C THR A 197 31.66 0.00 6.92
N VAL A 198 31.97 -1.13 6.30
CA VAL A 198 33.01 -1.16 5.28
C VAL A 198 32.64 -2.16 4.18
N ILE A 199 33.03 -1.82 2.96
CA ILE A 199 33.17 -2.79 1.88
C ILE A 199 34.66 -2.98 1.67
N PHE A 200 35.10 -4.24 1.70
CA PHE A 200 36.47 -4.58 2.08
C PHE A 200 37.03 -5.66 1.17
N ARG A 201 38.34 -5.64 0.96
CA ARG A 201 39.07 -6.78 0.42
C ARG A 201 40.32 -6.99 1.27
N THR A 202 40.56 -8.24 1.63
CA THR A 202 41.68 -8.57 2.51
C THR A 202 43.02 -8.32 1.84
N ASP A 203 44.07 -8.27 2.66
CA ASP A 203 45.42 -8.36 2.14
C ASP A 203 45.57 -9.60 1.29
N LEU A 204 46.26 -9.46 0.15
CA LEU A 204 46.45 -10.57 -0.77
C LEU A 204 47.86 -11.10 -0.59
N TYR A 205 47.95 -12.38 -0.22
CA TYR A 205 49.22 -13.01 0.08
C TYR A 205 49.60 -14.00 -1.01
N ASN A 206 50.91 -14.09 -1.23
CA ASN A 206 51.51 -15.28 -1.83
C ASN A 206 51.72 -16.24 -0.68
N THR A 207 50.76 -17.14 -0.48
CA THR A 207 50.74 -17.96 0.74
C THR A 207 51.92 -18.92 0.82
N SER A 208 52.45 -19.36 -0.32
CA SER A 208 53.63 -20.21 -0.30
C SER A 208 54.86 -19.41 0.07
N ALA A 209 55.07 -18.27 -0.58
CA ALA A 209 56.22 -17.42 -0.31
C ALA A 209 56.09 -16.65 1.00
N LYS A 210 54.92 -16.70 1.65
CA LYS A 210 54.72 -16.07 2.95
C LYS A 210 54.98 -14.56 2.90
N ARG A 211 54.53 -13.91 1.83
CA ARG A 211 54.73 -12.48 1.70
C ARG A 211 53.46 -11.80 1.21
N LEU A 212 53.15 -10.66 1.82
CA LEU A 212 52.01 -9.86 1.45
C LEU A 212 52.33 -9.10 0.16
N GLU A 213 51.47 -9.25 -0.84
CA GLU A 213 51.70 -8.68 -2.17
C GLU A 213 50.84 -7.46 -2.47
N TYR A 214 49.58 -7.46 -2.02
CA TYR A 214 48.68 -6.35 -2.27
C TYR A 214 47.94 -6.02 -0.98
N LYS A 215 47.97 -4.75 -0.59
CA LYS A 215 47.37 -4.32 0.66
C LYS A 215 45.85 -4.39 0.57
N PHE A 216 45.22 -4.48 1.74
CA PHE A 216 43.77 -4.53 1.81
C PHE A 216 43.16 -3.26 1.19
N LYS A 217 41.91 -3.37 0.79
CA LYS A 217 41.15 -2.27 0.23
C LYS A 217 39.93 -2.01 1.11
N ARG A 218 39.57 -0.74 1.28
CA ARG A 218 38.39 -0.43 2.07
C ARG A 218 37.75 0.85 1.57
N THR A 219 36.44 0.95 1.79
CA THR A 219 35.70 2.17 1.51
C THR A 219 36.17 3.28 2.45
N LEU A 220 35.88 4.51 2.05
CA LEU A 220 36.39 5.69 2.76
C LEU A 220 35.71 5.81 4.12
N LYS A 221 36.50 5.71 5.19
CA LYS A 221 35.94 5.79 6.54
C LYS A 221 35.39 7.19 6.81
N TYR A 222 34.29 7.25 7.54
CA TYR A 222 33.62 8.49 7.96
C TYR A 222 32.96 9.24 6.82
N ASP A 223 32.77 8.61 5.67
CA ASP A 223 32.22 9.29 4.49
C ASP A 223 30.85 8.69 4.19
N SER A 224 29.79 9.40 4.60
CA SER A 224 28.43 8.91 4.42
C SER A 224 28.00 8.86 2.96
N LYS A 225 28.77 9.48 2.04
CA LYS A 225 28.45 9.35 0.63
C LYS A 225 28.82 7.98 0.10
N TRP A 226 29.87 7.36 0.65
CA TRP A 226 30.26 6.02 0.24
C TRP A 226 29.32 4.97 0.85
N LEU A 227 29.08 5.05 2.15
CA LEU A 227 28.22 4.13 2.88
C LEU A 227 27.59 4.86 4.05
N ASP A 228 26.32 4.56 4.33
CA ASP A 228 25.61 5.15 5.48
C ASP A 228 24.69 4.10 6.08
N LYS A 229 25.11 3.51 7.20
CA LYS A 229 24.38 2.44 7.88
C LYS A 229 23.87 1.34 6.93
N PRO A 230 24.74 0.67 6.19
CA PRO A 230 24.26 -0.36 5.28
C PRO A 230 23.91 -1.66 5.98
N ASN A 231 22.95 -2.36 5.39
CA ASN A 231 22.67 -3.77 5.68
C ASN A 231 22.89 -4.54 4.40
N PHE A 232 23.89 -5.42 4.40
CA PHE A 232 24.29 -6.14 3.18
C PHE A 232 23.47 -7.41 3.01
N VAL A 233 23.16 -7.76 1.75
CA VAL A 233 22.32 -8.91 1.48
C VAL A 233 22.92 -9.85 0.45
N GLY A 234 24.03 -9.47 -0.17
CA GLY A 234 24.66 -10.37 -1.12
C GLY A 234 25.88 -9.75 -1.77
N SER A 235 26.70 -10.63 -2.34
CA SER A 235 27.86 -10.25 -3.13
C SER A 235 28.13 -11.33 -4.17
N PHE A 236 28.66 -10.91 -5.32
CA PHE A 236 28.84 -11.79 -6.47
C PHE A 236 30.15 -11.48 -7.18
N ASP A 237 30.78 -12.53 -7.70
CA ASP A 237 32.02 -12.47 -8.45
C ASP A 237 31.68 -12.72 -9.92
N ILE A 238 31.75 -11.68 -10.74
CA ILE A 238 31.32 -11.76 -12.13
C ILE A 238 32.36 -11.09 -13.02
N GLY A 239 33.08 -11.88 -13.80
CA GLY A 239 34.03 -11.34 -14.75
C GLY A 239 35.11 -10.53 -14.06
N GLU A 240 35.23 -9.27 -14.46
CA GLU A 240 36.25 -8.38 -13.94
C GLU A 240 35.85 -7.67 -12.66
N TYR A 241 34.64 -7.91 -12.16
CA TYR A 241 34.08 -7.12 -11.07
C TYR A 241 33.63 -8.00 -9.93
N VAL A 242 33.47 -7.37 -8.78
CA VAL A 242 32.71 -7.90 -7.66
C VAL A 242 31.57 -6.92 -7.38
N TYR A 243 30.36 -7.44 -7.23
CA TYR A 243 29.18 -6.64 -6.96
C TYR A 243 28.68 -6.89 -5.55
N PHE A 244 28.26 -5.82 -4.87
CA PHE A 244 27.68 -5.91 -3.54
C PHE A 244 26.27 -5.36 -3.56
N PHE A 245 25.37 -6.02 -2.85
CA PHE A 245 23.97 -5.61 -2.75
C PHE A 245 23.68 -5.24 -1.31
N PHE A 246 23.04 -4.10 -1.09
CA PHE A 246 22.73 -3.67 0.27
C PHE A 246 21.66 -2.59 0.22
N ARG A 247 21.05 -2.37 1.38
CA ARG A 247 20.21 -1.21 1.61
C ARG A 247 20.91 -0.30 2.61
N GLU A 248 20.64 1.00 2.52
CA GLU A 248 21.31 1.97 3.37
C GLU A 248 20.43 3.20 3.47
N THR A 249 20.80 4.09 4.40
CA THR A 249 20.20 5.41 4.46
C THR A 249 20.32 6.08 3.10
N ALA A 250 19.24 6.70 2.64
CA ALA A 250 19.22 7.38 1.34
C ALA A 250 19.73 8.80 1.54
N VAL A 251 21.06 8.95 1.43
CA VAL A 251 21.68 10.24 1.67
C VAL A 251 21.16 11.30 0.69
N GLU A 252 20.94 10.90 -0.56
CA GLU A 252 20.51 11.87 -1.57
C GLU A 252 19.03 12.26 -1.42
N TYR A 253 18.33 11.70 -0.44
CA TYR A 253 16.91 11.99 -0.20
C TYR A 253 16.70 12.88 1.02
N ILE A 254 17.77 13.17 1.77
CA ILE A 254 17.65 13.78 3.10
C ILE A 254 16.88 15.10 3.04
N ASN A 255 17.10 15.89 1.99
CA ASN A 255 16.44 17.19 1.92
C ASN A 255 14.94 17.08 1.65
N CYS A 256 14.45 15.90 1.26
CA CYS A 256 13.04 15.69 1.00
C CYS A 256 12.34 14.83 2.06
N GLY A 257 13.09 14.14 2.90
CA GLY A 257 12.50 13.31 3.93
C GLY A 257 13.48 12.23 4.38
N LYS A 258 12.91 11.19 5.00
CA LYS A 258 13.68 10.07 5.53
C LYS A 258 13.35 8.84 4.70
N ALA A 259 14.40 8.18 4.18
CA ALA A 259 14.17 6.99 3.40
C ALA A 259 15.40 6.09 3.44
N VAL A 260 15.16 4.81 3.15
CA VAL A 260 16.19 3.82 2.92
C VAL A 260 16.16 3.49 1.43
N TYR A 261 17.33 3.43 0.80
CA TYR A 261 17.41 3.01 -0.58
C TYR A 261 18.21 1.73 -0.69
N SER A 262 17.96 0.99 -1.76
CA SER A 262 18.72 -0.20 -2.09
C SER A 262 19.78 0.14 -3.14
N ARG A 263 20.92 -0.55 -3.04
CA ARG A 263 22.09 -0.24 -3.85
C ARG A 263 22.69 -1.52 -4.41
N ILE A 264 23.33 -1.37 -5.56
CA ILE A 264 24.36 -2.29 -6.01
C ILE A 264 25.66 -1.51 -6.11
N ALA A 265 26.72 -2.02 -5.49
CA ALA A 265 28.02 -1.41 -5.61
C ALA A 265 28.93 -2.31 -6.41
N ARG A 266 29.88 -1.71 -7.10
CA ARG A 266 30.78 -2.43 -7.99
C ARG A 266 32.21 -1.96 -7.76
N VAL A 267 33.13 -2.91 -7.67
CA VAL A 267 34.56 -2.60 -7.66
C VAL A 267 35.23 -3.46 -8.72
N CYS A 268 36.31 -2.95 -9.28
CA CYS A 268 37.17 -3.74 -10.15
C CYS A 268 38.03 -4.67 -9.31
N LYS A 269 38.10 -5.95 -9.71
CA LYS A 269 38.98 -6.88 -9.03
C LYS A 269 40.43 -6.43 -9.10
N LYS A 270 40.84 -5.77 -10.19
CA LYS A 270 42.22 -5.32 -10.36
C LYS A 270 42.54 -4.04 -9.60
N ASP A 271 41.56 -3.44 -8.94
CA ASP A 271 41.77 -2.25 -8.12
C ASP A 271 42.89 -2.49 -7.10
N VAL A 272 43.89 -1.62 -7.11
CA VAL A 272 44.92 -1.61 -6.08
C VAL A 272 44.96 -0.29 -5.31
N GLY A 273 43.97 0.57 -5.50
CA GLY A 273 43.92 1.84 -4.81
C GLY A 273 44.78 2.90 -5.46
N GLY A 274 44.91 4.02 -4.75
CA GLY A 274 45.76 5.12 -5.18
C GLY A 274 47.21 4.88 -4.82
N LYS A 275 48.03 5.92 -5.01
CA LYS A 275 49.47 5.74 -4.96
C LYS A 275 50.06 5.95 -3.56
N ASN A 276 49.57 6.95 -2.80
CA ASN A 276 50.20 7.25 -1.51
C ASN A 276 49.24 7.19 -0.33
N LEU A 277 48.50 8.27 -0.07
CA LEU A 277 47.56 8.28 1.05
C LEU A 277 46.19 7.77 0.66
N LEU A 278 46.01 7.38 -0.60
CA LEU A 278 44.79 6.74 -1.08
C LEU A 278 45.03 5.26 -1.35
N ALA A 279 46.16 4.72 -0.88
CA ALA A 279 46.58 3.37 -1.24
C ALA A 279 45.70 2.29 -0.63
N HIS A 280 44.98 2.60 0.43
CA HIS A 280 44.14 1.60 1.08
C HIS A 280 42.67 1.71 0.70
N ASN A 281 42.28 2.73 -0.06
CA ASN A 281 40.90 2.89 -0.46
C ASN A 281 40.71 2.44 -1.91
N TRP A 282 39.53 1.88 -2.18
CA TRP A 282 39.16 1.58 -3.56
C TRP A 282 39.36 2.81 -4.44
N ALA A 283 39.86 2.59 -5.65
CA ALA A 283 39.90 3.63 -6.66
C ALA A 283 38.86 3.42 -7.75
N THR A 284 38.02 2.38 -7.65
CA THR A 284 37.05 2.06 -8.69
C THR A 284 35.65 1.85 -8.11
N TYR A 285 35.42 2.26 -6.87
CA TYR A 285 34.17 1.97 -6.18
C TYR A 285 33.04 2.86 -6.71
N LEU A 286 31.97 2.23 -7.18
CA LEU A 286 30.77 2.91 -7.66
C LEU A 286 29.54 2.20 -7.12
N LYS A 287 28.47 2.97 -6.92
CA LYS A 287 27.21 2.39 -6.48
C LYS A 287 26.05 3.08 -7.18
N ALA A 288 24.95 2.35 -7.31
CA ALA A 288 23.75 2.86 -7.98
C ALA A 288 22.51 2.41 -7.22
N ARG A 289 21.49 3.25 -7.28
CA ARG A 289 20.20 2.89 -6.71
C ARG A 289 19.55 1.78 -7.51
N LEU A 290 18.93 0.83 -6.81
CA LEU A 290 18.17 -0.25 -7.42
C LEU A 290 16.70 0.14 -7.45
N ASN A 291 16.10 0.05 -8.63
CA ASN A 291 14.70 0.45 -8.85
C ASN A 291 13.84 -0.80 -8.89
N CYS A 292 13.05 -1.01 -7.84
CA CYS A 292 11.99 -2.03 -7.82
C CYS A 292 10.69 -1.31 -7.55
N SER A 293 9.81 -1.23 -8.55
CA SER A 293 8.65 -0.38 -8.44
C SER A 293 7.52 -0.86 -9.33
N ILE A 294 6.29 -0.54 -8.91
CA ILE A 294 5.12 -0.71 -9.77
C ILE A 294 5.05 0.48 -10.72
N SER A 295 4.90 0.18 -12.02
CA SER A 295 4.94 1.22 -13.03
C SER A 295 3.74 2.16 -12.91
N GLY A 296 3.87 3.33 -13.50
CA GLY A 296 2.82 4.32 -13.49
C GLY A 296 3.41 5.72 -13.61
N GLU A 297 2.52 6.69 -13.75
CA GLU A 297 2.96 8.08 -13.75
C GLU A 297 3.70 8.41 -12.47
N PHE A 298 3.25 7.86 -11.34
CA PHE A 298 3.95 7.95 -10.07
C PHE A 298 4.24 6.53 -9.60
N PRO A 299 5.46 6.04 -9.79
CA PRO A 299 5.75 4.64 -9.44
C PRO A 299 5.62 4.40 -7.94
N PHE A 300 5.28 3.17 -7.59
CA PHE A 300 5.31 2.73 -6.20
C PHE A 300 6.61 1.99 -5.97
N TYR A 301 7.50 2.57 -5.18
CA TYR A 301 8.81 2.01 -4.93
C TYR A 301 8.79 1.08 -3.72
N PHE A 302 9.45 -0.06 -3.85
CA PHE A 302 9.78 -0.94 -2.74
C PHE A 302 11.26 -0.70 -2.42
N ASN A 303 11.53 -0.04 -1.29
CA ASN A 303 12.83 0.60 -1.07
C ASN A 303 13.90 -0.29 -0.44
N GLU A 304 13.52 -1.33 0.32
CA GLU A 304 14.47 -2.03 1.19
C GLU A 304 14.73 -3.44 0.68
N ILE A 305 15.84 -3.62 -0.06
CA ILE A 305 16.20 -4.96 -0.52
C ILE A 305 16.54 -5.85 0.68
N GLN A 306 16.07 -7.09 0.64
CA GLN A 306 16.28 -8.02 1.74
C GLN A 306 17.13 -9.22 1.37
N SER A 307 17.26 -9.54 0.08
CA SER A 307 17.98 -10.72 -0.35
C SER A 307 18.16 -10.62 -1.85
N VAL A 308 19.16 -11.33 -2.35
CA VAL A 308 19.45 -11.37 -3.78
C VAL A 308 19.99 -12.75 -4.10
N TYR A 309 19.74 -13.21 -5.33
CA TYR A 309 20.10 -14.57 -5.72
C TYR A 309 20.43 -14.58 -7.20
N GLN A 310 21.37 -15.43 -7.57
CA GLN A 310 21.71 -15.63 -8.98
C GLN A 310 21.63 -17.10 -9.32
N LEU A 311 20.97 -17.41 -10.44
CA LEU A 311 20.93 -18.78 -10.93
C LEU A 311 22.33 -19.24 -11.32
N PRO A 312 22.70 -20.49 -11.05
CA PRO A 312 24.02 -20.97 -11.46
C PRO A 312 24.25 -20.90 -12.96
N SER A 313 23.19 -21.06 -13.77
CA SER A 313 23.33 -21.10 -15.22
C SER A 313 23.18 -19.74 -15.87
N ASP A 314 22.94 -18.67 -15.12
CA ASP A 314 22.66 -17.36 -15.70
C ASP A 314 23.35 -16.30 -14.85
N LYS A 315 24.55 -15.88 -15.27
CA LYS A 315 25.29 -14.84 -14.59
C LYS A 315 24.87 -13.44 -15.02
N SER A 316 23.90 -13.31 -15.93
CA SER A 316 23.51 -12.01 -16.45
C SER A 316 22.30 -11.40 -15.72
N ARG A 317 21.78 -12.07 -14.70
CA ARG A 317 20.56 -11.65 -14.02
C ARG A 317 20.71 -11.81 -12.52
N PHE A 318 20.02 -10.93 -11.79
CA PHE A 318 19.92 -11.02 -10.33
C PHE A 318 18.45 -10.97 -9.96
N PHE A 319 18.05 -11.80 -8.99
CA PHE A 319 16.69 -11.82 -8.48
C PHE A 319 16.70 -11.37 -7.02
N ALA A 320 15.75 -10.52 -6.64
CA ALA A 320 15.84 -9.91 -5.34
C ALA A 320 14.46 -9.63 -4.75
N THR A 321 14.39 -9.65 -3.43
CA THR A 321 13.20 -9.30 -2.67
C THR A 321 13.37 -7.90 -2.09
N PHE A 322 12.26 -7.18 -1.97
CA PHE A 322 12.24 -5.82 -1.48
C PHE A 322 11.02 -5.64 -0.58
N THR A 323 11.15 -4.80 0.44
CA THR A 323 10.01 -4.44 1.27
C THR A 323 9.89 -2.93 1.33
N THR A 324 8.74 -2.48 1.82
CA THR A 324 8.54 -1.08 2.14
C THR A 324 9.16 -0.76 3.49
N SER A 325 9.14 0.52 3.85
CA SER A 325 9.66 0.98 5.13
C SER A 325 8.59 1.42 6.11
N THR A 326 7.35 1.55 5.65
CA THR A 326 6.30 2.21 6.40
C THR A 326 5.54 1.22 7.31
N ASN A 327 5.10 1.74 8.45
CA ASN A 327 4.17 0.98 9.29
C ASN A 327 2.83 0.77 8.59
N GLY A 328 2.33 1.79 7.90
CA GLY A 328 0.95 1.78 7.45
C GLY A 328 0.69 0.90 6.24
N LEU A 329 1.65 0.83 5.33
CA LEU A 329 1.51 -0.04 4.16
C LEU A 329 2.71 -0.97 4.15
N ILE A 330 2.56 -2.10 4.84
CA ILE A 330 3.48 -3.20 4.66
C ILE A 330 3.29 -3.79 3.27
N GLY A 331 4.38 -4.01 2.55
CA GLY A 331 4.31 -4.62 1.24
C GLY A 331 5.68 -5.13 0.84
N SER A 332 5.70 -6.17 0.03
CA SER A 332 6.96 -6.71 -0.45
C SER A 332 6.81 -7.07 -1.92
N ALA A 333 7.96 -7.19 -2.60
CA ALA A 333 7.98 -7.43 -4.03
C ALA A 333 9.20 -8.26 -4.38
N VAL A 334 9.14 -8.92 -5.53
CA VAL A 334 10.29 -9.55 -6.15
C VAL A 334 10.54 -8.85 -7.48
N CYS A 335 11.77 -8.41 -7.69
CA CYS A 335 12.20 -7.77 -8.93
C CYS A 335 13.43 -8.50 -9.43
N SER A 336 13.67 -8.42 -10.74
CA SER A 336 14.90 -8.92 -11.32
C SER A 336 15.61 -7.80 -12.05
N PHE A 337 16.94 -7.91 -12.14
CA PHE A 337 17.79 -6.91 -12.76
C PHE A 337 18.76 -7.58 -13.70
N HIS A 338 18.93 -7.00 -14.89
CA HIS A 338 19.82 -7.53 -15.90
C HIS A 338 21.17 -6.81 -15.82
N ILE A 339 22.25 -7.56 -16.09
CA ILE A 339 23.59 -6.98 -16.06
C ILE A 339 23.71 -5.82 -17.04
N ASN A 340 22.99 -5.87 -18.17
CA ASN A 340 23.05 -4.77 -19.12
C ASN A 340 22.53 -3.49 -18.51
N GLU A 341 21.47 -3.58 -17.71
CA GLU A 341 20.90 -2.40 -17.07
C GLU A 341 21.77 -1.92 -15.93
N ILE A 342 22.48 -2.83 -15.27
CA ILE A 342 23.42 -2.44 -14.22
C ILE A 342 24.59 -1.68 -14.83
N GLN A 343 25.14 -2.19 -15.93
CA GLN A 343 26.26 -1.52 -16.57
C GLN A 343 25.84 -0.18 -17.17
N ALA A 344 24.59 -0.08 -17.66
CA ALA A 344 24.10 1.21 -18.15
C ALA A 344 24.10 2.24 -17.04
N ALA A 345 23.75 1.83 -15.82
CA ALA A 345 23.79 2.77 -14.69
C ALA A 345 25.22 3.23 -14.43
N PHE A 346 26.17 2.30 -14.39
CA PHE A 346 27.56 2.66 -14.13
C PHE A 346 28.20 3.39 -15.29
N ASN A 347 27.60 3.33 -16.48
CA ASN A 347 28.09 4.10 -17.63
C ASN A 347 27.39 5.43 -17.78
N GLY A 348 26.34 5.69 -17.00
CA GLY A 348 25.58 6.91 -17.11
C GLY A 348 26.21 8.05 -16.33
N LYS A 349 25.41 9.10 -16.16
CA LYS A 349 25.91 10.30 -15.51
C LYS A 349 26.14 10.05 -14.03
N PHE A 350 27.16 10.71 -13.48
CA PHE A 350 27.40 10.71 -12.05
C PHE A 350 26.47 11.71 -11.36
N LYS A 351 26.18 11.45 -10.10
CA LYS A 351 25.47 12.41 -9.27
C LYS A 351 26.47 13.25 -8.49
N GLU A 352 26.08 14.49 -8.21
CA GLU A 352 26.98 15.41 -7.52
C GLU A 352 26.22 16.28 -6.53
N GLN A 353 26.71 16.35 -5.30
CA GLN A 353 26.32 17.38 -4.35
C GLN A 353 27.58 18.19 -4.04
N SER A 354 27.65 19.39 -4.62
CA SER A 354 28.87 20.18 -4.55
C SER A 354 29.10 20.78 -3.16
N SER A 355 28.08 20.82 -2.30
CA SER A 355 28.24 21.28 -0.93
C SER A 355 27.09 20.73 -0.11
N SER A 356 27.22 20.83 1.21
CA SER A 356 26.23 20.22 2.11
C SER A 356 24.84 20.79 1.92
N ASN A 357 24.74 22.07 1.56
CA ASN A 357 23.46 22.73 1.39
C ASN A 357 23.08 22.88 -0.09
N SER A 358 23.72 22.14 -0.97
CA SER A 358 23.44 22.24 -2.39
C SER A 358 22.50 21.11 -2.82
N ALA A 359 22.01 21.21 -4.04
CA ALA A 359 21.18 20.15 -4.61
C ALA A 359 22.06 19.01 -5.10
N TRP A 360 21.42 17.87 -5.36
CA TRP A 360 22.06 16.77 -6.05
C TRP A 360 21.74 16.88 -7.54
N LEU A 361 22.77 17.02 -8.36
CA LEU A 361 22.60 17.30 -9.78
C LEU A 361 23.45 16.33 -10.59
N PRO A 362 23.00 16.01 -11.81
CA PRO A 362 23.80 15.14 -12.68
C PRO A 362 25.03 15.89 -13.17
N VAL A 363 26.07 15.14 -13.47
CA VAL A 363 27.25 15.67 -14.16
C VAL A 363 27.19 15.19 -15.61
N LEU A 364 27.29 16.12 -16.55
CA LEU A 364 27.40 15.74 -17.95
C LEU A 364 28.57 14.77 -18.11
N ASN A 365 28.31 13.67 -18.83
CA ASN A 365 29.38 12.68 -19.06
C ASN A 365 30.58 13.29 -19.76
N SER A 366 30.37 14.33 -20.57
CA SER A 366 31.47 14.99 -21.23
C SER A 366 32.32 15.85 -20.29
N ARG A 367 31.93 15.98 -19.02
CA ARG A 367 32.68 16.77 -18.05
C ARG A 367 33.33 15.90 -16.98
N VAL A 368 33.47 14.61 -17.25
CA VAL A 368 34.10 13.64 -16.36
C VAL A 368 35.53 13.44 -16.83
N PRO A 369 36.52 13.31 -15.95
CA PRO A 369 37.90 13.10 -16.39
C PRO A 369 38.09 11.70 -16.96
N GLU A 370 39.23 11.53 -17.66
CA GLU A 370 39.64 10.28 -18.27
C GLU A 370 40.93 9.78 -17.63
N PRO A 371 41.09 8.45 -17.47
CA PRO A 371 40.16 7.37 -17.79
C PRO A 371 38.87 7.43 -16.97
N ARG A 372 37.78 6.89 -17.53
CA ARG A 372 36.47 6.94 -16.90
C ARG A 372 36.53 6.36 -15.49
N PRO A 373 36.18 7.13 -14.46
CA PRO A 373 36.19 6.59 -13.10
C PRO A 373 35.31 5.34 -12.99
N GLY A 374 35.81 4.35 -12.26
CA GLY A 374 35.12 3.09 -12.11
C GLY A 374 35.46 2.03 -13.13
N THR A 375 36.19 2.38 -14.20
CA THR A 375 36.58 1.39 -15.19
C THR A 375 37.91 0.75 -14.80
N CYS A 376 38.07 -0.51 -15.17
CA CYS A 376 39.21 -1.30 -14.72
C CYS A 376 40.41 -0.99 -15.60
N VAL A 377 41.35 -0.22 -15.06
CA VAL A 377 42.61 0.07 -15.74
C VAL A 377 43.65 -0.93 -15.28
N ASN A 378 44.80 -0.96 -15.96
CA ASN A 378 45.84 -1.92 -15.62
C ASN A 378 46.36 -1.69 -14.21
N ASP A 379 46.45 -0.43 -13.79
CA ASP A 379 47.08 -0.07 -12.52
C ASP A 379 46.40 1.20 -12.00
N THR A 380 45.46 1.04 -11.07
CA THR A 380 44.77 2.21 -10.52
C THR A 380 45.73 3.16 -9.81
N SER A 381 46.87 2.66 -9.33
CA SER A 381 47.83 3.54 -8.67
C SER A 381 48.50 4.50 -9.64
N ASN A 382 48.33 4.29 -10.95
CA ASN A 382 48.85 5.21 -11.96
C ASN A 382 47.78 6.19 -12.47
N LEU A 383 46.58 6.17 -11.90
CA LEU A 383 45.53 7.06 -12.36
C LEU A 383 45.86 8.52 -12.03
N PRO A 384 45.43 9.46 -12.87
CA PRO A 384 45.65 10.87 -12.55
C PRO A 384 44.92 11.26 -11.27
N ASP A 385 45.50 12.20 -10.54
CA ASP A 385 44.86 12.69 -9.32
C ASP A 385 43.46 13.23 -9.60
N THR A 386 43.24 13.75 -10.82
CA THR A 386 41.92 14.29 -11.15
C THR A 386 40.87 13.20 -11.23
N VAL A 387 41.25 11.99 -11.64
CA VAL A 387 40.30 10.88 -11.64
C VAL A 387 40.08 10.39 -10.21
N LEU A 388 41.16 10.20 -9.46
CA LEU A 388 41.05 9.79 -8.07
C LEU A 388 40.21 10.77 -7.26
N ASN A 389 40.47 12.07 -7.44
CA ASN A 389 39.69 13.07 -6.70
C ASN A 389 38.22 13.06 -7.11
N PHE A 390 37.96 12.86 -8.40
CA PHE A 390 36.57 12.79 -8.88
C PHE A 390 35.83 11.64 -8.22
N ILE A 391 36.37 10.42 -8.29
CA ILE A 391 35.60 9.26 -7.85
C ILE A 391 35.43 9.28 -6.33
N ARG A 392 36.38 9.89 -5.60
CA ARG A 392 36.26 9.94 -4.14
C ARG A 392 35.06 10.79 -3.72
N SER A 393 34.67 11.76 -4.53
CA SER A 393 33.52 12.61 -4.23
C SER A 393 32.30 12.29 -5.07
N HIS A 394 32.38 11.28 -5.94
CA HIS A 394 31.25 10.90 -6.80
C HIS A 394 31.08 9.38 -6.83
N PRO A 395 30.89 8.73 -5.68
CA PRO A 395 30.68 7.28 -5.72
C PRO A 395 29.30 6.88 -6.20
N LEU A 396 28.33 7.79 -6.23
CA LEU A 396 26.94 7.46 -6.51
C LEU A 396 26.57 7.84 -7.94
N MET A 397 26.00 6.89 -8.68
CA MET A 397 25.54 7.16 -10.04
C MET A 397 24.23 7.92 -10.02
N ASP A 398 23.99 8.72 -11.06
CA ASP A 398 22.76 9.48 -11.14
C ASP A 398 21.59 8.62 -11.59
N LYS A 399 21.84 7.62 -12.43
CA LYS A 399 20.77 6.75 -12.92
C LYS A 399 20.56 5.57 -11.99
N ALA A 400 19.30 5.24 -11.75
CA ALA A 400 18.97 4.02 -11.02
C ALA A 400 18.94 2.82 -11.97
N VAL A 401 19.21 1.64 -11.43
CA VAL A 401 19.16 0.40 -12.19
C VAL A 401 17.71 0.01 -12.37
N ASN A 402 17.23 0.05 -13.61
CA ASN A 402 15.86 -0.34 -13.88
C ASN A 402 15.70 -1.85 -13.74
N HIS A 403 14.59 -2.27 -13.14
CA HIS A 403 14.25 -3.67 -13.05
C HIS A 403 13.70 -4.16 -14.38
N GLU A 404 13.84 -5.45 -14.63
CA GLU A 404 13.33 -6.04 -15.87
C GLU A 404 11.80 -5.93 -15.89
N HIS A 405 11.26 -5.78 -17.10
CA HIS A 405 9.83 -5.66 -17.33
C HIS A 405 9.30 -4.38 -16.70
N ASN A 406 8.00 -4.12 -16.83
CA ASN A 406 7.47 -2.86 -16.35
C ASN A 406 7.19 -2.88 -14.84
N ASN A 407 6.80 -4.03 -14.31
CA ASN A 407 6.40 -4.18 -12.91
C ASN A 407 7.29 -5.17 -12.17
N PRO A 408 7.15 -5.31 -10.86
CA PRO A 408 7.83 -6.42 -10.17
C PRO A 408 7.34 -7.75 -10.72
N VAL A 409 8.21 -8.77 -10.63
CA VAL A 409 7.77 -10.13 -10.92
C VAL A 409 6.53 -10.48 -10.10
N TYR A 410 6.49 -10.02 -8.85
CA TYR A 410 5.39 -10.31 -7.96
C TYR A 410 5.47 -9.36 -6.78
N TYR A 411 4.31 -8.94 -6.29
CA TYR A 411 4.24 -8.11 -5.10
C TYR A 411 2.94 -8.41 -4.37
N LYS A 412 2.92 -8.12 -3.07
CA LYS A 412 1.71 -8.36 -2.30
C LYS A 412 1.75 -7.54 -1.02
N ARG A 413 0.58 -7.06 -0.60
CA ARG A 413 0.42 -6.33 0.65
C ARG A 413 0.65 -7.22 1.86
N ASP A 414 1.01 -6.57 2.97
CA ASP A 414 0.88 -7.11 4.32
C ASP A 414 1.79 -8.30 4.59
N LEU A 415 2.83 -8.50 3.79
CA LEU A 415 3.83 -9.51 4.10
C LEU A 415 5.22 -8.92 3.98
N VAL A 416 6.15 -9.54 4.69
CA VAL A 416 7.55 -9.13 4.72
C VAL A 416 8.35 -10.27 4.10
N PHE A 417 8.72 -10.12 2.84
CA PHE A 417 9.65 -11.06 2.23
C PHE A 417 11.02 -10.95 2.88
N THR A 418 11.70 -12.07 3.02
CA THR A 418 13.07 -12.05 3.48
C THR A 418 13.98 -12.63 2.40
N LYS A 419 14.26 -13.93 2.46
CA LYS A 419 15.22 -14.55 1.58
C LYS A 419 14.54 -15.16 0.36
N LEU A 420 15.33 -15.47 -0.66
CA LEU A 420 14.75 -16.14 -1.83
C LEU A 420 15.81 -16.98 -2.52
N VAL A 421 15.33 -17.99 -3.25
CA VAL A 421 16.08 -18.69 -4.27
C VAL A 421 15.17 -18.84 -5.48
N VAL A 422 15.76 -19.22 -6.60
CA VAL A 422 15.06 -19.26 -7.87
C VAL A 422 15.46 -20.53 -8.60
N ASP A 423 14.51 -21.13 -9.30
CA ASP A 423 14.75 -22.32 -10.10
C ASP A 423 14.28 -22.06 -11.52
N LYS A 424 15.02 -22.59 -12.49
CA LYS A 424 14.71 -22.45 -13.91
C LYS A 424 14.46 -23.84 -14.47
N ILE A 425 13.26 -24.05 -15.03
CA ILE A 425 12.90 -25.38 -15.53
C ILE A 425 12.31 -25.25 -16.92
N ARG A 426 12.54 -26.28 -17.74
CA ARG A 426 12.02 -26.36 -19.10
C ARG A 426 11.12 -27.58 -19.24
N ILE A 427 9.94 -27.38 -19.81
CA ILE A 427 8.96 -28.45 -20.00
C ILE A 427 9.23 -29.16 -21.32
N ASP A 428 9.25 -30.49 -21.28
CA ASP A 428 9.80 -31.27 -22.38
C ASP A 428 8.94 -31.21 -23.64
N ILE A 429 7.63 -30.97 -23.52
CA ILE A 429 6.74 -31.18 -24.66
C ILE A 429 6.99 -30.14 -25.75
N LEU A 430 7.19 -28.88 -25.36
CA LEU A 430 7.47 -27.84 -26.34
C LEU A 430 8.49 -26.83 -25.83
N ASN A 431 9.40 -27.27 -24.96
CA ASN A 431 10.53 -26.45 -24.50
C ASN A 431 10.08 -25.16 -23.82
N GLN A 432 8.91 -25.18 -23.19
CA GLN A 432 8.45 -23.99 -22.46
C GLN A 432 9.31 -23.78 -21.22
N GLU A 433 9.67 -22.52 -20.97
CA GLU A 433 10.53 -22.16 -19.85
C GLU A 433 9.71 -21.50 -18.75
N TYR A 434 9.93 -21.92 -17.51
CA TYR A 434 9.30 -21.32 -16.34
C TYR A 434 10.36 -20.98 -15.31
N ILE A 435 10.20 -19.82 -14.69
CA ILE A 435 11.05 -19.38 -13.59
C ILE A 435 10.23 -19.52 -12.32
N VAL A 436 10.74 -20.26 -11.35
CA VAL A 436 10.02 -20.50 -10.10
C VAL A 436 10.78 -19.82 -8.98
N TYR A 437 10.10 -18.94 -8.26
CA TYR A 437 10.64 -18.22 -7.12
C TYR A 437 10.16 -18.89 -5.83
N TYR A 438 11.09 -19.12 -4.91
CA TYR A 438 10.79 -19.54 -3.55
C TYR A 438 11.21 -18.40 -2.62
N VAL A 439 10.21 -17.75 -2.01
CA VAL A 439 10.43 -16.50 -1.28
C VAL A 439 10.02 -16.71 0.17
N GLY A 440 10.98 -16.62 1.08
CA GLY A 440 10.69 -16.76 2.49
C GLY A 440 10.17 -15.49 3.11
N THR A 441 9.47 -15.65 4.22
CA THR A 441 8.89 -14.52 4.94
C THR A 441 9.41 -14.48 6.37
N ASN A 442 9.20 -13.33 7.01
CA ASN A 442 9.55 -13.16 8.42
C ASN A 442 8.69 -14.00 9.36
N LEU A 443 7.64 -14.64 8.84
CA LEU A 443 6.77 -15.47 9.66
C LEU A 443 6.92 -16.96 9.36
N GLY A 444 7.90 -17.34 8.56
CA GLY A 444 8.19 -18.74 8.35
C GLY A 444 7.42 -19.40 7.22
N ARG A 445 6.92 -18.62 6.28
CA ARG A 445 6.24 -19.14 5.11
C ARG A 445 7.16 -19.04 3.89
N ILE A 446 6.87 -19.88 2.90
CA ILE A 446 7.53 -19.82 1.61
C ILE A 446 6.44 -19.57 0.58
N TYR A 447 6.62 -18.53 -0.21
CA TYR A 447 5.74 -18.22 -1.32
C TYR A 447 6.37 -18.76 -2.60
N LYS A 448 5.66 -19.65 -3.29
CA LYS A 448 6.12 -20.29 -4.51
C LYS A 448 5.44 -19.61 -5.69
N ILE A 449 6.23 -18.89 -6.50
CA ILE A 449 5.73 -18.03 -7.56
C ILE A 449 6.35 -18.49 -8.87
N VAL A 450 5.54 -18.56 -9.92
CA VAL A 450 6.02 -18.96 -11.24
C VAL A 450 5.91 -17.76 -12.17
N GLN A 451 6.94 -17.59 -13.00
CA GLN A 451 7.01 -16.52 -13.97
C GLN A 451 7.15 -17.11 -15.37
N TYR A 452 6.44 -16.53 -16.34
CA TYR A 452 6.50 -16.99 -17.72
C TYR A 452 6.10 -15.84 -18.64
N TYR A 453 6.40 -16.01 -19.92
CA TYR A 453 6.11 -15.01 -20.95
C TYR A 453 4.96 -15.49 -21.83
N ARG A 454 3.95 -14.64 -22.01
CA ARG A 454 2.86 -14.92 -22.93
C ARG A 454 2.44 -13.63 -23.62
N ASN A 455 2.13 -13.74 -24.91
CA ASN A 455 1.62 -12.61 -25.70
C ASN A 455 2.50 -11.39 -25.54
N GLY A 456 3.82 -11.60 -25.52
CA GLY A 456 4.77 -10.52 -25.43
C GLY A 456 4.94 -9.89 -24.07
N GLU A 457 4.31 -10.44 -23.02
CA GLU A 457 4.35 -9.83 -21.70
C GLU A 457 4.82 -10.84 -20.66
N SER A 458 5.40 -10.32 -19.58
CA SER A 458 5.82 -11.13 -18.45
C SER A 458 4.64 -11.32 -17.50
N LEU A 459 4.38 -12.56 -17.12
CA LEU A 459 3.27 -12.90 -16.23
C LEU A 459 3.81 -13.72 -15.06
N SER A 460 3.11 -13.63 -13.93
CA SER A 460 3.44 -14.45 -12.78
C SER A 460 2.17 -14.91 -12.08
N LYS A 461 2.27 -16.08 -11.45
CA LYS A 461 1.17 -16.67 -10.68
C LYS A 461 1.75 -17.16 -9.36
N LEU A 462 1.06 -16.86 -8.27
CA LEU A 462 1.37 -17.49 -6.99
C LEU A 462 0.82 -18.91 -7.02
N LEU A 463 1.71 -19.90 -6.88
CA LEU A 463 1.30 -21.29 -6.99
C LEU A 463 0.97 -21.94 -5.66
N ASP A 464 1.64 -21.54 -4.58
CA ASP A 464 1.53 -22.25 -3.32
C ASP A 464 2.13 -21.40 -2.22
N ILE A 465 1.68 -21.66 -0.99
CA ILE A 465 2.29 -21.12 0.21
C ILE A 465 2.65 -22.30 1.10
N PHE A 466 3.94 -22.47 1.39
CA PHE A 466 4.40 -23.51 2.30
C PHE A 466 4.51 -22.94 3.71
N GLU A 467 3.98 -23.68 4.68
CA GLU A 467 4.17 -23.35 6.09
C GLU A 467 5.38 -24.14 6.58
N VAL A 468 6.53 -23.49 6.62
CA VAL A 468 7.77 -24.18 6.97
C VAL A 468 7.97 -24.21 8.48
N ALA A 469 7.81 -23.07 9.13
CA ALA A 469 8.05 -22.95 10.56
C ALA A 469 7.23 -21.79 11.10
N PRO A 470 6.10 -22.07 11.75
CA PRO A 470 5.23 -20.98 12.21
C PRO A 470 5.97 -20.00 13.11
N ASN A 471 5.88 -18.72 12.75
CA ASN A 471 6.45 -17.61 13.53
C ASN A 471 7.96 -17.75 13.70
N GLU A 472 8.64 -18.35 12.73
CA GLU A 472 10.09 -18.40 12.69
C GLU A 472 10.54 -17.78 11.39
N ALA A 473 11.15 -16.60 11.46
CA ALA A 473 11.63 -15.92 10.26
C ALA A 473 12.61 -16.80 9.49
N ILE A 474 12.46 -16.81 8.17
CA ILE A 474 13.40 -17.51 7.30
C ILE A 474 14.69 -16.71 7.26
N GLN A 475 15.80 -17.34 7.64
CA GLN A 475 17.08 -16.68 7.77
C GLN A 475 18.00 -16.89 6.58
N VAL A 476 17.86 -18.02 5.88
CA VAL A 476 18.77 -18.37 4.79
C VAL A 476 18.13 -19.47 3.97
N MET A 477 18.36 -19.45 2.65
CA MET A 477 17.81 -20.44 1.76
C MET A 477 18.86 -20.86 0.74
N GLU A 478 18.78 -22.13 0.33
CA GLU A 478 19.60 -22.61 -0.77
C GLU A 478 18.77 -23.60 -1.57
N ILE A 479 19.19 -23.86 -2.80
CA ILE A 479 18.53 -24.83 -3.67
C ILE A 479 19.61 -25.69 -4.32
N SER A 480 19.39 -27.00 -4.35
CA SER A 480 20.33 -27.94 -4.95
C SER A 480 19.75 -28.48 -6.24
N GLN A 481 20.53 -28.43 -7.31
CA GLN A 481 20.09 -29.06 -8.55
C GLN A 481 20.41 -30.55 -8.57
N THR A 482 21.55 -30.95 -8.01
CA THR A 482 21.90 -32.37 -7.96
C THR A 482 20.89 -33.16 -7.13
N ARG A 483 20.33 -32.55 -6.08
CA ARG A 483 19.41 -33.26 -5.20
C ARG A 483 17.98 -32.76 -5.30
N LYS A 484 17.69 -31.80 -6.19
CA LYS A 484 16.34 -31.31 -6.44
C LYS A 484 15.62 -30.95 -5.14
N SER A 485 16.28 -30.15 -4.31
CA SER A 485 15.77 -29.85 -2.98
C SER A 485 15.93 -28.37 -2.67
N LEU A 486 15.02 -27.90 -1.83
CA LEU A 486 15.06 -26.57 -1.22
C LEU A 486 15.50 -26.73 0.22
N TYR A 487 16.44 -25.89 0.67
CA TYR A 487 16.95 -25.95 2.04
C TYR A 487 16.67 -24.61 2.70
N ILE A 488 16.11 -24.64 3.90
CA ILE A 488 15.62 -23.43 4.57
C ILE A 488 16.14 -23.40 5.99
N GLY A 489 16.79 -22.31 6.36
CA GLY A 489 17.31 -22.12 7.71
C GLY A 489 16.49 -21.11 8.47
N THR A 490 16.11 -21.48 9.69
CA THR A 490 15.64 -20.53 10.69
C THR A 490 16.56 -20.60 11.90
N ASP A 491 16.29 -19.75 12.89
CA ASP A 491 17.09 -19.81 14.09
C ASP A 491 16.88 -21.11 14.88
N HIS A 492 15.84 -21.87 14.56
CA HIS A 492 15.52 -23.09 15.30
C HIS A 492 15.80 -24.38 14.55
N ARG A 493 15.91 -24.35 13.22
CA ARG A 493 15.96 -25.61 12.48
C ARG A 493 16.42 -25.35 11.05
N ILE A 494 16.74 -26.45 10.36
CA ILE A 494 16.86 -26.47 8.92
C ILE A 494 15.81 -27.46 8.39
N LYS A 495 15.11 -27.06 7.33
CA LYS A 495 14.16 -27.92 6.65
C LYS A 495 14.65 -28.19 5.23
N GLN A 496 14.37 -29.40 4.75
CA GLN A 496 14.66 -29.76 3.36
C GLN A 496 13.36 -30.15 2.69
N ILE A 497 13.06 -29.51 1.56
CA ILE A 497 11.82 -29.72 0.83
C ILE A 497 12.16 -30.17 -0.58
N ASP A 498 11.61 -31.32 -0.99
CA ASP A 498 11.74 -31.74 -2.38
C ASP A 498 11.03 -30.74 -3.30
N LEU A 499 11.67 -30.44 -4.43
CA LEU A 499 11.08 -29.48 -5.37
C LEU A 499 9.88 -30.09 -6.07
N ALA A 500 9.92 -31.38 -6.37
CA ALA A 500 8.83 -32.08 -7.04
C ALA A 500 8.08 -32.87 -5.97
N MET A 501 7.03 -32.26 -5.41
CA MET A 501 6.14 -32.92 -4.45
C MET A 501 4.89 -33.44 -5.14
N CYS A 502 5.02 -33.99 -6.34
CA CYS A 502 3.86 -34.26 -7.17
C CYS A 502 3.00 -35.39 -6.59
N ASN A 503 3.60 -36.57 -6.40
CA ASN A 503 2.81 -37.72 -5.98
C ASN A 503 2.27 -37.57 -4.57
N ARG A 504 2.97 -36.82 -3.72
CA ARG A 504 2.60 -36.70 -2.32
C ARG A 504 1.62 -35.56 -2.05
N ARG A 505 1.80 -34.42 -2.71
CA ARG A 505 1.01 -33.23 -2.40
C ARG A 505 -0.24 -33.08 -3.26
N TYR A 506 -0.28 -33.68 -4.45
CA TYR A 506 -1.39 -33.46 -5.38
C TYR A 506 -2.11 -34.78 -5.64
N ASP A 507 -3.31 -34.92 -5.09
CA ASP A 507 -4.19 -36.04 -5.41
C ASP A 507 -5.30 -35.64 -6.36
N ASN A 508 -5.10 -34.57 -7.12
CA ASN A 508 -6.13 -34.06 -8.01
C ASN A 508 -5.47 -33.43 -9.23
N CYS A 509 -6.10 -33.62 -10.39
CA CYS A 509 -5.58 -33.05 -11.63
C CYS A 509 -5.45 -31.54 -11.54
N PHE A 510 -6.42 -30.88 -10.89
CA PHE A 510 -6.47 -29.43 -10.84
C PHE A 510 -5.16 -28.84 -10.35
N ARG A 511 -4.73 -29.22 -9.15
CA ARG A 511 -3.48 -28.68 -8.60
C ARG A 511 -2.27 -29.22 -9.34
N CYS A 512 -2.34 -30.46 -9.81
CA CYS A 512 -1.18 -31.10 -10.43
C CYS A 512 -0.76 -30.38 -11.71
N VAL A 513 -1.71 -30.08 -12.60
CA VAL A 513 -1.37 -29.48 -13.89
C VAL A 513 -0.93 -28.03 -13.76
N ARG A 514 -1.12 -27.41 -12.60
CA ARG A 514 -0.70 -26.03 -12.36
C ARG A 514 0.72 -25.92 -11.83
N ASP A 515 1.37 -27.05 -11.53
CA ASP A 515 2.71 -27.03 -10.98
C ASP A 515 3.70 -27.41 -12.07
N PRO A 516 4.70 -26.56 -12.37
CA PRO A 516 5.59 -26.85 -13.51
C PRO A 516 6.49 -28.06 -13.32
N TYR A 517 6.62 -28.58 -12.10
CA TYR A 517 7.39 -29.79 -11.86
C TYR A 517 6.59 -31.05 -12.12
N CYS A 518 5.28 -30.96 -12.38
CA CYS A 518 4.39 -32.10 -12.28
C CYS A 518 3.54 -32.26 -13.53
N GLY A 519 2.98 -33.46 -13.66
CA GLY A 519 2.03 -33.75 -14.71
C GLY A 519 1.03 -34.78 -14.23
N TRP A 520 -0.18 -34.69 -14.75
CA TRP A 520 -1.27 -35.56 -14.32
C TRP A 520 -1.37 -36.77 -15.25
N ASP A 521 -1.42 -37.95 -14.66
CA ASP A 521 -1.62 -39.20 -15.38
C ASP A 521 -3.08 -39.55 -15.25
N LYS A 522 -3.87 -39.26 -16.30
CA LYS A 522 -5.30 -39.51 -16.25
C LYS A 522 -5.60 -41.00 -16.08
N GLU A 523 -4.89 -41.85 -16.81
CA GLU A 523 -5.15 -43.28 -16.74
C GLU A 523 -4.83 -43.85 -15.37
N ALA A 524 -3.80 -43.33 -14.71
CA ALA A 524 -3.42 -43.78 -13.38
C ALA A 524 -4.09 -42.99 -12.27
N ASN A 525 -4.73 -41.87 -12.59
CA ASN A 525 -5.37 -41.01 -11.58
C ASN A 525 -4.37 -40.59 -10.50
N THR A 526 -3.17 -40.20 -10.93
CA THR A 526 -2.10 -39.80 -10.02
C THR A 526 -1.32 -38.65 -10.62
N CYS A 527 -0.68 -37.89 -9.73
CA CYS A 527 0.23 -36.82 -10.11
C CYS A 527 1.65 -37.33 -10.01
N ARG A 528 2.47 -37.01 -11.01
CA ARG A 528 3.83 -37.52 -11.09
C ARG A 528 4.76 -36.40 -11.52
N PRO A 529 6.05 -36.51 -11.22
CA PRO A 529 7.02 -35.58 -11.80
C PRO A 529 6.86 -35.57 -13.32
N TYR A 530 6.88 -34.37 -13.89
CA TYR A 530 6.42 -34.20 -15.27
C TYR A 530 7.17 -35.11 -16.22
N GLU A 531 6.41 -35.69 -17.16
CA GLU A 531 6.94 -36.45 -18.28
C GLU A 531 6.14 -36.10 -19.53
N LEU A 532 6.73 -36.34 -20.69
CA LEU A 532 6.16 -35.96 -21.97
C LEU A 532 4.66 -36.20 -22.08
N ASP A 533 4.21 -37.42 -21.77
CA ASP A 533 2.81 -37.76 -21.99
C ASP A 533 1.87 -37.17 -20.96
N LEU A 534 2.37 -36.57 -19.89
CA LEU A 534 1.50 -36.15 -18.80
C LEU A 534 0.85 -34.79 -19.10
N LEU A 535 -0.29 -34.55 -18.45
CA LEU A 535 -1.02 -33.31 -18.62
C LEU A 535 -0.42 -32.20 -17.75
N GLN A 536 -0.31 -31.00 -18.31
CA GLN A 536 0.17 -29.85 -17.56
C GLN A 536 -0.35 -28.58 -18.23
N ASP A 537 -0.68 -27.58 -17.41
CA ASP A 537 -1.22 -26.32 -17.93
C ASP A 537 -0.90 -25.20 -16.93
N VAL A 538 0.38 -24.88 -16.79
CA VAL A 538 0.81 -23.88 -15.81
C VAL A 538 0.21 -22.52 -16.12
N ALA A 539 0.08 -22.19 -17.42
CA ALA A 539 -0.33 -20.86 -17.84
C ALA A 539 -1.84 -20.71 -17.98
N ASN A 540 -2.62 -21.73 -17.62
CA ASN A 540 -4.08 -21.68 -17.67
C ASN A 540 -4.58 -21.32 -19.07
N GLU A 541 -4.04 -21.99 -20.08
CA GLU A 541 -4.48 -21.77 -21.45
C GLU A 541 -5.54 -22.74 -21.92
N THR A 542 -5.73 -23.87 -21.21
CA THR A 542 -6.72 -24.89 -21.55
C THR A 542 -7.47 -25.27 -20.27
N SER A 543 -8.50 -24.49 -19.95
CA SER A 543 -9.18 -24.64 -18.67
C SER A 543 -9.98 -25.92 -18.55
N ASP A 544 -10.18 -26.68 -19.64
CA ASP A 544 -10.89 -27.94 -19.59
C ASP A 544 -9.96 -29.15 -19.54
N ILE A 545 -8.67 -28.94 -19.23
CA ILE A 545 -7.69 -30.01 -19.36
C ILE A 545 -7.99 -31.16 -18.39
N CYS A 546 -8.57 -30.85 -17.23
CA CYS A 546 -8.84 -31.86 -16.21
C CYS A 546 -10.28 -32.41 -16.27
N ASP A 547 -11.08 -31.98 -17.24
CA ASP A 547 -12.49 -32.35 -17.27
C ASP A 547 -12.67 -33.87 -17.29
N SER A 548 -11.98 -34.55 -18.21
CA SER A 548 -12.10 -36.00 -18.32
C SER A 548 -11.54 -36.73 -17.12
N SER A 549 -10.79 -36.05 -16.25
CA SER A 549 -10.21 -36.67 -15.06
C SER A 549 -11.08 -36.49 -13.83
N VAL A 550 -12.09 -35.63 -13.88
CA VAL A 550 -12.99 -35.42 -12.75
C VAL A 550 -13.84 -36.67 -12.57
N LEU A 551 -13.78 -37.25 -11.38
CA LEU A 551 -14.57 -38.42 -11.05
C LEU A 551 -15.86 -37.97 -10.35
N LYS A 552 -16.89 -38.80 -10.47
CA LYS A 552 -18.18 -38.51 -9.86
C LYS A 552 -18.33 -39.41 -8.64
N LYS A 553 -18.29 -38.82 -7.45
CA LYS A 553 -18.50 -39.58 -6.22
C LYS A 553 -19.99 -39.75 -5.99
N LYS A 554 -20.43 -40.99 -5.88
CA LYS A 554 -21.85 -41.29 -5.66
C LYS A 554 -22.08 -41.43 -4.17
N ILE A 555 -22.87 -40.51 -3.60
CA ILE A 555 -23.17 -40.51 -2.17
C ILE A 555 -24.64 -40.83 -1.97
N VAL A 556 -24.95 -41.41 -0.81
CA VAL A 556 -26.31 -41.71 -0.39
C VAL A 556 -26.64 -40.83 0.79
N VAL A 557 -27.71 -40.04 0.67
CA VAL A 557 -28.16 -39.13 1.72
C VAL A 557 -29.58 -39.51 2.11
N THR A 558 -29.86 -39.49 3.40
CA THR A 558 -31.21 -39.81 3.88
C THR A 558 -32.10 -38.57 3.80
N TYR A 559 -33.41 -38.80 3.69
CA TYR A 559 -34.36 -37.71 3.58
C TYR A 559 -34.26 -36.77 4.77
N GLY A 560 -34.32 -35.47 4.51
CA GLY A 560 -34.32 -34.48 5.57
C GLY A 560 -32.96 -34.20 6.15
N GLN A 561 -32.01 -35.10 5.91
CA GLN A 561 -30.64 -34.92 6.37
C GLN A 561 -29.94 -33.84 5.56
N SER A 562 -29.00 -33.15 6.19
CA SER A 562 -28.16 -32.17 5.52
C SER A 562 -26.87 -32.84 5.07
N VAL A 563 -26.37 -32.42 3.91
CA VAL A 563 -25.18 -33.03 3.31
C VAL A 563 -24.17 -31.94 2.98
N HIS A 564 -22.91 -32.19 3.32
CA HIS A 564 -21.83 -31.26 3.08
C HIS A 564 -21.02 -31.74 1.87
N LEU A 565 -21.01 -30.93 0.82
CA LEU A 565 -20.28 -31.22 -0.40
C LEU A 565 -19.10 -30.26 -0.49
N GLY A 566 -17.89 -30.81 -0.58
CA GLY A 566 -16.71 -30.00 -0.74
C GLY A 566 -15.65 -30.75 -1.50
N CYS A 567 -14.92 -30.07 -2.39
CA CYS A 567 -13.87 -30.75 -3.12
C CYS A 567 -12.64 -30.98 -2.24
N PHE A 568 -12.26 -29.97 -1.46
CA PHE A 568 -11.13 -30.07 -0.54
C PHE A 568 -11.63 -30.10 0.91
N VAL A 569 -11.00 -30.93 1.73
CA VAL A 569 -11.23 -30.85 3.18
C VAL A 569 -10.85 -29.46 3.68
N LYS A 570 -9.68 -28.99 3.27
CA LYS A 570 -9.25 -27.62 3.49
C LYS A 570 -8.72 -27.12 2.16
N ILE A 571 -9.31 -26.04 1.64
CA ILE A 571 -8.90 -25.56 0.32
C ILE A 571 -7.54 -24.91 0.41
N PRO A 572 -6.63 -25.15 -0.54
CA PRO A 572 -5.32 -24.50 -0.48
C PRO A 572 -5.45 -22.99 -0.40
N GLU A 573 -4.59 -22.37 0.41
CA GLU A 573 -4.71 -20.94 0.70
C GLU A 573 -4.66 -20.11 -0.57
N VAL A 574 -3.84 -20.51 -1.55
CA VAL A 574 -3.73 -19.73 -2.79
C VAL A 574 -4.98 -19.79 -3.65
N LEU A 575 -5.93 -20.67 -3.33
CA LEU A 575 -7.17 -20.76 -4.08
C LEU A 575 -8.34 -20.08 -3.37
N LYS A 576 -8.15 -19.60 -2.14
CA LYS A 576 -9.25 -19.08 -1.33
C LYS A 576 -9.96 -17.90 -1.98
N ASN A 577 -9.29 -17.19 -2.88
CA ASN A 577 -9.87 -16.00 -3.51
C ASN A 577 -10.45 -16.29 -4.89
N GLU A 578 -10.36 -17.52 -5.38
CA GLU A 578 -10.86 -17.83 -6.70
C GLU A 578 -12.38 -17.87 -6.71
N GLN A 579 -12.95 -17.65 -7.89
CA GLN A 579 -14.39 -17.74 -8.06
C GLN A 579 -14.84 -19.20 -8.03
N VAL A 580 -15.87 -19.49 -7.25
CA VAL A 580 -16.41 -20.83 -7.12
C VAL A 580 -17.89 -20.80 -7.52
N THR A 581 -18.28 -21.72 -8.39
CA THR A 581 -19.67 -21.83 -8.81
C THR A 581 -20.10 -23.29 -8.71
N TRP A 582 -21.26 -23.51 -8.10
CA TRP A 582 -21.85 -24.83 -7.98
C TRP A 582 -23.03 -24.95 -8.94
N TYR A 583 -23.18 -26.12 -9.54
CA TYR A 583 -24.26 -26.39 -10.48
C TYR A 583 -25.00 -27.64 -10.04
N HIS A 584 -26.30 -27.66 -10.32
CA HIS A 584 -27.13 -28.85 -10.11
C HIS A 584 -27.74 -29.25 -11.45
N HIS A 585 -27.83 -30.57 -11.68
CA HIS A 585 -28.38 -31.11 -12.91
C HIS A 585 -29.76 -31.70 -12.61
N SER A 586 -30.79 -31.19 -13.29
CA SER A 586 -32.13 -31.73 -13.19
C SER A 586 -32.71 -31.92 -14.59
N LYS A 587 -33.68 -32.82 -14.69
CA LYS A 587 -34.31 -33.10 -15.99
C LYS A 587 -35.19 -31.94 -16.44
N ASP A 588 -35.74 -31.17 -15.49
CA ASP A 588 -36.65 -30.07 -15.83
C ASP A 588 -35.92 -28.76 -16.08
N LYS A 589 -34.75 -28.55 -15.46
CA LYS A 589 -33.98 -27.32 -15.66
C LYS A 589 -32.69 -27.53 -16.45
N GLY A 590 -32.32 -28.77 -16.76
CA GLY A 590 -30.99 -29.01 -17.28
C GLY A 590 -29.96 -28.80 -16.20
N ARG A 591 -28.89 -28.10 -16.55
CA ARG A 591 -27.88 -27.68 -15.58
C ARG A 591 -28.12 -26.22 -15.24
N TYR A 592 -28.27 -25.92 -13.96
CA TYR A 592 -28.50 -24.56 -13.51
C TYR A 592 -27.57 -24.24 -12.33
N GLU A 593 -27.26 -22.96 -12.19
CA GLU A 593 -26.37 -22.51 -11.12
C GLU A 593 -27.11 -22.51 -9.79
N ILE A 594 -26.46 -23.04 -8.76
CA ILE A 594 -27.01 -23.02 -7.42
C ILE A 594 -26.76 -21.65 -6.80
N ARG A 595 -27.80 -21.06 -6.21
CA ARG A 595 -27.72 -19.78 -5.53
C ARG A 595 -27.77 -20.02 -4.03
N TYR A 596 -26.85 -19.41 -3.29
CA TYR A 596 -26.81 -19.59 -1.85
C TYR A 596 -28.01 -18.95 -1.19
N SER A 597 -28.64 -19.66 -0.28
CA SER A 597 -29.79 -19.20 0.47
C SER A 597 -29.64 -19.61 1.93
N PRO A 598 -30.22 -18.86 2.87
CA PRO A 598 -30.02 -19.18 4.29
C PRO A 598 -30.63 -20.52 4.70
N THR A 599 -31.59 -21.04 3.95
CA THR A 599 -32.34 -22.22 4.37
C THR A 599 -32.07 -23.46 3.53
N LYS A 600 -31.34 -23.34 2.42
CA LYS A 600 -31.19 -24.49 1.52
C LYS A 600 -29.75 -24.74 1.11
N TYR A 601 -29.06 -23.69 0.63
CA TYR A 601 -27.71 -23.81 0.08
C TYR A 601 -26.77 -22.91 0.87
N ILE A 602 -25.94 -23.52 1.71
CA ILE A 602 -25.00 -22.80 2.56
C ILE A 602 -23.61 -22.94 1.98
N GLU A 603 -22.87 -21.85 1.96
CA GLU A 603 -21.48 -21.86 1.51
C GLU A 603 -20.55 -21.94 2.71
N THR A 604 -19.59 -22.86 2.66
CA THR A 604 -18.58 -22.97 3.69
C THR A 604 -17.36 -22.11 3.34
N THR A 605 -16.59 -21.76 4.37
CA THR A 605 -15.37 -20.98 4.12
C THR A 605 -14.37 -21.75 3.28
N GLU A 606 -14.42 -23.09 3.32
CA GLU A 606 -13.59 -23.90 2.43
C GLU A 606 -14.21 -24.08 1.05
N ARG A 607 -15.13 -23.19 0.66
CA ARG A 607 -15.76 -23.17 -0.65
C ARG A 607 -16.58 -24.45 -0.89
N GLY A 608 -17.13 -25.01 0.17
CA GLY A 608 -18.01 -26.16 0.07
C GLY A 608 -19.47 -25.73 0.01
N LEU A 609 -20.32 -26.70 -0.29
CA LEU A 609 -21.77 -26.49 -0.36
C LEU A 609 -22.45 -27.42 0.63
N VAL A 610 -23.29 -26.84 1.50
CA VAL A 610 -24.15 -27.61 2.40
C VAL A 610 -25.56 -27.51 1.85
N VAL A 611 -26.15 -28.66 1.53
CA VAL A 611 -27.54 -28.74 1.07
C VAL A 611 -28.38 -29.13 2.27
N VAL A 612 -29.30 -28.26 2.66
CA VAL A 612 -30.11 -28.45 3.86
C VAL A 612 -31.38 -29.22 3.49
N SER A 613 -31.78 -30.13 4.38
CA SER A 613 -33.04 -30.88 4.28
C SER A 613 -33.22 -31.47 2.87
N VAL A 614 -32.38 -32.46 2.58
CA VAL A 614 -32.37 -33.07 1.27
C VAL A 614 -33.68 -33.82 1.03
N ASN A 615 -34.30 -33.56 -0.11
CA ASN A 615 -35.50 -34.27 -0.55
C ASN A 615 -35.22 -34.91 -1.90
N GLU A 616 -36.26 -35.46 -2.51
CA GLU A 616 -36.10 -36.17 -3.77
C GLU A 616 -35.59 -35.25 -4.87
N ALA A 617 -36.05 -34.00 -4.88
CA ALA A 617 -35.64 -33.06 -5.91
C ALA A 617 -34.18 -32.66 -5.80
N ASP A 618 -33.55 -32.89 -4.66
CA ASP A 618 -32.15 -32.55 -4.44
C ASP A 618 -31.20 -33.63 -4.91
N GLY A 619 -31.71 -34.78 -5.34
CA GLY A 619 -30.84 -35.81 -5.85
C GLY A 619 -30.25 -35.45 -7.21
N GLY A 620 -29.19 -36.15 -7.57
CA GLY A 620 -28.59 -36.00 -8.88
C GLY A 620 -27.20 -35.42 -8.81
N ARG A 621 -26.78 -34.85 -9.95
CA ARG A 621 -25.40 -34.44 -10.14
C ARG A 621 -25.18 -33.01 -9.67
N TYR A 622 -24.15 -32.82 -8.86
CA TYR A 622 -23.66 -31.50 -8.47
C TYR A 622 -22.26 -31.31 -9.01
N ASP A 623 -22.00 -30.16 -9.61
CA ASP A 623 -20.68 -29.82 -10.15
C ASP A 623 -20.13 -28.60 -9.44
N CYS A 624 -18.86 -28.64 -9.07
CA CYS A 624 -18.17 -27.51 -8.49
C CYS A 624 -17.07 -27.04 -9.44
N HIS A 625 -17.18 -25.80 -9.90
CA HIS A 625 -16.17 -25.17 -10.74
C HIS A 625 -15.39 -24.14 -9.94
N LEU A 626 -14.07 -24.18 -10.04
CA LEU A 626 -13.20 -23.22 -9.38
C LEU A 626 -12.26 -22.62 -10.41
N GLY A 627 -12.21 -21.29 -10.46
CA GLY A 627 -11.32 -20.62 -11.40
C GLY A 627 -11.58 -20.94 -12.85
N GLY A 628 -12.84 -21.22 -13.21
CA GLY A 628 -13.19 -21.53 -14.58
C GLY A 628 -12.95 -22.96 -15.00
N SER A 629 -12.70 -23.87 -14.07
CA SER A 629 -12.47 -25.28 -14.38
C SER A 629 -13.29 -26.16 -13.47
N LEU A 630 -13.87 -27.22 -14.06
CA LEU A 630 -14.58 -28.21 -13.26
C LEU A 630 -13.60 -28.86 -12.28
N LEU A 631 -13.94 -28.79 -11.00
CA LEU A 631 -13.05 -29.26 -9.93
C LEU A 631 -13.45 -30.61 -9.37
N CYS A 632 -14.71 -30.77 -8.96
CA CYS A 632 -15.20 -32.06 -8.48
C CYS A 632 -16.70 -32.13 -8.73
N SER A 633 -17.22 -33.36 -8.67
CA SER A 633 -18.60 -33.62 -9.05
C SER A 633 -19.18 -34.72 -8.16
N TYR A 634 -20.45 -34.55 -7.78
CA TYR A 634 -21.15 -35.48 -6.89
C TYR A 634 -22.44 -35.97 -7.54
N ASN A 635 -22.82 -37.20 -7.21
CA ASN A 635 -24.11 -37.75 -7.59
C ASN A 635 -24.84 -38.18 -6.32
N ILE A 636 -25.93 -37.50 -5.99
CA ILE A 636 -26.67 -37.73 -4.76
C ILE A 636 -27.86 -38.63 -5.05
N THR A 637 -27.95 -39.72 -4.31
CA THR A 637 -29.15 -40.55 -4.25
C THR A 637 -29.77 -40.42 -2.87
N VAL A 638 -31.08 -40.25 -2.83
CA VAL A 638 -31.80 -40.02 -1.58
C VAL A 638 -32.47 -41.32 -1.15
N ASP A 639 -32.23 -41.72 0.09
CA ASP A 639 -32.75 -42.97 0.62
C ASP A 639 -33.50 -42.72 1.91
N ALA A 640 -34.35 -43.67 2.28
CA ALA A 640 -35.17 -43.52 3.48
C ALA A 640 -34.32 -43.57 4.74
N HIS A 641 -34.80 -42.88 5.78
CA HIS A 641 -34.25 -43.02 7.12
C HIS A 641 -34.50 -44.43 7.61
N ARG A 642 -33.43 -45.23 7.70
CA ARG A 642 -33.57 -46.64 8.06
C ARG A 642 -32.89 -46.95 9.39
N ASN B 9 -36.32 -15.50 9.49
CA ASN B 9 -35.82 -15.92 10.79
C ASN B 9 -34.32 -15.64 10.91
N PHE B 10 -33.87 -14.60 10.21
CA PHE B 10 -32.48 -14.15 10.26
C PHE B 10 -32.46 -12.64 10.19
N TYR B 11 -31.32 -12.07 10.56
CA TYR B 11 -31.04 -10.68 10.22
C TYR B 11 -30.87 -10.55 8.71
N TYR B 12 -31.45 -9.49 8.13
CA TYR B 12 -31.35 -9.25 6.70
C TYR B 12 -31.00 -7.80 6.44
N GLU B 13 -29.95 -7.57 5.67
CA GLU B 13 -29.51 -6.23 5.31
C GLU B 13 -30.18 -5.84 4.00
N ARG B 14 -31.13 -4.92 4.08
CA ARG B 14 -31.81 -4.46 2.87
C ARG B 14 -30.85 -3.62 2.02
N PRO B 15 -30.83 -3.84 0.70
CA PRO B 15 -29.92 -3.08 -0.16
C PRO B 15 -30.17 -1.57 -0.05
N CYS B 16 -29.10 -0.81 -0.27
CA CYS B 16 -29.13 0.63 -0.10
C CYS B 16 -27.95 1.24 -0.85
N CYS B 17 -28.19 2.36 -1.55
CA CYS B 17 -29.49 3.03 -1.61
C CYS B 17 -29.78 3.53 -3.03
N THR B 18 -29.81 2.62 -4.00
CA THR B 18 -30.09 3.02 -5.37
C THR B 18 -31.54 3.47 -5.55
N ASP B 33 -35.77 7.77 5.73
CA ASP B 33 -35.86 6.39 5.25
C ASP B 33 -36.03 6.30 3.73
N HIS B 34 -36.02 7.45 3.06
CA HIS B 34 -36.33 7.51 1.65
C HIS B 34 -35.13 7.99 0.83
N VAL B 35 -35.15 7.61 -0.45
CA VAL B 35 -34.14 8.01 -1.42
C VAL B 35 -34.86 8.57 -2.63
N ARG B 36 -34.59 9.84 -2.95
CA ARG B 36 -35.19 10.51 -4.08
C ARG B 36 -34.12 10.83 -5.12
N GLU B 37 -34.56 10.99 -6.37
CA GLU B 37 -33.64 11.22 -7.48
C GLU B 37 -34.12 12.37 -8.35
N PHE B 38 -33.18 13.20 -8.78
CA PHE B 38 -33.41 14.23 -9.78
C PHE B 38 -32.52 13.92 -10.97
N ASN B 39 -33.14 13.59 -12.10
CA ASN B 39 -32.42 13.13 -13.29
C ASN B 39 -33.01 13.79 -14.52
N CYS B 40 -32.20 14.59 -15.22
CA CYS B 40 -32.57 15.17 -16.50
C CYS B 40 -31.60 14.74 -17.60
N GLY B 41 -31.03 13.55 -17.46
CA GLY B 41 -30.01 13.09 -18.39
C GLY B 41 -28.61 13.35 -17.86
N LYS B 42 -27.63 12.90 -18.63
CA LYS B 42 -26.23 13.06 -18.25
C LYS B 42 -25.83 14.50 -18.54
N LEU B 43 -26.03 15.36 -17.55
CA LEU B 43 -25.73 16.79 -17.67
C LEU B 43 -24.53 17.22 -16.84
N TYR B 44 -23.81 16.26 -16.25
CA TYR B 44 -22.60 16.54 -15.49
C TYR B 44 -22.90 17.52 -14.34
N TYR B 45 -23.77 17.05 -13.43
CA TYR B 45 -24.16 17.84 -12.27
C TYR B 45 -23.00 17.93 -11.26
N ARG B 46 -22.19 18.98 -11.35
CA ARG B 46 -20.97 19.03 -10.57
C ARG B 46 -20.87 20.23 -9.63
N THR B 47 -21.84 21.13 -9.62
CA THR B 47 -21.80 22.32 -8.78
C THR B 47 -23.07 22.42 -7.96
N PHE B 48 -22.92 22.53 -6.65
CA PHE B 48 -24.03 22.75 -5.74
C PHE B 48 -23.89 24.10 -5.06
N HIS B 49 -25.01 24.80 -4.91
CA HIS B 49 -25.10 25.93 -3.99
C HIS B 49 -26.41 25.80 -3.22
N MET B 50 -26.30 25.49 -1.94
CA MET B 50 -27.47 25.25 -1.11
C MET B 50 -27.92 26.53 -0.42
N ASN B 51 -29.21 26.81 -0.49
CA ASN B 51 -29.84 27.92 0.25
C ASN B 51 -31.00 27.33 1.04
N GLU B 52 -30.78 27.05 2.31
CA GLU B 52 -31.84 26.46 3.13
C GLU B 52 -32.96 27.44 3.42
N ASP B 53 -32.64 28.73 3.55
CA ASP B 53 -33.68 29.72 3.80
C ASP B 53 -34.73 29.72 2.69
N ARG B 54 -34.29 29.51 1.45
CA ARG B 54 -35.19 29.41 0.31
C ARG B 54 -35.48 27.97 -0.07
N ASP B 55 -35.06 27.02 0.77
CA ASP B 55 -35.36 25.60 0.57
C ASP B 55 -34.98 25.13 -0.84
N THR B 56 -33.82 25.57 -1.30
CA THR B 56 -33.41 25.37 -2.68
C THR B 56 -31.99 24.82 -2.73
N LEU B 57 -31.78 23.86 -3.61
CA LEU B 57 -30.45 23.40 -4.00
C LEU B 57 -30.23 23.86 -5.44
N TYR B 58 -29.37 24.85 -5.63
CA TYR B 58 -29.00 25.28 -6.96
C TYR B 58 -27.94 24.34 -7.52
N VAL B 59 -28.16 23.85 -8.72
CA VAL B 59 -27.25 22.88 -9.34
C VAL B 59 -26.75 23.44 -10.66
N GLY B 60 -25.43 23.50 -10.81
CA GLY B 60 -24.80 23.89 -12.05
C GLY B 60 -24.43 22.65 -12.84
N ALA B 61 -24.78 22.67 -14.13
CA ALA B 61 -24.54 21.53 -15.01
C ALA B 61 -24.17 22.05 -16.39
N MET B 62 -24.23 21.15 -17.37
CA MET B 62 -23.90 21.48 -18.74
C MET B 62 -24.97 22.40 -19.32
N ASP B 63 -24.58 23.65 -19.62
CA ASP B 63 -25.44 24.64 -20.26
C ASP B 63 -26.63 25.04 -19.38
N ARG B 64 -26.60 24.73 -18.09
CA ARG B 64 -27.81 24.89 -17.28
C ARG B 64 -27.48 25.18 -15.83
N VAL B 65 -28.39 25.90 -15.18
CA VAL B 65 -28.49 25.97 -13.73
C VAL B 65 -29.91 25.56 -13.36
N PHE B 66 -30.04 24.60 -12.43
CA PHE B 66 -31.34 24.13 -11.96
C PHE B 66 -31.67 24.72 -10.60
N ARG B 67 -32.96 24.95 -10.38
CA ARG B 67 -33.50 25.36 -9.08
C ARG B 67 -34.26 24.16 -8.52
N VAL B 68 -33.55 23.32 -7.76
CA VAL B 68 -34.06 22.04 -7.28
C VAL B 68 -34.62 22.22 -5.88
N ASN B 69 -35.81 21.66 -5.64
CA ASN B 69 -36.44 21.74 -4.33
C ASN B 69 -35.66 20.93 -3.30
N LEU B 70 -35.28 21.59 -2.21
CA LEU B 70 -34.44 20.94 -1.21
C LEU B 70 -35.22 19.90 -0.40
N GLN B 71 -36.51 20.14 -0.15
CA GLN B 71 -37.30 19.18 0.61
C GLN B 71 -37.43 17.86 -0.14
N ASN B 72 -37.68 17.92 -1.45
CA ASN B 72 -37.88 16.73 -2.26
C ASN B 72 -37.39 17.05 -3.67
N ILE B 73 -36.17 16.60 -4.00
CA ILE B 73 -35.58 16.96 -5.27
C ILE B 73 -36.34 16.37 -6.44
N SER B 74 -37.11 15.30 -6.21
CA SER B 74 -37.88 14.68 -7.29
C SER B 74 -39.06 15.54 -7.73
N SER B 75 -39.52 16.47 -6.89
CA SER B 75 -40.65 17.33 -7.22
C SER B 75 -40.29 18.44 -8.18
N SER B 76 -39.02 18.59 -8.54
CA SER B 76 -38.59 19.63 -9.46
C SER B 76 -38.73 19.17 -10.90
N ASN B 77 -38.89 20.13 -11.81
CA ASN B 77 -39.12 19.85 -13.22
C ASN B 77 -37.90 20.24 -14.04
N CYS B 78 -37.52 19.38 -14.98
CA CYS B 78 -36.35 19.63 -15.81
C CYS B 78 -36.52 20.82 -16.75
N ASN B 79 -37.76 21.20 -17.05
CA ASN B 79 -38.02 22.26 -18.03
C ASN B 79 -38.48 23.57 -17.41
N ARG B 80 -39.00 23.56 -16.18
CA ARG B 80 -39.52 24.77 -15.56
C ARG B 80 -38.56 25.40 -14.57
N ASP B 81 -37.82 24.60 -13.80
CA ASP B 81 -36.94 25.10 -12.74
C ASP B 81 -35.50 25.18 -13.23
N VAL B 82 -35.28 25.82 -14.38
CA VAL B 82 -33.98 25.80 -15.04
C VAL B 82 -33.83 27.08 -15.84
N ILE B 83 -32.58 27.49 -16.02
CA ILE B 83 -32.22 28.55 -16.97
C ILE B 83 -31.20 27.96 -17.94
N ASN B 84 -31.42 28.18 -19.23
CA ASN B 84 -30.54 27.65 -20.26
C ASN B 84 -29.45 28.67 -20.58
N LEU B 85 -28.20 28.25 -20.52
CA LEU B 85 -27.05 29.13 -20.68
C LEU B 85 -26.12 28.61 -21.77
N GLU B 86 -26.69 28.10 -22.86
CA GLU B 86 -25.88 27.51 -23.91
C GLU B 86 -25.01 28.56 -24.58
N PRO B 87 -23.81 28.20 -25.01
CA PRO B 87 -22.92 29.17 -25.65
C PRO B 87 -23.45 29.60 -27.01
N THR B 88 -23.12 30.84 -27.37
CA THR B 88 -23.49 31.36 -28.68
C THR B 88 -22.81 30.54 -29.78
N ARG B 89 -23.29 30.71 -31.00
CA ARG B 89 -22.75 29.95 -32.12
C ARG B 89 -21.30 30.32 -32.40
N ASP B 90 -20.95 31.61 -32.26
CA ASP B 90 -19.57 32.02 -32.45
C ASP B 90 -18.66 31.40 -31.39
N ASP B 91 -19.14 31.32 -30.15
CA ASP B 91 -18.33 30.72 -29.09
C ASP B 91 -18.14 29.23 -29.31
N VAL B 92 -19.18 28.54 -29.81
CA VAL B 92 -19.04 27.14 -30.16
C VAL B 92 -18.10 26.98 -31.34
N VAL B 93 -18.27 27.80 -32.38
CA VAL B 93 -17.42 27.71 -33.57
C VAL B 93 -15.97 27.98 -33.21
N SER B 94 -15.72 29.01 -32.40
CA SER B 94 -14.35 29.30 -31.98
C SER B 94 -13.75 28.15 -31.19
N CYS B 95 -14.54 27.55 -30.30
CA CYS B 95 -14.03 26.43 -29.50
C CYS B 95 -13.75 25.21 -30.37
N VAL B 96 -14.64 24.92 -31.31
CA VAL B 96 -14.47 23.73 -32.16
C VAL B 96 -13.22 23.88 -33.03
N SER B 97 -12.98 25.09 -33.55
CA SER B 97 -11.83 25.31 -34.43
C SER B 97 -10.49 25.09 -33.72
N LYS B 98 -10.47 25.02 -32.39
CA LYS B 98 -9.25 24.78 -31.64
C LYS B 98 -9.06 23.32 -31.26
N GLY B 99 -9.87 22.42 -31.83
CA GLY B 99 -9.71 21.01 -31.60
C GLY B 99 -10.52 20.43 -30.46
N LYS B 100 -11.41 21.22 -29.85
CA LYS B 100 -12.20 20.75 -28.73
C LYS B 100 -13.50 20.11 -29.22
N SER B 101 -14.01 19.16 -28.43
CA SER B 101 -15.21 18.42 -28.83
C SER B 101 -16.44 19.29 -28.75
N GLN B 102 -17.32 19.17 -29.75
CA GLN B 102 -18.55 19.96 -29.75
C GLN B 102 -19.57 19.42 -28.75
N ILE B 103 -19.54 18.11 -28.48
CA ILE B 103 -20.55 17.52 -27.61
C ILE B 103 -20.30 17.89 -26.15
N PHE B 104 -19.04 17.98 -25.73
CA PHE B 104 -18.73 18.17 -24.33
C PHE B 104 -17.88 19.40 -24.06
N ASP B 105 -16.71 19.51 -24.71
CA ASP B 105 -15.80 20.60 -24.40
C ASP B 105 -16.42 21.95 -24.75
N CYS B 106 -17.05 22.05 -25.91
CA CYS B 106 -17.58 23.33 -26.39
C CYS B 106 -19.00 23.58 -25.89
N LYS B 107 -19.20 23.37 -24.59
CA LYS B 107 -20.44 23.65 -23.90
C LYS B 107 -20.16 24.59 -22.72
N ASN B 108 -21.22 25.11 -22.12
CA ASN B 108 -21.10 26.06 -21.01
C ASN B 108 -21.39 25.33 -19.71
N HIS B 109 -20.34 24.73 -19.13
CA HIS B 109 -20.47 24.00 -17.87
C HIS B 109 -20.40 24.98 -16.70
N VAL B 110 -21.47 25.04 -15.92
CA VAL B 110 -21.51 25.95 -14.78
C VAL B 110 -20.61 25.43 -13.67
N ARG B 111 -19.72 26.29 -13.19
CA ARG B 111 -18.74 25.90 -12.18
C ARG B 111 -18.74 26.76 -10.94
N VAL B 112 -19.40 27.92 -10.95
CA VAL B 112 -19.52 28.75 -9.75
C VAL B 112 -20.97 29.19 -9.61
N ILE B 113 -21.52 29.00 -8.41
CA ILE B 113 -22.81 29.58 -8.03
C ILE B 113 -22.67 30.10 -6.61
N GLN B 114 -22.92 31.40 -6.42
CA GLN B 114 -22.78 32.02 -5.12
C GLN B 114 -23.94 32.97 -4.87
N SER B 115 -24.28 33.14 -3.62
CA SER B 115 -25.41 33.97 -3.23
C SER B 115 -25.01 35.45 -3.25
N MET B 116 -25.90 36.28 -3.79
CA MET B 116 -25.72 37.73 -3.78
C MET B 116 -26.96 38.39 -3.23
N ASP B 117 -26.77 39.58 -2.65
CA ASP B 117 -27.88 40.45 -2.21
C ASP B 117 -28.87 39.70 -1.33
N GLN B 118 -28.35 39.06 -0.28
CA GLN B 118 -29.15 38.31 0.68
C GLN B 118 -29.92 37.18 0.02
N GLY B 119 -29.39 36.66 -1.08
CA GLY B 119 -30.02 35.58 -1.81
C GLY B 119 -30.97 36.02 -2.91
N ASP B 120 -31.26 37.31 -3.03
CA ASP B 120 -32.15 37.77 -4.09
C ASP B 120 -31.56 37.53 -5.48
N ARG B 121 -30.24 37.44 -5.59
CA ARG B 121 -29.60 37.20 -6.86
C ARG B 121 -28.51 36.15 -6.69
N LEU B 122 -28.06 35.58 -7.80
CA LEU B 122 -27.02 34.57 -7.83
C LEU B 122 -25.88 35.04 -8.73
N TYR B 123 -24.66 34.81 -8.29
CA TYR B 123 -23.49 34.97 -9.15
C TYR B 123 -23.16 33.62 -9.77
N VAL B 124 -23.04 33.59 -11.10
CA VAL B 124 -22.85 32.36 -11.85
C VAL B 124 -21.66 32.56 -12.79
N CYS B 125 -20.80 31.55 -12.88
CA CYS B 125 -19.72 31.52 -13.86
C CYS B 125 -19.69 30.17 -14.54
N GLY B 126 -19.54 30.18 -15.88
CA GLY B 126 -19.49 28.96 -16.64
C GLY B 126 -18.32 28.95 -17.60
N THR B 127 -17.95 27.74 -18.04
CA THR B 127 -16.81 27.59 -18.93
C THR B 127 -17.09 28.18 -20.32
N ASN B 128 -18.34 28.14 -20.76
CA ASN B 128 -18.80 28.78 -21.99
C ASN B 128 -17.89 28.45 -23.18
N ALA B 129 -17.79 27.14 -23.45
CA ALA B 129 -17.02 26.63 -24.59
C ALA B 129 -15.60 27.21 -24.62
N HIS B 130 -14.88 26.98 -23.52
CA HIS B 130 -13.50 27.45 -23.37
C HIS B 130 -13.41 28.97 -23.58
N ASN B 131 -14.40 29.68 -23.06
CA ASN B 131 -14.39 31.14 -23.05
C ASN B 131 -15.18 31.60 -21.83
N PRO B 132 -14.60 31.49 -20.64
CA PRO B 132 -15.37 31.64 -19.40
C PRO B 132 -16.19 32.93 -19.36
N LYS B 133 -17.45 32.79 -18.97
CA LYS B 133 -18.38 33.90 -18.89
C LYS B 133 -19.09 33.84 -17.53
N ASP B 134 -19.38 35.00 -16.96
CA ASP B 134 -20.09 35.00 -15.69
C ASP B 134 -21.31 35.91 -15.78
N TYR B 135 -22.19 35.76 -14.79
CA TYR B 135 -23.51 36.36 -14.82
C TYR B 135 -23.91 36.76 -13.42
N VAL B 136 -24.88 37.66 -13.35
CA VAL B 136 -25.68 37.90 -12.15
C VAL B 136 -27.14 37.75 -12.57
N ILE B 137 -27.85 36.79 -11.97
CA ILE B 137 -29.23 36.51 -12.33
C ILE B 137 -30.09 36.57 -11.08
N TYR B 138 -31.41 36.67 -11.30
CA TYR B 138 -32.36 36.61 -10.21
C TYR B 138 -32.37 35.22 -9.59
N ALA B 139 -32.96 35.13 -8.38
CA ALA B 139 -33.01 33.86 -7.69
C ALA B 139 -33.92 32.86 -8.40
N ASN B 140 -34.89 33.34 -9.18
CA ASN B 140 -35.78 32.48 -9.94
C ASN B 140 -35.18 32.07 -11.29
N LEU B 141 -33.89 32.30 -11.49
CA LEU B 141 -33.17 31.86 -12.69
C LEU B 141 -33.68 32.57 -13.95
N THR B 142 -33.90 33.88 -13.87
CA THR B 142 -34.14 34.71 -15.03
C THR B 142 -33.06 35.77 -15.11
N TYR B 143 -32.78 36.23 -16.33
CA TYR B 143 -31.77 37.26 -16.52
C TYR B 143 -32.23 38.59 -15.95
N LEU B 144 -31.27 39.41 -15.54
CA LEU B 144 -31.55 40.78 -15.16
C LEU B 144 -31.88 41.60 -16.40
N PRO B 145 -32.59 42.71 -16.25
CA PRO B 145 -32.74 43.64 -17.37
C PRO B 145 -31.40 44.29 -17.69
N ARG B 146 -31.29 44.84 -18.90
CA ARG B 146 -30.03 45.47 -19.29
C ARG B 146 -29.70 46.64 -18.37
N SER B 147 -30.71 47.37 -17.91
CA SER B 147 -30.49 48.47 -16.99
C SER B 147 -29.92 48.03 -15.66
N GLU B 148 -29.90 46.72 -15.38
CA GLU B 148 -29.39 46.19 -14.12
C GLU B 148 -28.12 45.37 -14.28
N TYR B 149 -27.57 45.26 -15.49
CA TYR B 149 -26.31 44.55 -15.69
C TYR B 149 -25.25 45.10 -14.75
N VAL B 150 -24.54 44.19 -14.09
CA VAL B 150 -23.63 44.54 -13.01
C VAL B 150 -22.25 44.86 -13.59
N ILE B 151 -21.71 46.01 -13.21
CA ILE B 151 -20.39 46.40 -13.70
C ILE B 151 -19.35 45.40 -13.24
N GLY B 152 -18.40 45.11 -14.12
CA GLY B 152 -17.37 44.12 -13.84
C GLY B 152 -17.78 42.68 -14.07
N VAL B 153 -19.00 42.43 -14.51
CA VAL B 153 -19.51 41.07 -14.73
C VAL B 153 -19.70 40.86 -16.22
N GLY B 154 -19.25 39.71 -16.72
CA GLY B 154 -19.38 39.37 -18.12
C GLY B 154 -18.27 38.46 -18.58
N LEU B 155 -17.03 38.88 -18.31
CA LEU B 155 -15.85 38.10 -18.63
C LEU B 155 -15.48 37.24 -17.42
N GLY B 156 -15.45 35.92 -17.61
CA GLY B 156 -15.17 35.00 -16.54
C GLY B 156 -13.74 34.53 -16.41
N ILE B 157 -12.82 35.09 -17.21
CA ILE B 157 -11.43 34.68 -17.15
C ILE B 157 -10.88 34.91 -15.76
N ALA B 158 -10.16 33.92 -15.24
CA ALA B 158 -9.58 33.84 -13.90
C ALA B 158 -10.64 33.66 -12.81
N LYS B 159 -11.92 33.60 -13.15
CA LYS B 159 -12.98 33.40 -12.16
C LYS B 159 -13.52 31.98 -12.14
N CYS B 160 -13.56 31.32 -13.29
CA CYS B 160 -13.87 29.90 -13.38
C CYS B 160 -13.17 29.34 -14.61
N PRO B 161 -13.00 28.02 -14.69
CA PRO B 161 -12.07 27.46 -15.69
C PRO B 161 -12.60 27.53 -17.11
N TYR B 162 -11.67 27.30 -18.04
CA TYR B 162 -12.00 27.02 -19.44
C TYR B 162 -12.48 25.59 -19.59
N ASP B 163 -11.87 24.65 -18.86
CA ASP B 163 -11.99 23.23 -19.13
C ASP B 163 -13.03 22.62 -18.20
N PRO B 164 -14.06 21.96 -18.73
CA PRO B 164 -15.06 21.33 -17.85
C PRO B 164 -14.49 20.27 -16.92
N LEU B 165 -13.33 19.69 -17.23
CA LEU B 165 -12.72 18.67 -16.38
C LEU B 165 -11.78 19.25 -15.35
N ASP B 166 -11.53 20.56 -15.38
CA ASP B 166 -10.68 21.19 -14.39
C ASP B 166 -11.29 21.12 -12.99
N ASN B 167 -10.41 21.19 -12.00
CA ASN B 167 -10.81 21.28 -10.59
C ASN B 167 -10.50 22.68 -10.11
N SER B 168 -11.53 23.45 -9.86
CA SER B 168 -11.43 24.87 -9.54
C SER B 168 -12.22 25.14 -8.27
N THR B 169 -12.00 26.32 -7.70
CA THR B 169 -12.72 26.72 -6.51
C THR B 169 -12.95 28.22 -6.59
N ALA B 170 -14.00 28.67 -5.91
CA ALA B 170 -14.29 30.10 -5.87
C ALA B 170 -15.18 30.34 -4.66
N ILE B 171 -15.04 31.51 -4.07
CA ILE B 171 -15.91 31.90 -2.96
C ILE B 171 -16.17 33.40 -3.05
N TYR B 172 -17.43 33.78 -2.93
CA TYR B 172 -17.84 35.18 -2.95
C TYR B 172 -17.83 35.70 -1.53
N VAL B 173 -17.05 36.74 -1.28
CA VAL B 173 -16.79 37.25 0.06
C VAL B 173 -17.40 38.63 0.18
N GLU B 174 -18.31 38.80 1.14
CA GLU B 174 -18.99 40.07 1.37
C GLU B 174 -18.25 40.98 2.32
N ASN B 175 -17.57 40.43 3.33
CA ASN B 175 -17.03 41.21 4.44
C ASN B 175 -15.51 41.07 4.53
N GLY B 176 -14.86 42.16 4.91
CA GLY B 176 -13.44 42.15 5.21
C GLY B 176 -12.51 42.56 4.09
N ASN B 177 -13.03 42.81 2.89
CA ASN B 177 -12.19 43.20 1.77
C ASN B 177 -11.86 44.69 1.87
N PRO B 178 -10.94 45.20 1.05
CA PRO B 178 -10.69 46.65 1.06
C PRO B 178 -11.97 47.43 0.74
N GLY B 179 -12.16 48.53 1.46
CA GLY B 179 -13.31 49.40 1.26
C GLY B 179 -14.62 48.75 1.66
N GLY B 180 -14.55 47.55 2.23
CA GLY B 180 -15.76 46.80 2.55
C GLY B 180 -16.53 46.32 1.35
N LEU B 181 -15.89 46.24 0.20
CA LEU B 181 -16.54 45.87 -1.05
C LEU B 181 -16.58 44.36 -1.23
N PRO B 182 -17.62 43.85 -1.88
CA PRO B 182 -17.68 42.40 -2.13
C PRO B 182 -16.81 42.02 -3.31
N GLY B 183 -16.38 40.76 -3.32
CA GLY B 183 -15.52 40.28 -4.38
C GLY B 183 -15.44 38.78 -4.40
N LEU B 184 -15.05 38.26 -5.57
CA LEU B 184 -14.88 36.83 -5.75
C LEU B 184 -13.41 36.46 -5.59
N TYR B 185 -13.15 35.47 -4.74
CA TYR B 185 -11.83 34.83 -4.65
C TYR B 185 -11.91 33.51 -5.40
N SER B 186 -10.88 33.20 -6.18
CA SER B 186 -10.97 32.00 -7.00
C SER B 186 -9.60 31.35 -7.15
N GLY B 187 -9.63 30.05 -7.40
CA GLY B 187 -8.47 29.31 -7.86
C GLY B 187 -8.85 28.59 -9.13
N THR B 188 -8.16 28.89 -10.23
CA THR B 188 -8.55 28.31 -11.51
C THR B 188 -7.43 28.49 -12.52
N ASN B 189 -7.69 28.11 -13.76
CA ASN B 189 -6.79 28.33 -14.88
C ASN B 189 -7.32 29.49 -15.70
N ALA B 190 -6.42 30.39 -16.11
CA ALA B 190 -6.81 31.64 -16.74
C ALA B 190 -6.54 31.68 -18.24
N GLU B 191 -5.97 30.63 -18.83
CA GLU B 191 -5.64 30.62 -20.24
C GLU B 191 -6.13 29.34 -20.90
N PHE B 192 -6.52 29.45 -22.17
CA PHE B 192 -6.96 28.29 -22.93
C PHE B 192 -5.88 27.21 -22.98
N THR B 193 -4.62 27.62 -23.09
CA THR B 193 -3.49 26.69 -23.14
C THR B 193 -3.18 26.08 -21.79
N LYS B 194 -3.88 26.47 -20.73
CA LYS B 194 -3.69 25.98 -19.37
C LYS B 194 -2.32 26.34 -18.80
N ALA B 195 -1.61 27.28 -19.43
CA ALA B 195 -0.29 27.67 -18.95
C ALA B 195 -0.34 28.55 -17.73
N ASP B 196 -1.45 29.25 -17.48
CA ASP B 196 -1.55 30.25 -16.43
C ASP B 196 -2.60 29.85 -15.41
N THR B 197 -2.18 29.11 -14.39
CA THR B 197 -3.04 28.86 -13.25
C THR B 197 -2.90 30.01 -12.26
N VAL B 198 -3.99 30.35 -11.59
CA VAL B 198 -4.02 31.58 -10.80
C VAL B 198 -4.89 31.36 -9.57
N ILE B 199 -4.46 31.96 -8.46
CA ILE B 199 -5.34 32.27 -7.35
C ILE B 199 -5.61 33.77 -7.43
N PHE B 200 -6.88 34.15 -7.41
CA PHE B 200 -7.29 35.41 -8.00
C PHE B 200 -8.34 36.08 -7.13
N ARG B 201 -8.34 37.41 -7.14
CA ARG B 201 -9.45 38.18 -6.62
C ARG B 201 -9.87 39.18 -7.68
N THR B 202 -11.16 39.28 -7.93
CA THR B 202 -11.68 40.17 -8.96
C THR B 202 -11.45 41.63 -8.60
N ASP B 203 -11.57 42.50 -9.61
CA ASP B 203 -11.68 43.93 -9.36
C ASP B 203 -12.83 44.18 -8.39
N LEU B 204 -12.60 45.08 -7.43
CA LEU B 204 -13.62 45.43 -6.45
C LEU B 204 -14.26 46.75 -6.86
N TYR B 205 -15.56 46.70 -7.13
CA TYR B 205 -16.33 47.87 -7.54
C TYR B 205 -17.24 48.34 -6.42
N ASN B 206 -17.51 49.64 -6.40
CA ASN B 206 -18.67 50.19 -5.72
C ASN B 206 -19.82 50.13 -6.72
N THR B 207 -20.76 49.22 -6.50
CA THR B 207 -21.84 49.00 -7.47
C THR B 207 -22.68 50.26 -7.66
N SER B 208 -23.00 50.96 -6.58
CA SER B 208 -23.80 52.17 -6.68
C SER B 208 -23.10 53.23 -7.51
N ALA B 209 -21.87 53.60 -7.09
CA ALA B 209 -21.13 54.65 -7.77
C ALA B 209 -20.59 54.22 -9.14
N LYS B 210 -20.62 52.93 -9.45
CA LYS B 210 -20.13 52.42 -10.73
C LYS B 210 -18.67 52.83 -10.98
N ARG B 211 -17.83 52.64 -9.96
CA ARG B 211 -16.42 52.96 -10.08
C ARG B 211 -15.57 51.83 -9.53
N LEU B 212 -14.47 51.55 -10.23
CA LEU B 212 -13.51 50.56 -9.78
C LEU B 212 -12.67 51.16 -8.66
N GLU B 213 -12.69 50.50 -7.50
CA GLU B 213 -11.97 51.01 -6.34
C GLU B 213 -10.67 50.28 -6.07
N TYR B 214 -10.62 48.97 -6.32
CA TYR B 214 -9.41 48.19 -6.08
C TYR B 214 -9.20 47.24 -7.23
N LYS B 215 -7.98 47.21 -7.76
CA LYS B 215 -7.66 46.34 -8.89
C LYS B 215 -7.60 44.89 -8.44
N PHE B 216 -7.76 43.99 -9.41
CA PHE B 216 -7.70 42.56 -9.13
C PHE B 216 -6.36 42.18 -8.53
N LYS B 217 -6.33 41.01 -7.89
CA LYS B 217 -5.12 40.42 -7.34
C LYS B 217 -4.90 39.06 -7.98
N ARG B 218 -3.64 38.73 -8.24
CA ARG B 218 -3.33 37.42 -8.79
C ARG B 218 -1.97 36.96 -8.31
N THR B 219 -1.80 35.64 -8.29
CA THR B 219 -0.50 35.05 -8.04
C THR B 219 0.46 35.40 -9.19
N LEU B 220 1.76 35.23 -8.92
CA LEU B 220 2.78 35.67 -9.87
C LEU B 220 2.78 34.79 -11.11
N LYS B 221 2.51 35.39 -12.27
CA LYS B 221 2.30 34.63 -13.49
C LYS B 221 3.51 33.77 -13.83
N TYR B 222 3.27 32.50 -14.11
CA TYR B 222 4.26 31.51 -14.56
C TYR B 222 5.31 31.18 -13.51
N ASP B 223 5.17 31.66 -12.29
CA ASP B 223 6.12 31.36 -11.23
C ASP B 223 5.73 30.03 -10.59
N SER B 224 6.48 28.97 -10.90
CA SER B 224 6.11 27.64 -10.43
C SER B 224 6.32 27.45 -8.94
N LYS B 225 6.95 28.41 -8.25
CA LYS B 225 7.05 28.32 -6.81
C LYS B 225 5.82 28.86 -6.10
N TRP B 226 5.01 29.68 -6.79
CA TRP B 226 3.71 30.09 -6.25
C TRP B 226 2.66 29.02 -6.51
N LEU B 227 2.56 28.55 -7.75
CA LEU B 227 1.62 27.50 -8.15
C LEU B 227 2.23 26.69 -9.28
N ASP B 228 2.05 25.37 -9.24
CA ASP B 228 2.57 24.49 -10.30
C ASP B 228 1.52 23.43 -10.60
N LYS B 229 0.79 23.61 -11.69
CA LYS B 229 -0.28 22.73 -12.16
C LYS B 229 -1.22 22.32 -11.01
N PRO B 230 -1.88 23.27 -10.35
CA PRO B 230 -2.71 22.93 -9.20
C PRO B 230 -4.07 22.39 -9.61
N ASN B 231 -4.62 21.54 -8.74
CA ASN B 231 -6.02 21.14 -8.78
C ASN B 231 -6.65 21.59 -7.47
N PHE B 232 -7.62 22.49 -7.57
CA PHE B 232 -8.22 23.09 -6.37
C PHE B 232 -9.40 22.26 -5.90
N VAL B 233 -9.60 22.21 -4.58
CA VAL B 233 -10.64 21.38 -4.01
C VAL B 233 -11.51 22.14 -3.03
N GLY B 234 -11.14 23.39 -2.71
CA GLY B 234 -11.94 24.18 -1.80
C GLY B 234 -11.38 25.55 -1.45
N SER B 235 -12.26 26.44 -0.99
CA SER B 235 -11.85 27.75 -0.52
C SER B 235 -12.81 28.19 0.58
N PHE B 236 -12.28 28.91 1.57
CA PHE B 236 -13.04 29.27 2.76
C PHE B 236 -12.75 30.72 3.15
N ASP B 237 -13.76 31.36 3.73
CA ASP B 237 -13.71 32.73 4.20
C ASP B 237 -13.76 32.70 5.72
N ILE B 238 -12.64 33.03 6.37
CA ILE B 238 -12.52 32.92 7.82
C ILE B 238 -11.80 34.14 8.37
N GLY B 239 -12.51 34.95 9.16
CA GLY B 239 -11.89 36.08 9.82
C GLY B 239 -11.37 37.08 8.80
N GLU B 240 -10.07 37.35 8.87
CA GLU B 240 -9.42 38.30 7.97
C GLU B 240 -8.71 37.61 6.81
N TYR B 241 -8.94 36.32 6.62
CA TYR B 241 -8.25 35.54 5.60
C TYR B 241 -9.23 34.86 4.67
N VAL B 242 -8.75 34.55 3.46
CA VAL B 242 -9.33 33.52 2.61
C VAL B 242 -8.30 32.40 2.51
N TYR B 243 -8.76 31.16 2.66
CA TYR B 243 -7.93 29.98 2.53
C TYR B 243 -8.29 29.21 1.27
N PHE B 244 -7.28 28.63 0.64
CA PHE B 244 -7.44 27.79 -0.54
C PHE B 244 -6.82 26.43 -0.27
N PHE B 245 -7.50 25.39 -0.70
CA PHE B 245 -7.00 24.02 -0.60
C PHE B 245 -6.79 23.47 -2.00
N PHE B 246 -5.64 22.85 -2.23
CA PHE B 246 -5.36 22.31 -3.56
C PHE B 246 -4.21 21.32 -3.45
N ARG B 247 -4.07 20.52 -4.51
CA ARG B 247 -2.88 19.70 -4.73
C ARG B 247 -2.14 20.25 -5.95
N GLU B 248 -0.83 20.09 -5.94
CA GLU B 248 -0.01 20.62 -7.02
C GLU B 248 1.25 19.78 -7.13
N THR B 249 1.96 19.95 -8.24
CA THR B 249 3.29 19.39 -8.37
C THR B 249 4.16 19.85 -7.21
N ALA B 250 4.89 18.92 -6.61
CA ALA B 250 5.69 19.22 -5.42
C ALA B 250 7.04 19.75 -5.87
N VAL B 251 7.14 21.09 -5.99
CA VAL B 251 8.37 21.69 -6.49
C VAL B 251 9.53 21.43 -5.52
N GLU B 252 9.27 21.47 -4.21
CA GLU B 252 10.38 21.22 -3.28
C GLU B 252 10.82 19.75 -3.26
N TYR B 253 10.16 18.88 -4.03
CA TYR B 253 10.50 17.48 -4.10
C TYR B 253 11.25 17.12 -5.37
N ILE B 254 11.32 18.04 -6.34
CA ILE B 254 11.78 17.70 -7.70
C ILE B 254 13.19 17.11 -7.69
N ASN B 255 14.04 17.54 -6.77
CA ASN B 255 15.41 17.04 -6.76
C ASN B 255 15.52 15.61 -6.21
N CYS B 256 14.46 15.09 -5.60
CA CYS B 256 14.46 13.71 -5.13
C CYS B 256 13.58 12.79 -5.95
N GLY B 257 12.63 13.33 -6.70
CA GLY B 257 11.75 12.49 -7.49
C GLY B 257 10.55 13.29 -7.97
N LYS B 258 9.48 12.57 -8.26
CA LYS B 258 8.26 13.15 -8.80
C LYS B 258 7.14 12.94 -7.79
N ALA B 259 6.56 14.04 -7.32
CA ALA B 259 5.46 13.93 -6.38
C ALA B 259 4.46 15.05 -6.60
N VAL B 260 3.26 14.80 -6.11
CA VAL B 260 2.22 15.80 -5.91
C VAL B 260 2.08 15.99 -4.41
N TYR B 261 1.99 17.25 -3.98
CA TYR B 261 1.73 17.58 -2.58
C TYR B 261 0.41 18.33 -2.46
N SER B 262 -0.19 18.24 -1.28
CA SER B 262 -1.39 19.00 -0.96
C SER B 262 -1.00 20.27 -0.21
N ARG B 263 -1.73 21.35 -0.46
CA ARG B 263 -1.44 22.65 0.11
C ARG B 263 -2.68 23.26 0.73
N ILE B 264 -2.46 24.06 1.76
CA ILE B 264 -3.38 25.13 2.14
C ILE B 264 -2.66 26.45 1.89
N ALA B 265 -3.33 27.37 1.19
CA ALA B 265 -2.79 28.70 0.96
C ALA B 265 -3.68 29.73 1.65
N ARG B 266 -3.08 30.86 1.98
CA ARG B 266 -3.77 31.90 2.74
C ARG B 266 -3.43 33.26 2.15
N VAL B 267 -4.43 34.11 2.01
CA VAL B 267 -4.22 35.52 1.71
C VAL B 267 -5.02 36.35 2.70
N CYS B 268 -4.52 37.55 2.98
CA CYS B 268 -5.26 38.53 3.75
C CYS B 268 -6.29 39.19 2.86
N LYS B 269 -7.53 39.27 3.33
CA LYS B 269 -8.57 39.92 2.53
C LYS B 269 -8.25 41.38 2.27
N LYS B 270 -7.54 42.05 3.20
CA LYS B 270 -7.19 43.45 3.06
C LYS B 270 -6.06 43.69 2.06
N ASP B 271 -5.40 42.63 1.60
CA ASP B 271 -4.31 42.70 0.64
C ASP B 271 -4.69 43.57 -0.57
N VAL B 272 -3.87 44.58 -0.85
CA VAL B 272 -4.03 45.36 -2.07
C VAL B 272 -2.80 45.29 -2.97
N GLY B 273 -1.85 44.42 -2.64
CA GLY B 273 -0.64 44.29 -3.44
C GLY B 273 0.41 45.31 -3.08
N GLY B 274 1.47 45.33 -3.88
CA GLY B 274 2.53 46.29 -3.75
C GLY B 274 2.29 47.52 -4.61
N LYS B 275 3.37 48.21 -4.96
CA LYS B 275 3.30 49.35 -5.85
C LYS B 275 4.01 49.04 -7.16
N ASN B 276 3.75 49.89 -8.16
CA ASN B 276 4.38 49.81 -9.49
C ASN B 276 3.99 48.49 -10.14
N LEU B 277 4.94 47.70 -10.65
CA LEU B 277 4.65 46.44 -11.30
C LEU B 277 4.24 45.34 -10.31
N LEU B 278 4.19 45.64 -9.02
CA LEU B 278 3.77 44.68 -8.00
C LEU B 278 2.33 44.89 -7.55
N ALA B 279 1.64 45.88 -8.13
CA ALA B 279 0.32 46.27 -7.61
C ALA B 279 -0.73 45.19 -7.84
N HIS B 280 -0.61 44.42 -8.91
CA HIS B 280 -1.61 43.42 -9.26
C HIS B 280 -1.34 42.05 -8.63
N ASN B 281 -0.22 41.90 -7.92
CA ASN B 281 0.08 40.64 -7.25
C ASN B 281 -0.24 40.71 -5.77
N TRP B 282 -0.67 39.58 -5.22
CA TRP B 282 -0.82 39.44 -3.78
C TRP B 282 0.46 39.87 -3.08
N ALA B 283 0.30 40.52 -1.92
CA ALA B 283 1.43 40.84 -1.06
C ALA B 283 1.44 40.02 0.21
N THR B 284 0.44 39.14 0.43
CA THR B 284 0.33 38.36 1.65
C THR B 284 0.17 36.87 1.37
N TYR B 285 0.47 36.43 0.16
CA TYR B 285 0.20 35.04 -0.24
C TYR B 285 1.22 34.10 0.38
N LEU B 286 0.74 33.10 1.13
CA LEU B 286 1.58 32.07 1.70
C LEU B 286 0.88 30.73 1.48
N LYS B 287 1.68 29.66 1.48
CA LYS B 287 1.11 28.32 1.42
C LYS B 287 1.96 27.37 2.26
N ALA B 288 1.35 26.25 2.62
CA ALA B 288 2.01 25.25 3.45
C ALA B 288 1.58 23.86 3.00
N ARG B 289 2.51 22.92 3.09
CA ARG B 289 2.18 21.52 2.82
C ARG B 289 1.19 21.00 3.86
N LEU B 290 0.24 20.20 3.41
CA LEU B 290 -0.70 19.52 4.30
C LEU B 290 -0.23 18.10 4.55
N ASN B 291 -0.20 17.69 5.81
CA ASN B 291 0.35 16.40 6.22
C ASN B 291 -0.80 15.48 6.59
N CYS B 292 -1.12 14.54 5.70
CA CYS B 292 -2.01 13.42 6.01
C CYS B 292 -1.22 12.14 5.86
N SER B 293 -0.99 11.45 6.98
CA SER B 293 -0.09 10.30 6.94
C SER B 293 -0.40 9.34 8.09
N ILE B 294 -0.02 8.09 7.88
CA ILE B 294 0.01 7.08 8.94
C ILE B 294 1.33 7.20 9.69
N SER B 295 1.26 7.24 11.01
CA SER B 295 2.45 7.45 11.82
C SER B 295 3.40 6.27 11.69
N GLY B 296 4.65 6.50 12.07
CA GLY B 296 5.66 5.48 12.05
C GLY B 296 7.03 6.09 11.95
N GLU B 297 8.05 5.23 12.10
CA GLU B 297 9.41 5.68 11.85
C GLU B 297 9.56 6.19 10.43
N PHE B 298 8.88 5.53 9.48
CA PHE B 298 8.72 6.04 8.12
C PHE B 298 7.24 6.24 7.91
N PRO B 299 6.74 7.47 7.99
CA PRO B 299 5.30 7.68 7.81
C PRO B 299 4.87 7.39 6.38
N PHE B 300 3.62 6.96 6.24
CA PHE B 300 3.02 6.73 4.92
C PHE B 300 2.13 7.91 4.60
N TYR B 301 2.50 8.67 3.57
CA TYR B 301 1.78 9.89 3.21
C TYR B 301 0.68 9.60 2.20
N PHE B 302 -0.46 10.25 2.40
CA PHE B 302 -1.51 10.35 1.38
C PHE B 302 -1.40 11.74 0.77
N ASN B 303 -0.87 11.82 -0.46
CA ASN B 303 -0.32 13.07 -0.99
C ASN B 303 -1.37 13.97 -1.66
N GLU B 304 -2.47 13.43 -2.15
CA GLU B 304 -3.33 14.16 -3.09
C GLU B 304 -4.69 14.46 -2.48
N ILE B 305 -4.86 15.68 -1.97
CA ILE B 305 -6.15 16.06 -1.42
C ILE B 305 -7.19 16.09 -2.52
N GLN B 306 -8.39 15.60 -2.22
CA GLN B 306 -9.46 15.53 -3.21
C GLN B 306 -10.66 16.39 -2.87
N SER B 307 -10.85 16.74 -1.61
CA SER B 307 -12.02 17.47 -1.16
C SER B 307 -11.76 17.95 0.25
N VAL B 308 -12.44 19.03 0.64
CA VAL B 308 -12.28 19.59 1.97
C VAL B 308 -13.63 20.18 2.39
N TYR B 309 -13.93 20.09 3.67
CA TYR B 309 -15.23 20.48 4.19
C TYR B 309 -15.08 21.13 5.55
N GLN B 310 -15.93 22.10 5.83
CA GLN B 310 -16.03 22.71 7.15
C GLN B 310 -17.47 22.64 7.62
N LEU B 311 -17.65 22.32 8.90
CA LEU B 311 -18.98 22.39 9.48
C LEU B 311 -19.46 23.83 9.52
N PRO B 312 -20.76 24.08 9.31
CA PRO B 312 -21.26 25.46 9.44
C PRO B 312 -21.07 26.04 10.82
N SER B 313 -21.05 25.20 11.86
CA SER B 313 -21.01 25.66 13.24
C SER B 313 -19.60 25.73 13.83
N ASP B 314 -18.59 25.22 13.12
CA ASP B 314 -17.24 25.15 13.68
C ASP B 314 -16.25 25.53 12.58
N LYS B 315 -15.71 26.74 12.67
CA LYS B 315 -14.72 27.20 11.72
C LYS B 315 -13.29 26.93 12.17
N SER B 316 -13.11 26.19 13.26
CA SER B 316 -11.78 25.90 13.77
C SER B 316 -11.16 24.63 13.20
N ARG B 317 -11.88 23.92 12.33
CA ARG B 317 -11.46 22.60 11.87
C ARG B 317 -11.81 22.42 10.41
N PHE B 318 -10.94 21.72 9.70
CA PHE B 318 -11.15 21.35 8.30
C PHE B 318 -11.06 19.83 8.18
N PHE B 319 -11.97 19.25 7.40
CA PHE B 319 -12.01 17.82 7.15
C PHE B 319 -11.75 17.58 5.68
N ALA B 320 -10.89 16.61 5.36
CA ALA B 320 -10.45 16.47 3.98
C ALA B 320 -10.18 15.01 3.64
N THR B 321 -10.39 14.68 2.36
CA THR B 321 -10.04 13.40 1.78
C THR B 321 -8.72 13.51 1.04
N PHE B 322 -7.94 12.43 1.06
CA PHE B 322 -6.66 12.33 0.38
C PHE B 322 -6.56 10.97 -0.29
N THR B 323 -5.93 10.94 -1.47
CA THR B 323 -5.58 9.67 -2.10
C THR B 323 -4.08 9.60 -2.32
N THR B 324 -3.63 8.39 -2.67
CA THR B 324 -2.28 8.18 -3.13
C THR B 324 -2.17 8.63 -4.59
N SER B 325 -0.97 8.47 -5.15
CA SER B 325 -0.68 8.87 -6.53
C SER B 325 -0.33 7.69 -7.42
N THR B 326 -0.11 6.51 -6.87
CA THR B 326 0.47 5.39 -7.59
C THR B 326 -0.60 4.56 -8.29
N ASN B 327 -0.16 3.78 -9.28
CA ASN B 327 -1.05 2.80 -9.91
C ASN B 327 -1.23 1.58 -9.04
N GLY B 328 -0.17 1.14 -8.39
CA GLY B 328 -0.22 -0.05 -7.54
C GLY B 328 -0.34 0.33 -6.08
N LEU B 329 -1.01 -0.54 -5.33
CA LEU B 329 -1.12 -0.41 -3.88
C LEU B 329 -1.69 0.95 -3.49
N ILE B 330 -2.89 1.25 -4.02
CA ILE B 330 -3.50 2.55 -3.81
C ILE B 330 -4.28 2.54 -2.51
N GLY B 331 -4.61 3.75 -2.05
CA GLY B 331 -5.39 3.89 -0.83
C GLY B 331 -5.86 5.32 -0.69
N SER B 332 -6.84 5.50 0.18
CA SER B 332 -7.39 6.82 0.47
C SER B 332 -7.55 6.99 1.97
N ALA B 333 -7.64 8.24 2.40
CA ALA B 333 -7.73 8.55 3.82
C ALA B 333 -8.55 9.81 4.01
N VAL B 334 -9.08 9.95 5.23
CA VAL B 334 -9.72 11.17 5.70
C VAL B 334 -8.89 11.70 6.85
N CYS B 335 -8.46 12.96 6.76
CA CYS B 335 -7.70 13.62 7.80
C CYS B 335 -8.41 14.92 8.18
N SER B 336 -8.22 15.35 9.41
CA SER B 336 -8.74 16.64 9.86
C SER B 336 -7.58 17.55 10.26
N PHE B 337 -7.80 18.86 10.12
CA PHE B 337 -6.79 19.86 10.44
C PHE B 337 -7.40 20.96 11.29
N HIS B 338 -6.65 21.39 12.31
CA HIS B 338 -7.10 22.43 13.22
C HIS B 338 -6.48 23.77 12.85
N ILE B 339 -7.24 24.84 13.11
CA ILE B 339 -6.78 26.18 12.75
C ILE B 339 -5.52 26.55 13.54
N ASN B 340 -5.34 25.97 14.73
CA ASN B 340 -4.15 26.27 15.51
C ASN B 340 -2.89 25.70 14.87
N GLU B 341 -3.00 24.55 14.20
CA GLU B 341 -1.86 23.99 13.51
C GLU B 341 -1.59 24.71 12.20
N ILE B 342 -2.67 25.11 11.51
CA ILE B 342 -2.51 25.90 10.29
C ILE B 342 -1.77 27.20 10.57
N GLN B 343 -2.22 27.95 11.58
CA GLN B 343 -1.56 29.21 11.91
C GLN B 343 -0.14 28.99 12.41
N ALA B 344 0.11 27.87 13.10
CA ALA B 344 1.46 27.56 13.53
C ALA B 344 2.39 27.38 12.34
N ALA B 345 1.90 26.75 11.26
CA ALA B 345 2.70 26.64 10.05
C ALA B 345 3.03 28.01 9.48
N PHE B 346 2.01 28.88 9.33
CA PHE B 346 2.24 30.20 8.78
C PHE B 346 3.01 31.12 9.73
N ASN B 347 3.08 30.77 11.01
CA ASN B 347 3.90 31.53 11.96
C ASN B 347 5.31 30.97 12.09
N GLY B 348 5.60 29.85 11.44
CA GLY B 348 6.89 29.20 11.54
C GLY B 348 7.89 29.76 10.56
N LYS B 349 8.98 29.01 10.37
CA LYS B 349 10.03 29.43 9.47
C LYS B 349 9.58 29.32 8.02
N PHE B 350 10.10 30.22 7.19
CA PHE B 350 9.91 30.13 5.76
C PHE B 350 10.89 29.13 5.16
N LYS B 351 10.50 28.50 4.07
CA LYS B 351 11.39 27.66 3.30
C LYS B 351 12.06 28.49 2.21
N GLU B 352 13.23 28.05 1.76
CA GLU B 352 14.00 28.82 0.79
C GLU B 352 14.91 27.90 -0.01
N GLN B 353 14.89 28.07 -1.32
CA GLN B 353 15.89 27.49 -2.22
C GLN B 353 16.61 28.69 -2.82
N SER B 354 17.81 28.96 -2.33
CA SER B 354 18.50 30.21 -2.69
C SER B 354 19.00 30.21 -4.13
N SER B 355 19.18 29.05 -4.75
CA SER B 355 19.58 28.98 -6.15
C SER B 355 19.15 27.62 -6.69
N SER B 356 19.27 27.46 -8.01
CA SER B 356 18.91 26.20 -8.65
C SER B 356 19.82 25.06 -8.21
N ASN B 357 20.98 25.36 -7.63
CA ASN B 357 21.84 24.35 -7.05
C ASN B 357 21.77 24.34 -5.52
N SER B 358 20.63 24.70 -4.96
CA SER B 358 20.49 24.76 -3.51
C SER B 358 19.44 23.77 -3.03
N ALA B 359 19.69 23.21 -1.84
CA ALA B 359 18.66 22.48 -1.14
C ALA B 359 17.58 23.45 -0.64
N TRP B 360 16.44 22.88 -0.25
CA TRP B 360 15.36 23.65 0.38
C TRP B 360 15.59 23.66 1.87
N LEU B 361 15.80 24.85 2.45
CA LEU B 361 16.23 24.98 3.82
C LEU B 361 15.36 26.00 4.55
N PRO B 362 15.28 25.91 5.87
CA PRO B 362 14.58 26.95 6.65
C PRO B 362 15.36 28.24 6.66
N VAL B 363 14.63 29.35 6.66
CA VAL B 363 15.22 30.68 6.77
C VAL B 363 15.41 31.01 8.23
N LEU B 364 16.61 31.48 8.58
CA LEU B 364 16.85 32.01 9.92
C LEU B 364 15.88 33.15 10.21
N ASN B 365 15.24 33.10 11.38
CA ASN B 365 14.22 34.09 11.69
C ASN B 365 14.80 35.51 11.71
N SER B 366 16.09 35.65 12.04
CA SER B 366 16.71 36.97 12.02
C SER B 366 16.77 37.55 10.61
N ARG B 367 16.62 36.72 9.58
CA ARG B 367 16.58 37.20 8.21
C ARG B 367 15.19 37.61 7.74
N VAL B 368 14.16 37.39 8.56
CA VAL B 368 12.79 37.71 8.17
C VAL B 368 12.52 39.19 8.45
N PRO B 369 12.12 39.97 7.45
CA PRO B 369 11.87 41.41 7.69
C PRO B 369 10.57 41.62 8.46
N GLU B 370 10.42 42.86 8.94
CA GLU B 370 9.28 43.30 9.71
C GLU B 370 8.56 44.44 8.98
N PRO B 371 7.22 44.46 8.96
CA PRO B 371 6.32 43.48 9.58
C PRO B 371 6.41 42.10 8.93
N ARG B 372 6.02 41.08 9.66
CA ARG B 372 6.23 39.72 9.20
C ARG B 372 5.48 39.49 7.89
N PRO B 373 6.14 38.94 6.86
CA PRO B 373 5.44 38.66 5.61
C PRO B 373 4.24 37.75 5.83
N GLY B 374 3.15 38.06 5.12
CA GLY B 374 1.93 37.29 5.23
C GLY B 374 0.97 37.74 6.30
N THR B 375 1.37 38.69 7.15
CA THR B 375 0.47 39.24 8.16
C THR B 375 -0.29 40.41 7.57
N CYS B 376 -1.50 40.62 8.07
CA CYS B 376 -2.42 41.56 7.45
C CYS B 376 -2.15 42.97 7.99
N VAL B 377 -1.75 43.87 7.09
CA VAL B 377 -1.60 45.27 7.40
C VAL B 377 -2.72 46.03 6.70
N ASN B 378 -2.92 47.30 7.12
CA ASN B 378 -4.01 48.07 6.57
C ASN B 378 -3.79 48.43 5.10
N ASP B 379 -2.52 48.56 4.67
CA ASP B 379 -2.23 48.90 3.28
C ASP B 379 -0.90 48.25 2.92
N THR B 380 -0.98 47.12 2.21
CA THR B 380 0.23 46.41 1.79
C THR B 380 1.07 47.21 0.81
N SER B 381 0.47 48.16 0.09
CA SER B 381 1.26 48.98 -0.82
C SER B 381 2.19 49.94 -0.08
N ASN B 382 2.05 50.07 1.24
CA ASN B 382 2.96 50.85 2.06
C ASN B 382 4.00 49.99 2.76
N LEU B 383 4.12 48.73 2.37
CA LEU B 383 5.11 47.86 2.99
C LEU B 383 6.52 48.18 2.52
N PRO B 384 7.53 47.92 3.33
CA PRO B 384 8.92 48.14 2.90
C PRO B 384 9.30 47.17 1.79
N ASP B 385 10.23 47.62 0.94
CA ASP B 385 10.71 46.79 -0.17
C ASP B 385 11.14 45.41 0.30
N THR B 386 11.80 45.33 1.46
CA THR B 386 12.33 44.03 1.91
C THR B 386 11.22 43.03 2.17
N VAL B 387 10.09 43.50 2.71
CA VAL B 387 8.97 42.58 2.97
C VAL B 387 8.38 42.09 1.66
N LEU B 388 8.12 43.01 0.73
CA LEU B 388 7.53 42.62 -0.55
C LEU B 388 8.46 41.71 -1.34
N ASN B 389 9.76 42.02 -1.36
CA ASN B 389 10.71 41.15 -2.06
C ASN B 389 10.81 39.79 -1.37
N PHE B 390 10.78 39.76 -0.04
CA PHE B 390 10.91 38.49 0.67
C PHE B 390 9.72 37.58 0.40
N ILE B 391 8.51 38.09 0.57
CA ILE B 391 7.35 37.20 0.43
C ILE B 391 7.19 36.75 -1.01
N ARG B 392 7.57 37.57 -1.99
CA ARG B 392 7.42 37.14 -3.38
C ARG B 392 8.39 36.03 -3.74
N SER B 393 9.50 35.91 -3.01
CA SER B 393 10.45 34.83 -3.22
C SER B 393 10.34 33.72 -2.17
N HIS B 394 9.45 33.86 -1.18
CA HIS B 394 9.28 32.85 -0.13
C HIS B 394 7.79 32.54 0.12
N PRO B 395 7.05 32.10 -0.90
CA PRO B 395 5.63 31.77 -0.66
C PRO B 395 5.41 30.51 0.16
N LEU B 396 6.38 29.60 0.24
CA LEU B 396 6.18 28.29 0.87
C LEU B 396 6.75 28.27 2.28
N MET B 397 5.92 27.90 3.26
CA MET B 397 6.40 27.74 4.63
C MET B 397 7.21 26.45 4.76
N ASP B 398 8.14 26.46 5.73
CA ASP B 398 8.97 25.28 5.94
C ASP B 398 8.20 24.15 6.61
N LYS B 399 7.31 24.48 7.53
CA LYS B 399 6.61 23.46 8.31
C LYS B 399 5.36 22.98 7.59
N ALA B 400 5.16 21.67 7.61
CA ALA B 400 3.92 21.10 7.09
C ALA B 400 2.83 21.20 8.15
N VAL B 401 1.59 21.30 7.70
CA VAL B 401 0.46 21.39 8.61
C VAL B 401 0.13 19.98 9.11
N ASN B 402 0.39 19.72 10.37
CA ASN B 402 0.16 18.40 10.92
C ASN B 402 -1.34 18.15 11.10
N HIS B 403 -1.76 16.95 10.76
CA HIS B 403 -3.14 16.56 10.96
C HIS B 403 -3.38 16.25 12.43
N GLU B 404 -4.63 16.43 12.86
CA GLU B 404 -4.99 16.07 14.23
C GLU B 404 -4.78 14.58 14.44
N HIS B 405 -4.32 14.22 15.64
CA HIS B 405 -4.17 12.87 16.15
C HIS B 405 -2.97 12.12 15.55
N ASN B 406 -2.31 12.66 14.53
CA ASN B 406 -1.11 12.10 13.89
C ASN B 406 -1.37 10.79 13.16
N ASN B 407 -2.63 10.42 12.95
CA ASN B 407 -3.04 9.34 12.06
C ASN B 407 -4.35 9.77 11.41
N PRO B 408 -4.68 9.21 10.24
CA PRO B 408 -5.96 9.57 9.62
C PRO B 408 -7.13 9.19 10.51
N VAL B 409 -8.20 9.97 10.41
CA VAL B 409 -9.46 9.57 11.03
C VAL B 409 -9.86 8.19 10.52
N TYR B 410 -9.62 7.93 9.25
CA TYR B 410 -9.93 6.66 8.63
C TYR B 410 -9.11 6.54 7.35
N TYR B 411 -8.70 5.32 7.03
CA TYR B 411 -8.02 5.07 5.76
C TYR B 411 -8.30 3.64 5.32
N LYS B 412 -8.21 3.42 4.02
CA LYS B 412 -8.54 2.12 3.46
C LYS B 412 -7.78 1.92 2.16
N ARG B 413 -7.23 0.72 1.99
CA ARG B 413 -6.58 0.34 0.76
C ARG B 413 -7.60 0.20 -0.37
N ASP B 414 -7.12 0.34 -1.61
CA ASP B 414 -7.86 -0.01 -2.82
C ASP B 414 -9.11 0.83 -3.05
N LEU B 415 -9.26 1.95 -2.35
CA LEU B 415 -10.38 2.86 -2.54
C LEU B 415 -9.87 4.19 -3.05
N VAL B 416 -10.71 4.88 -3.82
CA VAL B 416 -10.40 6.22 -4.29
C VAL B 416 -11.51 7.12 -3.75
N PHE B 417 -11.21 7.86 -2.69
CA PHE B 417 -12.15 8.82 -2.15
C PHE B 417 -12.23 10.05 -3.05
N THR B 418 -13.42 10.64 -3.13
CA THR B 418 -13.60 11.88 -3.86
C THR B 418 -14.10 12.93 -2.88
N LYS B 419 -15.38 13.27 -2.91
CA LYS B 419 -15.90 14.35 -2.08
C LYS B 419 -16.29 13.84 -0.69
N LEU B 420 -16.45 14.78 0.24
CA LEU B 420 -16.97 14.43 1.55
C LEU B 420 -17.79 15.59 2.10
N VAL B 421 -18.73 15.23 2.99
CA VAL B 421 -19.38 16.16 3.89
C VAL B 421 -19.33 15.56 5.29
N VAL B 422 -19.53 16.40 6.28
CA VAL B 422 -19.38 16.01 7.68
C VAL B 422 -20.59 16.50 8.46
N ASP B 423 -20.99 15.72 9.47
CA ASP B 423 -22.11 16.04 10.33
C ASP B 423 -21.67 15.91 11.78
N LYS B 424 -22.23 16.74 12.65
CA LYS B 424 -21.91 16.72 14.07
C LYS B 424 -23.16 16.37 14.85
N ILE B 425 -23.11 15.28 15.61
CA ILE B 425 -24.22 14.80 16.42
C ILE B 425 -23.85 14.96 17.90
N ARG B 426 -24.79 15.45 18.70
CA ARG B 426 -24.60 15.60 20.13
C ARG B 426 -25.79 14.99 20.87
N ILE B 427 -25.54 13.94 21.65
CA ILE B 427 -26.52 13.41 22.59
C ILE B 427 -26.28 14.18 23.89
N ASP B 428 -26.99 15.31 24.04
CA ASP B 428 -26.56 16.34 24.98
C ASP B 428 -26.98 16.05 26.41
N ILE B 429 -28.05 15.28 26.65
CA ILE B 429 -28.33 14.89 28.03
C ILE B 429 -27.37 13.79 28.46
N LEU B 430 -26.84 13.04 27.51
CA LEU B 430 -25.64 12.23 27.73
C LEU B 430 -24.44 13.18 27.60
N ASN B 431 -23.23 12.66 27.64
CA ASN B 431 -22.05 13.51 27.54
C ASN B 431 -21.31 13.35 26.22
N GLN B 432 -21.91 12.66 25.25
CA GLN B 432 -21.20 12.26 24.05
C GLN B 432 -21.40 13.26 22.91
N GLU B 433 -20.40 13.31 22.03
CA GLU B 433 -20.45 14.06 20.79
C GLU B 433 -19.81 13.19 19.72
N TYR B 434 -20.39 13.19 18.52
CA TYR B 434 -19.92 12.32 17.45
C TYR B 434 -19.80 13.10 16.16
N ILE B 435 -18.77 12.76 15.39
CA ILE B 435 -18.57 13.29 14.04
C ILE B 435 -18.81 12.16 13.05
N VAL B 436 -19.71 12.37 12.10
CA VAL B 436 -20.02 11.37 11.08
C VAL B 436 -19.53 11.91 9.74
N TYR B 437 -18.65 11.15 9.10
CA TYR B 437 -18.11 11.49 7.79
C TYR B 437 -18.89 10.73 6.71
N TYR B 438 -19.30 11.45 5.67
CA TYR B 438 -19.87 10.84 4.47
C TYR B 438 -18.90 11.05 3.33
N VAL B 439 -18.28 9.96 2.86
CA VAL B 439 -17.18 10.04 1.91
C VAL B 439 -17.60 9.37 0.61
N GLY B 440 -17.61 10.12 -0.48
CA GLY B 440 -17.92 9.56 -1.78
C GLY B 440 -16.70 8.95 -2.43
N THR B 441 -16.95 7.98 -3.32
CA THR B 441 -15.88 7.33 -4.04
C THR B 441 -16.05 7.54 -5.54
N ASN B 442 -14.98 7.24 -6.28
CA ASN B 442 -15.02 7.33 -7.74
C ASN B 442 -15.90 6.26 -8.39
N LEU B 443 -16.46 5.33 -7.60
CA LEU B 443 -17.32 4.28 -8.13
C LEU B 443 -18.76 4.43 -7.68
N GLY B 444 -19.14 5.57 -7.10
CA GLY B 444 -20.53 5.81 -6.76
C GLY B 444 -20.98 5.35 -5.40
N ARG B 445 -20.06 5.05 -4.49
CA ARG B 445 -20.39 4.63 -3.14
C ARG B 445 -20.18 5.76 -2.14
N ILE B 446 -20.90 5.66 -1.02
CA ILE B 446 -20.69 6.56 0.11
C ILE B 446 -20.26 5.70 1.30
N TYR B 447 -19.09 6.03 1.85
CA TYR B 447 -18.63 5.41 3.10
C TYR B 447 -19.05 6.29 4.27
N LYS B 448 -19.75 5.68 5.24
CA LYS B 448 -20.26 6.38 6.41
C LYS B 448 -19.40 5.98 7.61
N ILE B 449 -18.63 6.94 8.12
CA ILE B 449 -17.65 6.70 9.17
C ILE B 449 -18.02 7.57 10.37
N VAL B 450 -17.97 6.98 11.56
CA VAL B 450 -18.21 7.71 12.80
C VAL B 450 -16.90 7.86 13.54
N GLN B 451 -16.67 9.04 14.09
CA GLN B 451 -15.50 9.35 14.90
C GLN B 451 -15.96 9.71 16.30
N TYR B 452 -15.26 9.19 17.31
CA TYR B 452 -15.58 9.48 18.70
C TYR B 452 -14.30 9.41 19.52
N TYR B 453 -14.32 10.08 20.66
CA TYR B 453 -13.17 10.17 21.56
C TYR B 453 -13.41 9.32 22.79
N ARG B 454 -12.44 8.46 23.11
CA ARG B 454 -12.46 7.69 24.35
C ARG B 454 -11.07 7.68 24.95
N ASN B 455 -10.96 8.00 26.23
CA ASN B 455 -9.67 8.12 26.92
C ASN B 455 -8.78 9.16 26.27
N GLY B 456 -9.37 10.16 25.63
CA GLY B 456 -8.62 11.20 24.96
C GLY B 456 -8.06 10.83 23.60
N GLU B 457 -8.19 9.57 23.18
CA GLU B 457 -7.73 9.14 21.87
C GLU B 457 -8.91 9.04 20.91
N SER B 458 -8.63 9.32 19.64
CA SER B 458 -9.64 9.33 18.59
C SER B 458 -9.80 7.94 18.02
N LEU B 459 -11.04 7.48 17.93
CA LEU B 459 -11.37 6.21 17.29
C LEU B 459 -12.39 6.44 16.19
N SER B 460 -12.38 5.55 15.20
CA SER B 460 -13.35 5.65 14.11
C SER B 460 -13.84 4.26 13.75
N LYS B 461 -15.07 4.22 13.24
CA LYS B 461 -15.68 2.97 12.80
C LYS B 461 -16.38 3.21 11.47
N LEU B 462 -16.14 2.33 10.51
CA LEU B 462 -16.93 2.30 9.28
C LEU B 462 -18.30 1.73 9.61
N LEU B 463 -19.33 2.57 9.55
CA LEU B 463 -20.68 2.13 9.90
C LEU B 463 -21.46 1.52 8.75
N ASP B 464 -21.25 2.01 7.53
CA ASP B 464 -22.10 1.62 6.43
C ASP B 464 -21.46 2.05 5.12
N ILE B 465 -21.91 1.42 4.04
CA ILE B 465 -21.48 1.75 2.69
C ILE B 465 -22.74 1.86 1.83
N PHE B 466 -23.14 3.07 1.49
CA PHE B 466 -24.30 3.30 0.63
C PHE B 466 -23.93 3.10 -0.83
N GLU B 467 -24.85 2.52 -1.59
CA GLU B 467 -24.69 2.33 -3.03
C GLU B 467 -25.53 3.38 -3.74
N VAL B 468 -24.93 4.55 -3.98
CA VAL B 468 -25.70 5.67 -4.53
C VAL B 468 -25.88 5.52 -6.03
N ALA B 469 -24.80 5.27 -6.75
CA ALA B 469 -24.90 5.17 -8.21
C ALA B 469 -23.77 4.31 -8.75
N PRO B 470 -24.01 3.02 -9.01
CA PRO B 470 -22.94 2.13 -9.47
C PRO B 470 -22.12 2.65 -10.63
N ASN B 471 -20.81 2.77 -10.39
CA ASN B 471 -19.82 3.13 -11.42
C ASN B 471 -20.00 4.56 -11.93
N GLU B 472 -20.55 5.44 -11.10
CA GLU B 472 -20.66 6.87 -11.40
C GLU B 472 -19.94 7.63 -10.30
N ALA B 473 -18.80 8.23 -10.64
CA ALA B 473 -18.01 8.95 -9.64
C ALA B 473 -18.85 10.02 -8.96
N ILE B 474 -18.70 10.12 -7.64
CA ILE B 474 -19.35 11.18 -6.88
C ILE B 474 -18.65 12.50 -7.21
N GLN B 475 -19.40 13.45 -7.77
CA GLN B 475 -18.82 14.72 -8.19
C GLN B 475 -18.98 15.84 -7.18
N VAL B 476 -20.07 15.84 -6.41
CA VAL B 476 -20.35 16.94 -5.50
C VAL B 476 -21.30 16.43 -4.43
N MET B 477 -21.15 16.93 -3.21
CA MET B 477 -21.96 16.52 -2.08
C MET B 477 -22.33 17.72 -1.24
N GLU B 478 -23.55 17.70 -0.71
CA GLU B 478 -24.00 18.70 0.24
C GLU B 478 -24.84 18.01 1.31
N ILE B 479 -24.93 18.65 2.48
CA ILE B 479 -25.75 18.15 3.57
C ILE B 479 -26.62 19.29 4.08
N SER B 480 -27.91 19.00 4.27
CA SER B 480 -28.87 19.97 4.77
C SER B 480 -29.33 19.58 6.16
N GLN B 481 -29.26 20.51 7.10
CA GLN B 481 -29.79 20.28 8.45
C GLN B 481 -31.28 20.56 8.54
N THR B 482 -31.79 21.52 7.77
CA THR B 482 -33.22 21.82 7.80
C THR B 482 -34.04 20.67 7.23
N ARG B 483 -33.50 19.95 6.26
CA ARG B 483 -34.17 18.80 5.66
C ARG B 483 -33.52 17.48 6.04
N LYS B 484 -32.48 17.50 6.88
CA LYS B 484 -31.84 16.28 7.39
C LYS B 484 -31.54 15.30 6.26
N SER B 485 -30.90 15.81 5.20
CA SER B 485 -30.74 15.04 3.98
C SER B 485 -29.32 15.15 3.46
N LEU B 486 -28.89 14.11 2.75
CA LEU B 486 -27.63 14.09 2.05
C LEU B 486 -27.91 14.24 0.56
N TYR B 487 -27.22 15.18 -0.09
CA TYR B 487 -27.39 15.44 -1.51
C TYR B 487 -26.12 15.10 -2.24
N ILE B 488 -26.24 14.25 -3.26
CA ILE B 488 -25.09 13.68 -3.95
C ILE B 488 -25.25 13.94 -5.44
N GLY B 489 -24.18 14.42 -6.08
CA GLY B 489 -24.21 14.65 -7.50
C GLY B 489 -23.22 13.79 -8.26
N THR B 490 -23.70 13.13 -9.31
CA THR B 490 -22.85 12.48 -10.29
C THR B 490 -23.12 13.11 -11.64
N ASP B 491 -22.37 12.67 -12.66
CA ASP B 491 -22.57 13.22 -13.99
C ASP B 491 -23.91 12.80 -14.59
N HIS B 492 -24.53 11.73 -14.07
CA HIS B 492 -25.78 11.23 -14.63
C HIS B 492 -27.01 11.65 -13.82
N ARG B 493 -26.86 11.98 -12.54
CA ARG B 493 -28.05 12.13 -11.71
C ARG B 493 -27.67 12.82 -10.41
N ILE B 494 -28.72 13.20 -9.67
CA ILE B 494 -28.59 13.72 -8.31
C ILE B 494 -29.45 12.85 -7.40
N LYS B 495 -28.94 12.52 -6.23
CA LYS B 495 -29.64 11.70 -5.25
C LYS B 495 -29.76 12.46 -3.94
N GLN B 496 -30.89 12.28 -3.26
CA GLN B 496 -31.14 12.84 -1.94
C GLN B 496 -31.44 11.69 -0.99
N ILE B 497 -30.68 11.60 0.10
CA ILE B 497 -30.76 10.49 1.03
C ILE B 497 -31.01 11.02 2.44
N ASP B 498 -32.05 10.50 3.10
CA ASP B 498 -32.31 10.87 4.48
C ASP B 498 -31.13 10.47 5.37
N LEU B 499 -30.75 11.39 6.28
CA LEU B 499 -29.65 11.09 7.20
C LEU B 499 -30.03 9.97 8.16
N ALA B 500 -31.27 9.94 8.61
CA ALA B 500 -31.75 8.91 9.52
C ALA B 500 -32.42 7.82 8.69
N MET B 501 -31.63 6.83 8.30
CA MET B 501 -32.12 5.64 7.59
C MET B 501 -32.34 4.47 8.55
N CYS B 502 -32.74 4.76 9.79
CA CYS B 502 -32.66 3.78 10.87
C CYS B 502 -33.55 2.56 10.60
N ASN B 503 -34.84 2.79 10.37
CA ASN B 503 -35.75 1.66 10.16
C ASN B 503 -35.41 0.89 8.89
N ARG B 504 -35.01 1.61 7.82
CA ARG B 504 -34.74 0.94 6.55
C ARG B 504 -33.41 0.19 6.57
N ARG B 505 -32.42 0.67 7.33
CA ARG B 505 -31.08 0.09 7.24
C ARG B 505 -30.83 -1.03 8.24
N TYR B 506 -31.39 -0.94 9.44
CA TYR B 506 -31.08 -1.86 10.52
C TYR B 506 -32.35 -2.56 10.98
N ASP B 507 -32.39 -3.88 10.80
CA ASP B 507 -33.49 -4.69 11.32
C ASP B 507 -33.14 -5.34 12.66
N ASN B 508 -32.09 -4.86 13.32
CA ASN B 508 -31.55 -5.55 14.48
C ASN B 508 -30.93 -4.55 15.45
N CYS B 509 -31.03 -4.87 16.74
CA CYS B 509 -30.46 -4.02 17.79
C CYS B 509 -28.97 -3.82 17.60
N PHE B 510 -28.28 -4.89 17.17
CA PHE B 510 -26.82 -4.88 17.15
C PHE B 510 -26.27 -3.72 16.33
N ARG B 511 -26.74 -3.57 15.09
CA ARG B 511 -26.24 -2.48 14.27
C ARG B 511 -26.96 -1.17 14.55
N CYS B 512 -28.20 -1.23 15.05
CA CYS B 512 -28.95 -0.01 15.32
C CYS B 512 -28.25 0.85 16.37
N VAL B 513 -27.83 0.24 17.47
CA VAL B 513 -27.23 1.00 18.57
C VAL B 513 -25.85 1.55 18.22
N ARG B 514 -25.27 1.12 17.11
CA ARG B 514 -23.95 1.61 16.73
C ARG B 514 -24.01 2.84 15.86
N ASP B 515 -25.21 3.27 15.45
CA ASP B 515 -25.38 4.43 14.58
C ASP B 515 -25.80 5.64 15.40
N PRO B 516 -25.07 6.76 15.31
CA PRO B 516 -25.40 7.93 16.16
C PRO B 516 -26.76 8.54 15.88
N TYR B 517 -27.34 8.29 14.70
CA TYR B 517 -28.66 8.83 14.39
C TYR B 517 -29.79 8.01 14.97
N CYS B 518 -29.51 6.80 15.46
CA CYS B 518 -30.53 5.79 15.68
C CYS B 518 -30.56 5.33 17.13
N GLY B 519 -31.69 4.73 17.49
CA GLY B 519 -31.86 4.09 18.77
C GLY B 519 -32.76 2.87 18.64
N TRP B 520 -32.45 1.81 19.39
CA TRP B 520 -33.25 0.59 19.34
C TRP B 520 -34.41 0.72 20.32
N ASP B 521 -35.61 0.45 19.84
CA ASP B 521 -36.82 0.46 20.66
C ASP B 521 -37.01 -0.94 21.22
N LYS B 522 -36.77 -1.10 22.52
CA LYS B 522 -36.92 -2.41 23.16
C LYS B 522 -38.36 -2.92 23.09
N GLU B 523 -39.34 -2.01 23.20
CA GLU B 523 -40.74 -2.43 23.19
C GLU B 523 -41.16 -2.86 21.79
N ALA B 524 -41.08 -1.95 20.82
CA ALA B 524 -41.52 -2.26 19.46
C ALA B 524 -40.56 -3.18 18.73
N ASN B 525 -39.37 -3.41 19.28
CA ASN B 525 -38.33 -4.21 18.63
C ASN B 525 -38.05 -3.70 17.21
N THR B 526 -37.66 -2.43 17.16
CA THR B 526 -37.42 -1.78 15.88
C THR B 526 -36.40 -0.66 16.09
N CYS B 527 -35.75 -0.28 15.01
CA CYS B 527 -34.77 0.80 15.00
C CYS B 527 -35.42 2.08 14.51
N ARG B 528 -35.28 3.14 15.29
CA ARG B 528 -35.94 4.42 15.03
C ARG B 528 -34.92 5.55 15.14
N PRO B 529 -35.24 6.73 14.61
CA PRO B 529 -34.38 7.89 14.88
C PRO B 529 -34.23 8.11 16.38
N TYR B 530 -33.03 8.48 16.80
CA TYR B 530 -32.68 8.42 18.22
C TYR B 530 -33.56 9.36 19.03
N GLU B 531 -34.03 8.84 20.16
CA GLU B 531 -34.71 9.62 21.19
C GLU B 531 -34.20 9.14 22.54
N LEU B 532 -34.42 9.96 23.56
CA LEU B 532 -34.11 9.52 24.91
C LEU B 532 -35.00 8.35 25.28
N ASP B 533 -34.43 7.41 26.03
CA ASP B 533 -34.97 6.12 26.48
C ASP B 533 -34.83 5.04 25.39
N LEU B 534 -34.37 5.38 24.19
CA LEU B 534 -33.99 4.35 23.22
C LEU B 534 -32.55 3.90 23.47
N LEU B 535 -32.25 2.69 23.00
CA LEU B 535 -30.93 2.11 23.24
C LEU B 535 -29.92 2.61 22.20
N GLN B 536 -28.75 3.02 22.68
CA GLN B 536 -27.67 3.43 21.78
C GLN B 536 -26.33 3.25 22.49
N ASP B 537 -25.31 2.86 21.72
CA ASP B 537 -23.97 2.64 22.25
C ASP B 537 -22.93 2.73 21.13
N VAL B 538 -22.69 3.95 20.64
CA VAL B 538 -21.79 4.14 19.51
C VAL B 538 -20.37 3.76 19.88
N ALA B 539 -19.94 4.11 21.08
CA ALA B 539 -18.55 3.91 21.51
C ALA B 539 -18.31 2.56 22.19
N ASN B 540 -19.25 1.62 22.08
CA ASN B 540 -19.13 0.29 22.68
C ASN B 540 -18.71 0.39 24.15
N GLU B 541 -19.45 1.21 24.91
CA GLU B 541 -19.22 1.36 26.34
C GLU B 541 -20.11 0.44 27.17
N THR B 542 -21.13 -0.18 26.55
CA THR B 542 -22.04 -1.11 27.22
C THR B 542 -22.25 -2.27 26.24
N SER B 543 -21.30 -3.21 26.23
CA SER B 543 -21.25 -4.21 25.19
C SER B 543 -22.41 -5.21 25.24
N ASP B 544 -23.14 -5.28 26.35
CA ASP B 544 -24.28 -6.19 26.48
C ASP B 544 -25.61 -5.47 26.31
N ILE B 545 -25.62 -4.29 25.69
CA ILE B 545 -26.82 -3.48 25.62
C ILE B 545 -27.92 -4.16 24.81
N CYS B 546 -27.55 -4.98 23.83
CA CYS B 546 -28.51 -5.66 22.98
C CYS B 546 -28.82 -7.10 23.38
N ASP B 547 -28.22 -7.58 24.48
CA ASP B 547 -28.33 -9.00 24.82
C ASP B 547 -29.78 -9.47 24.90
N SER B 548 -30.65 -8.67 25.51
CA SER B 548 -32.04 -9.07 25.64
C SER B 548 -32.84 -8.85 24.36
N SER B 549 -32.23 -8.26 23.34
CA SER B 549 -32.93 -7.95 22.10
C SER B 549 -32.45 -8.76 20.90
N VAL B 550 -31.40 -9.58 21.05
CA VAL B 550 -30.85 -10.26 19.89
C VAL B 550 -31.78 -11.38 19.45
N LEU B 551 -31.61 -11.80 18.21
CA LEU B 551 -32.34 -12.93 17.66
C LEU B 551 -32.06 -14.19 18.49
N LYS B 552 -33.12 -14.86 18.91
CA LYS B 552 -33.02 -16.10 19.68
C LYS B 552 -33.89 -17.16 19.03
N LYS B 553 -33.28 -18.29 18.67
CA LYS B 553 -33.96 -19.34 17.93
C LYS B 553 -33.82 -20.66 18.67
N LYS B 554 -34.88 -21.46 18.63
CA LYS B 554 -34.87 -22.80 19.19
C LYS B 554 -35.11 -23.80 18.06
N ILE B 555 -34.23 -24.79 17.95
CA ILE B 555 -34.28 -25.78 16.89
C ILE B 555 -34.35 -27.16 17.51
N VAL B 556 -35.26 -27.99 17.01
CA VAL B 556 -35.36 -29.40 17.39
C VAL B 556 -34.83 -30.21 16.22
N VAL B 557 -33.70 -30.86 16.42
CA VAL B 557 -33.09 -31.71 15.40
C VAL B 557 -33.20 -33.16 15.85
N THR B 558 -33.20 -34.07 14.87
CA THR B 558 -33.15 -35.49 15.17
C THR B 558 -31.71 -35.95 15.32
N TYR B 559 -31.55 -37.09 16.01
CA TYR B 559 -30.22 -37.60 16.28
C TYR B 559 -29.45 -37.87 14.98
N GLY B 560 -28.16 -37.54 14.97
CA GLY B 560 -27.33 -37.74 13.81
C GLY B 560 -27.48 -36.69 12.73
N GLN B 561 -28.51 -35.84 12.82
CA GLN B 561 -28.75 -34.80 11.84
C GLN B 561 -27.76 -33.65 12.04
N SER B 562 -27.41 -32.99 10.94
CA SER B 562 -26.60 -31.78 10.98
C SER B 562 -27.49 -30.55 11.05
N VAL B 563 -26.93 -29.45 11.55
CA VAL B 563 -27.68 -28.23 11.74
C VAL B 563 -26.79 -27.04 11.44
N HIS B 564 -27.31 -26.08 10.68
CA HIS B 564 -26.60 -24.85 10.34
C HIS B 564 -27.12 -23.72 11.23
N LEU B 565 -26.21 -23.04 11.91
CA LEU B 565 -26.52 -21.91 12.76
C LEU B 565 -25.94 -20.64 12.15
N GLY B 566 -26.72 -19.57 12.15
CA GLY B 566 -26.25 -18.30 11.64
C GLY B 566 -27.18 -17.15 11.99
N CYS B 567 -26.63 -15.95 12.17
CA CYS B 567 -27.44 -14.80 12.53
C CYS B 567 -27.88 -14.01 11.29
N PHE B 568 -26.96 -13.74 10.37
CA PHE B 568 -27.25 -12.93 9.19
C PHE B 568 -27.51 -13.81 7.98
N VAL B 569 -28.52 -13.43 7.18
CA VAL B 569 -28.65 -13.95 5.83
C VAL B 569 -27.35 -13.75 5.06
N LYS B 570 -26.85 -12.51 5.08
CA LYS B 570 -25.54 -12.18 4.55
C LYS B 570 -24.89 -11.21 5.51
N ILE B 571 -23.65 -11.51 5.90
CA ILE B 571 -22.97 -10.64 6.87
C ILE B 571 -22.69 -9.30 6.20
N PRO B 572 -23.04 -8.16 6.83
CA PRO B 572 -22.80 -6.86 6.19
C PRO B 572 -21.32 -6.66 5.92
N GLU B 573 -21.04 -5.98 4.80
CA GLU B 573 -19.66 -5.77 4.37
C GLU B 573 -18.81 -5.16 5.47
N VAL B 574 -19.35 -4.17 6.20
CA VAL B 574 -18.56 -3.45 7.20
C VAL B 574 -18.27 -4.28 8.43
N LEU B 575 -18.90 -5.43 8.59
CA LEU B 575 -18.65 -6.30 9.73
C LEU B 575 -17.77 -7.49 9.38
N LYS B 576 -17.31 -7.59 8.12
CA LYS B 576 -16.51 -8.72 7.70
C LYS B 576 -15.13 -8.77 8.37
N ASN B 577 -14.71 -7.71 9.05
CA ASN B 577 -13.40 -7.67 9.68
C ASN B 577 -13.44 -8.02 11.16
N GLU B 578 -14.63 -8.15 11.75
CA GLU B 578 -14.74 -8.31 13.19
C GLU B 578 -14.53 -9.77 13.58
N GLN B 579 -14.09 -9.96 14.82
CA GLN B 579 -13.90 -11.31 15.36
C GLN B 579 -15.26 -11.93 15.67
N VAL B 580 -15.45 -13.16 15.21
CA VAL B 580 -16.66 -13.93 15.48
C VAL B 580 -16.27 -15.13 16.33
N THR B 581 -16.97 -15.33 17.44
CA THR B 581 -16.72 -16.45 18.33
C THR B 581 -18.04 -17.14 18.65
N TRP B 582 -18.04 -18.47 18.58
CA TRP B 582 -19.21 -19.28 18.92
C TRP B 582 -18.96 -19.99 20.24
N TYR B 583 -19.97 -19.95 21.12
CA TYR B 583 -19.89 -20.58 22.43
C TYR B 583 -21.01 -21.59 22.58
N HIS B 584 -20.74 -22.69 23.27
CA HIS B 584 -21.71 -23.73 23.53
C HIS B 584 -21.91 -23.88 25.03
N HIS B 585 -23.17 -23.90 25.47
CA HIS B 585 -23.53 -24.15 26.86
C HIS B 585 -24.03 -25.58 26.96
N SER B 586 -23.18 -26.48 27.43
CA SER B 586 -23.58 -27.86 27.69
C SER B 586 -23.70 -28.09 29.19
N LYS B 587 -24.45 -29.14 29.55
CA LYS B 587 -24.53 -29.53 30.94
C LYS B 587 -23.22 -30.14 31.44
N ASP B 588 -22.46 -30.77 30.54
CA ASP B 588 -21.24 -31.47 30.93
C ASP B 588 -20.00 -30.60 30.89
N LYS B 589 -20.02 -29.46 30.17
CA LYS B 589 -18.83 -28.63 30.04
C LYS B 589 -19.11 -27.15 30.25
N GLY B 590 -20.26 -26.78 30.83
CA GLY B 590 -20.58 -25.38 31.01
C GLY B 590 -20.53 -24.62 29.70
N ARG B 591 -19.96 -23.42 29.74
CA ARG B 591 -19.77 -22.60 28.56
C ARG B 591 -18.31 -22.70 28.11
N TYR B 592 -18.10 -22.93 26.81
CA TYR B 592 -16.77 -23.04 26.26
C TYR B 592 -16.79 -22.56 24.81
N GLU B 593 -15.62 -22.19 24.31
CA GLU B 593 -15.51 -21.72 22.94
C GLU B 593 -15.50 -22.90 21.97
N ILE B 594 -16.31 -22.79 20.92
CA ILE B 594 -16.31 -23.80 19.86
C ILE B 594 -15.12 -23.55 18.94
N ARG B 595 -14.37 -24.60 18.65
CA ARG B 595 -13.24 -24.55 17.74
C ARG B 595 -13.61 -25.27 16.44
N TYR B 596 -13.36 -24.61 15.31
CA TYR B 596 -13.74 -25.17 14.03
C TYR B 596 -12.95 -26.43 13.73
N SER B 597 -13.61 -27.41 13.10
CA SER B 597 -12.98 -28.66 12.70
C SER B 597 -13.78 -29.22 11.54
N PRO B 598 -13.14 -29.84 10.55
CA PRO B 598 -13.89 -30.32 9.37
C PRO B 598 -14.86 -31.46 9.68
N THR B 599 -14.71 -32.15 10.81
CA THR B 599 -15.58 -33.28 11.13
C THR B 599 -16.71 -32.93 12.09
N LYS B 600 -16.75 -31.71 12.62
CA LYS B 600 -17.74 -31.40 13.65
C LYS B 600 -18.29 -29.97 13.55
N TYR B 601 -17.41 -28.98 13.49
CA TYR B 601 -17.81 -27.58 13.51
C TYR B 601 -17.30 -26.90 12.24
N ILE B 602 -18.18 -26.69 11.28
CA ILE B 602 -17.83 -26.17 9.97
C ILE B 602 -18.19 -24.69 9.92
N GLU B 603 -17.20 -23.85 9.65
CA GLU B 603 -17.44 -22.42 9.52
C GLU B 603 -18.02 -22.14 8.14
N THR B 604 -19.05 -21.30 8.09
CA THR B 604 -19.67 -20.93 6.83
C THR B 604 -19.37 -19.47 6.50
N THR B 605 -19.63 -19.12 5.25
CA THR B 605 -19.16 -17.86 4.70
C THR B 605 -19.75 -16.66 5.44
N GLU B 606 -21.02 -16.72 5.81
CA GLU B 606 -21.66 -15.59 6.49
C GLU B 606 -21.53 -15.68 8.00
N ARG B 607 -20.37 -16.11 8.50
CA ARG B 607 -20.09 -16.18 9.93
C ARG B 607 -21.04 -17.12 10.66
N GLY B 608 -21.47 -18.18 9.99
CA GLY B 608 -22.32 -19.19 10.58
C GLY B 608 -21.54 -20.41 11.01
N LEU B 609 -22.28 -21.42 11.45
CA LEU B 609 -21.67 -22.64 11.99
C LEU B 609 -22.57 -23.83 11.67
N VAL B 610 -21.96 -24.88 11.12
CA VAL B 610 -22.63 -26.15 10.92
C VAL B 610 -22.14 -27.12 11.99
N VAL B 611 -23.05 -27.61 12.81
CA VAL B 611 -22.75 -28.68 13.76
C VAL B 611 -23.11 -30.00 13.08
N VAL B 612 -22.13 -30.88 12.95
CA VAL B 612 -22.25 -32.10 12.17
C VAL B 612 -22.59 -33.27 13.09
N SER B 613 -23.49 -34.14 12.62
CA SER B 613 -23.88 -35.37 13.29
C SER B 613 -24.17 -35.12 14.78
N VAL B 614 -25.30 -34.44 15.00
CA VAL B 614 -25.66 -33.99 16.33
C VAL B 614 -25.97 -35.21 17.21
N ASN B 615 -25.39 -35.23 18.40
CA ASN B 615 -25.70 -36.22 19.42
C ASN B 615 -26.26 -35.52 20.66
N GLU B 616 -26.56 -36.32 21.68
CA GLU B 616 -27.19 -35.79 22.89
C GLU B 616 -26.35 -34.69 23.52
N ALA B 617 -25.02 -34.87 23.54
CA ALA B 617 -24.15 -33.86 24.14
C ALA B 617 -24.13 -32.56 23.35
N ASP B 618 -24.58 -32.57 22.09
CA ASP B 618 -24.58 -31.37 21.28
C ASP B 618 -25.81 -30.49 21.50
N GLY B 619 -26.77 -30.95 22.30
CA GLY B 619 -27.89 -30.10 22.66
C GLY B 619 -27.47 -28.97 23.57
N GLY B 620 -28.33 -27.96 23.65
CA GLY B 620 -28.09 -26.85 24.55
C GLY B 620 -28.06 -25.51 23.85
N ARG B 621 -27.44 -24.52 24.48
CA ARG B 621 -27.43 -23.16 23.99
C ARG B 621 -26.14 -22.87 23.22
N TYR B 622 -26.29 -22.22 22.07
CA TYR B 622 -25.18 -21.77 21.24
C TYR B 622 -25.26 -20.26 21.11
N ASP B 623 -24.17 -19.57 21.40
CA ASP B 623 -24.10 -18.11 21.34
C ASP B 623 -23.08 -17.70 20.29
N CYS B 624 -23.46 -16.78 19.41
CA CYS B 624 -22.53 -16.19 18.45
C CYS B 624 -22.17 -14.78 18.91
N HIS B 625 -20.89 -14.55 19.16
CA HIS B 625 -20.38 -13.23 19.50
C HIS B 625 -19.67 -12.61 18.30
N LEU B 626 -19.89 -11.32 18.09
CA LEU B 626 -19.21 -10.55 17.06
C LEU B 626 -18.68 -9.27 17.69
N GLY B 627 -17.39 -9.03 17.53
CA GLY B 627 -16.77 -7.88 18.19
C GLY B 627 -16.85 -7.92 19.70
N GLY B 628 -17.03 -9.11 20.28
CA GLY B 628 -17.17 -9.22 21.71
C GLY B 628 -18.56 -8.98 22.25
N SER B 629 -19.55 -8.81 21.38
CA SER B 629 -20.94 -8.60 21.80
C SER B 629 -21.80 -9.74 21.25
N LEU B 630 -22.76 -10.17 22.06
CA LEU B 630 -23.70 -11.21 21.62
C LEU B 630 -24.47 -10.74 20.39
N LEU B 631 -24.41 -11.53 19.33
CA LEU B 631 -25.11 -11.24 18.08
C LEU B 631 -26.41 -12.03 17.95
N CYS B 632 -26.38 -13.34 18.22
CA CYS B 632 -27.59 -14.13 18.22
C CYS B 632 -27.33 -15.41 19.02
N SER B 633 -28.41 -16.13 19.29
CA SER B 633 -28.33 -17.28 20.19
C SER B 633 -29.30 -18.37 19.70
N TYR B 634 -28.86 -19.62 19.82
CA TYR B 634 -29.64 -20.78 19.43
C TYR B 634 -29.77 -21.75 20.60
N ASN B 635 -30.91 -22.43 20.67
CA ASN B 635 -31.13 -23.48 21.65
C ASN B 635 -31.43 -24.77 20.88
N ILE B 636 -30.54 -25.74 20.97
CA ILE B 636 -30.65 -26.99 20.24
C ILE B 636 -31.15 -28.07 21.19
N THR B 637 -32.26 -28.70 20.86
CA THR B 637 -32.73 -29.90 21.52
C THR B 637 -32.61 -31.06 20.54
N VAL B 638 -32.12 -32.19 21.02
CA VAL B 638 -31.84 -33.36 20.19
C VAL B 638 -32.95 -34.38 20.39
N ASP B 639 -33.53 -34.83 19.28
CA ASP B 639 -34.58 -35.84 19.30
C ASP B 639 -33.98 -37.20 18.97
N ALA B 640 -34.05 -38.13 19.93
CA ALA B 640 -33.57 -39.48 19.68
C ALA B 640 -34.49 -40.18 18.69
N HIS B 641 -33.89 -40.98 17.80
CA HIS B 641 -34.67 -41.69 16.80
C HIS B 641 -34.74 -43.19 17.10
C1 NAG C . 16.53 -39.51 6.13
C2 NAG C . 15.50 -40.58 5.77
C3 NAG C . 14.66 -40.94 6.99
C4 NAG C . 15.56 -41.33 8.16
C5 NAG C . 16.60 -40.25 8.41
C6 NAG C . 17.63 -40.66 9.45
C7 NAG C . 14.77 -40.59 3.42
C8 NAG C . 13.80 -40.02 2.43
N2 NAG C . 14.64 -40.14 4.68
O3 NAG C . 13.80 -42.02 6.66
O4 NAG C . 14.77 -41.51 9.33
O5 NAG C . 17.33 -39.97 7.21
O6 NAG C . 18.54 -41.61 8.92
O7 NAG C . 15.64 -41.40 3.11
C1 NAG C . 14.78 -42.75 9.92
C2 NAG C . 13.86 -42.68 11.13
C3 NAG C . 13.85 -44.03 11.86
C4 NAG C . 13.49 -45.14 10.89
C5 NAG C . 14.39 -45.10 9.65
C6 NAG C . 13.99 -46.09 8.58
C7 NAG C . 13.56 -40.51 12.24
C8 NAG C . 14.12 -39.52 13.21
N2 NAG C . 14.28 -41.61 12.05
O3 NAG C . 12.92 -43.99 12.93
O4 NAG C . 13.64 -46.41 11.53
O5 NAG C . 14.34 -43.79 9.05
O6 NAG C . 12.73 -45.74 8.01
O7 NAG C . 12.49 -40.32 11.66
C1 NAG D . 40.26 -34.83 7.42
C2 NAG D . 40.69 -36.25 7.86
C3 NAG D . 42.21 -36.35 7.96
C4 NAG D . 42.86 -35.88 6.66
C5 NAG D . 42.42 -34.46 6.37
C6 NAG D . 42.99 -33.90 5.09
C7 NAG D . 38.95 -37.29 9.26
C8 NAG D . 38.48 -37.55 10.66
N2 NAG D . 40.08 -36.59 9.14
O3 NAG D . 42.57 -37.71 8.21
O4 NAG D . 44.29 -35.94 6.78
O5 NAG D . 40.99 -34.46 6.22
O6 NAG D . 42.37 -34.48 3.95
O7 NAG D . 38.33 -37.71 8.28
C1 NAG D . 45.07 -36.76 6.00
C2 NAG D . 46.59 -36.66 5.99
C3 NAG D . 47.16 -37.61 4.95
C4 NAG D . 46.66 -39.03 5.19
C5 NAG D . 45.13 -39.04 5.24
C6 NAG D . 44.57 -40.40 5.60
C7 NAG D . 47.22 -34.41 6.72
C8 NAG D . 47.70 -33.06 6.29
N2 NAG D . 47.04 -35.31 5.74
O3 NAG D . 48.59 -37.58 5.01
O4 NAG D . 47.12 -39.90 4.15
O5 NAG D . 44.66 -38.12 6.22
O6 NAG D . 45.31 -41.01 6.65
O7 NAG D . 47.01 -34.68 7.90
C1 NAG E . 19.28 -7.22 9.51
C2 NAG E . 19.04 -6.14 10.56
C3 NAG E . 17.80 -6.48 11.39
C4 NAG E . 16.60 -6.78 10.49
C5 NAG E . 16.97 -7.81 9.42
C6 NAG E . 15.87 -8.04 8.42
C7 NAG E . 20.70 -4.83 11.81
C8 NAG E . 21.89 -4.88 12.72
N2 NAG E . 20.20 -6.00 11.43
O3 NAG E . 17.50 -5.38 12.24
O4 NAG E . 15.54 -7.30 11.27
O5 NAG E . 18.12 -7.35 8.69
O6 NAG E . 15.46 -6.82 7.80
O7 NAG E . 20.22 -3.76 11.42
C1 NAG E . 14.50 -6.46 11.63
C2 NAG E . 13.32 -7.39 11.93
C3 NAG E . 12.22 -6.64 12.67
C4 NAG E . 12.77 -5.88 13.86
C5 NAG E . 13.94 -5.01 13.43
C6 NAG E . 14.61 -4.28 14.57
C7 NAG E . 12.95 -9.28 10.41
C8 NAG E . 12.36 -9.70 9.09
N2 NAG E . 12.82 -7.99 10.71
O3 NAG E . 11.23 -7.57 13.10
O4 NAG E . 11.77 -5.06 14.44
O5 NAG E . 14.95 -5.85 12.82
O6 NAG E . 15.37 -5.17 15.39
O7 NAG E . 13.51 -10.08 11.15
C1 BMA E . 11.45 -5.33 15.75
C2 BMA E . 10.85 -4.05 16.39
C3 BMA E . 10.81 -4.23 17.90
C4 BMA E . 10.06 -5.51 18.25
C5 BMA E . 10.73 -6.72 17.58
C6 BMA E . 10.00 -8.03 17.84
O2 BMA E . 9.52 -3.87 15.96
O3 BMA E . 10.21 -3.11 18.55
O4 BMA E . 10.04 -5.70 19.66
O5 BMA E . 10.75 -6.49 16.16
O6 BMA E . 8.66 -7.89 17.36
C1 MAN E . 7.49 -7.83 18.09
C2 MAN E . 7.23 -9.25 18.58
C3 MAN E . 6.56 -10.08 17.48
C4 MAN E . 5.36 -9.33 16.87
C5 MAN E . 5.79 -7.94 16.41
C6 MAN E . 4.65 -7.12 15.88
O2 MAN E . 6.34 -9.25 19.69
O3 MAN E . 6.16 -11.36 17.94
O4 MAN E . 4.85 -10.04 15.76
O5 MAN E . 6.36 -7.23 17.53
O6 MAN E . 4.97 -5.74 15.98
C1 MAN E . 4.09 -5.02 16.75
C2 MAN E . 2.61 -5.43 16.54
C3 MAN E . 2.03 -4.74 15.31
C4 MAN E . 2.28 -3.22 15.39
C5 MAN E . 3.79 -2.94 15.58
C6 MAN E . 4.09 -1.49 15.80
O2 MAN E . 1.80 -5.00 17.63
O3 MAN E . 0.68 -5.02 15.13
O4 MAN E . 1.85 -2.61 14.18
O5 MAN E . 4.27 -3.62 16.76
O6 MAN E . 3.04 -0.74 15.21
C1 MAN E . 11.01 -2.70 19.58
C2 MAN E . 10.32 -1.80 20.63
C3 MAN E . 9.95 -0.47 19.99
C4 MAN E . 11.18 0.19 19.33
C5 MAN E . 11.88 -0.81 18.37
C6 MAN E . 13.21 -0.30 17.82
O2 MAN E . 11.22 -1.48 21.69
O3 MAN E . 9.35 0.42 20.93
O4 MAN E . 10.77 1.32 18.60
O5 MAN E . 12.14 -2.07 19.05
O6 MAN E . 13.83 -1.39 17.13
C1 NAG F . 11.91 3.24 -11.82
C2 NAG F . 12.18 4.67 -12.27
C3 NAG F . 10.90 5.31 -12.80
C4 NAG F . 10.21 4.42 -13.83
C5 NAG F . 10.06 3.01 -13.28
C6 NAG F . 9.48 2.04 -14.29
C7 NAG F . 13.97 5.93 -11.18
C8 NAG F . 14.37 6.73 -9.97
N2 NAG F . 12.73 5.45 -11.18
O3 NAG F . 11.22 6.59 -13.35
O4 NAG F . 8.92 4.91 -14.13
O5 NAG F . 11.33 2.50 -12.88
O6 NAG F . 10.45 1.60 -15.22
O7 NAG F . 14.75 5.74 -12.11
C1 NAG F . 8.62 6.03 -14.88
C2 NAG F . 7.25 5.86 -15.51
C3 NAG F . 6.74 7.21 -16.03
C4 NAG F . 6.79 8.26 -14.93
C5 NAG F . 8.19 8.31 -14.32
C6 NAG F . 8.31 9.25 -13.14
C7 NAG F . 6.68 3.70 -16.50
C8 NAG F . 6.83 2.80 -17.69
N2 NAG F . 7.29 4.89 -16.58
O3 NAG F . 5.41 7.07 -16.52
O4 NAG F . 6.44 9.54 -15.45
O5 NAG F . 8.56 7.01 -13.85
O6 NAG F . 9.63 9.26 -12.62
O7 NAG F . 6.02 3.38 -15.52
C1 BMA F . 7.20 10.19 -16.39
C2 BMA F . 6.58 10.34 -17.79
C3 BMA F . 7.44 11.27 -18.63
C4 BMA F . 7.72 12.59 -17.89
C5 BMA F . 8.32 12.29 -16.50
C6 BMA F . 8.55 13.54 -15.66
O2 BMA F . 5.29 10.90 -17.71
O3 BMA F . 6.85 11.54 -19.90
O4 BMA F . 8.63 13.38 -18.62
O5 BMA F . 7.40 11.45 -15.79
O6 BMA F . 7.30 14.09 -15.29
C1 MAN F . 7.19 15.39 -14.85
C2 MAN F . 5.71 15.76 -14.59
C3 MAN F . 5.04 16.27 -15.88
C4 MAN F . 5.91 17.35 -16.56
C5 MAN F . 7.30 16.78 -16.83
C6 MAN F . 8.24 17.79 -17.47
O2 MAN F . 5.59 16.81 -13.62
O3 MAN F . 3.72 16.76 -15.65
O4 MAN F . 5.31 17.74 -17.79
O5 MAN F . 7.90 16.38 -15.57
O6 MAN F . 8.71 18.67 -16.46
C1 MAN F . 2.63 16.20 -16.27
C2 MAN F . 1.47 17.18 -15.99
C3 MAN F . 1.03 17.06 -14.52
C4 MAN F . 0.78 15.61 -14.11
C5 MAN F . 1.97 14.71 -14.50
C6 MAN F . 1.67 13.23 -14.29
O2 MAN F . 0.31 16.86 -16.79
O3 MAN F . -0.14 17.84 -14.26
O4 MAN F . 0.61 15.55 -12.70
O5 MAN F . 2.30 14.89 -15.90
O6 MAN F . 2.60 12.49 -15.06
C1 MAN F . 6.42 12.38 -20.89
C2 MAN F . 4.94 11.97 -20.72
C3 MAN F . 4.73 10.56 -21.28
C4 MAN F . 5.30 10.43 -22.70
C5 MAN F . 6.78 10.83 -22.71
C6 MAN F . 7.40 10.80 -24.09
O2 MAN F . 4.08 12.83 -21.48
O3 MAN F . 3.35 10.18 -21.26
O4 MAN F . 5.17 9.09 -23.17
O5 MAN F . 6.90 12.18 -22.20
O6 MAN F . 6.49 11.39 -25.01
C1 NAG G . -41.28 13.47 -3.82
C2 NAG G . -42.40 12.74 -3.10
C3 NAG G . -42.87 11.54 -3.93
C4 NAG G . -43.24 11.98 -5.34
C5 NAG G . -42.07 12.74 -5.96
C6 NAG G . -42.40 13.33 -7.32
C7 NAG G . -42.38 12.88 -0.65
C8 NAG G . -43.34 14.02 -0.80
N2 NAG G . -41.97 12.30 -1.78
O3 NAG G . -44.01 10.94 -3.30
O4 NAG G . -43.55 10.85 -6.14
O5 NAG G . -41.71 13.85 -5.12
O6 NAG G . -43.44 14.28 -7.23
O7 NAG G . -42.00 12.51 0.45
C1 NAG G . -44.65 10.67 -6.95
C2 NAG G . -44.46 9.79 -8.19
C3 NAG G . -45.79 9.62 -8.93
C4 NAG G . -46.86 9.12 -7.98
C5 NAG G . -46.95 10.05 -6.77
C6 NAG G . -47.95 9.58 -5.73
C7 NAG G . -42.42 9.66 -9.56
C8 NAG G . -41.49 10.41 -10.46
N2 NAG G . -43.46 10.35 -9.08
O3 NAG G . -45.62 8.68 -9.99
O4 NAG G . -48.13 9.08 -8.65
O5 NAG G . -45.68 10.12 -6.13
O6 NAG G . -47.77 8.21 -5.40
O7 NAG G . -42.24 8.49 -9.28
C1 NAG H . -37.93 36.80 -10.83
C2 NAG H . -39.13 37.24 -11.67
C3 NAG H . -38.99 38.71 -12.07
C4 NAG H . -38.74 39.57 -10.83
C5 NAG H . -37.55 39.03 -10.05
C6 NAG H . -37.31 39.77 -8.75
C7 NAG H . -40.28 35.53 -13.02
C8 NAG H . -40.28 34.77 -14.31
N2 NAG H . -39.28 36.40 -12.86
O3 NAG H . -40.17 39.13 -12.71
O4 NAG H . -38.44 40.91 -11.24
O5 NAG H . -37.79 37.66 -9.70
O6 NAG H . -38.20 39.36 -7.73
O7 NAG H . -41.15 35.37 -12.18
C1 NAG H . -39.37 41.91 -11.29
C2 NAG H . -38.72 43.26 -10.98
C3 NAG H . -39.68 44.41 -11.32
C4 NAG H . -40.25 44.25 -12.72
C5 NAG H . -40.80 42.85 -12.95
C6 NAG H . -41.23 42.59 -14.37
C7 NAG H . -37.04 43.52 -9.21
C8 NAG H . -36.79 43.57 -7.73
N2 NAG H . -38.30 43.33 -9.60
O3 NAG H . -38.99 45.64 -11.21
O4 NAG H . -41.31 45.19 -12.91
O5 NAG H . -39.79 41.88 -12.64
O6 NAG H . -40.24 43.02 -15.31
O7 NAG H . -36.12 43.65 -10.03
C1 BMA H . -41.21 46.16 -13.87
C2 BMA H . -42.57 46.73 -14.29
C3 BMA H . -42.36 47.62 -15.51
C4 BMA H . -41.28 48.67 -15.25
C5 BMA H . -39.97 47.98 -14.78
C6 BMA H . -38.88 48.95 -14.38
O2 BMA H . -43.10 47.56 -13.26
O3 BMA H . -43.58 48.22 -15.94
O4 BMA H . -41.02 49.43 -16.41
O5 BMA H . -40.27 47.17 -13.63
O6 BMA H . -39.38 49.76 -13.32
C1 MAN H . -38.63 50.89 -13.07
C2 MAN H . -39.27 51.56 -11.84
C3 MAN H . -40.63 52.12 -12.20
C4 MAN H . -40.53 53.05 -13.43
C5 MAN H . -39.92 52.26 -14.60
C6 MAN H . -39.69 53.09 -15.85
O2 MAN H . -38.49 52.67 -11.41
O3 MAN H . -41.26 52.79 -11.09
O4 MAN H . -41.81 53.53 -13.78
O5 MAN H . -38.63 51.72 -14.19
O6 MAN H . -38.97 54.28 -15.50
C1 MAN H . -38.97 55.14 -16.57
C2 MAN H . -38.05 56.32 -16.23
C3 MAN H . -38.70 57.20 -15.18
C4 MAN H . -40.12 57.61 -15.63
C5 MAN H . -40.94 56.33 -15.89
C6 MAN H . -42.37 56.59 -16.36
O2 MAN H . -37.87 57.16 -17.38
O3 MAN H . -37.91 58.34 -14.86
O4 MAN H . -40.75 58.39 -14.63
O5 MAN H . -40.27 55.56 -16.90
O6 MAN H . -42.32 56.99 -17.72
C1 MAN H . -36.61 57.58 -17.70
C2 MAN H . -36.66 58.38 -19.01
C3 MAN H . -36.61 57.42 -20.20
C4 MAN H . -35.40 56.48 -20.09
C5 MAN H . -35.48 55.71 -18.75
C6 MAN H . -34.27 54.81 -18.50
O2 MAN H . -35.52 59.23 -19.14
O3 MAN H . -36.61 58.10 -21.45
O4 MAN H . -35.40 55.55 -21.15
O5 MAN H . -35.55 56.66 -17.65
O6 MAN H . -34.48 54.11 -17.28
C1 MAN H . -41.97 51.86 -10.37
C2 MAN H . -43.03 52.74 -9.70
C3 MAN H . -42.34 53.66 -8.69
C4 MAN H . -41.51 52.84 -7.68
C5 MAN H . -40.51 51.93 -8.44
C6 MAN H . -39.77 50.97 -7.53
O2 MAN H . -43.93 51.94 -8.94
O3 MAN H . -43.27 54.49 -8.02
O4 MAN H . -40.79 53.71 -6.84
O5 MAN H . -41.24 51.13 -9.41
O6 MAN H . -39.04 50.06 -8.35
C1 MAN H . -44.64 47.62 -16.59
C2 MAN H . -45.48 48.69 -17.32
C3 MAN H . -46.42 49.40 -16.33
C4 MAN H . -47.19 48.38 -15.47
C5 MAN H . -46.23 47.41 -14.79
C6 MAN H . -46.92 46.32 -13.99
O2 MAN H . -46.33 48.10 -18.31
O3 MAN H . -47.31 50.28 -16.99
O4 MAN H . -47.95 49.07 -14.48
O5 MAN H . -45.43 46.76 -15.81
O6 MAN H . -45.94 45.66 -13.19
C1 NAG I . -9.73 16.88 -11.41
C2 NAG I . -8.76 16.47 -12.50
C3 NAG I . -9.11 15.07 -13.02
C4 NAG I . -9.27 14.08 -11.87
C5 NAG I . -10.22 14.62 -10.82
C6 NAG I . -10.34 13.75 -9.60
C7 NAG I . -7.64 17.82 -14.22
C8 NAG I . -7.83 18.82 -15.33
N2 NAG I . -8.75 17.43 -13.58
O3 NAG I . -8.09 14.65 -13.92
O4 NAG I . -9.80 12.86 -12.37
O5 NAG I . -9.75 15.90 -10.37
O6 NAG I . -9.09 13.59 -8.93
O7 NAG I . -6.53 17.39 -13.91
C1 NAG I . -8.98 11.76 -12.54
C2 NAG I . -9.93 10.58 -12.64
C3 NAG I . -9.18 9.35 -13.14
C4 NAG I . -8.46 9.66 -14.43
C5 NAG I . -7.58 10.90 -14.27
C6 NAG I . -6.93 11.35 -15.56
C7 NAG I . -11.86 10.62 -11.12
C8 NAG I . -12.36 10.30 -9.75
N2 NAG I . -10.58 10.33 -11.36
O3 NAG I . -10.11 8.28 -13.32
O4 NAG I . -7.66 8.55 -14.83
O5 NAG I . -8.37 12.00 -13.79
O6 NAG I . -7.92 11.57 -16.57
O7 NAG I . -12.58 11.13 -11.98
C1 BMA I . -7.84 7.94 -16.06
C2 BMA I . -6.53 7.78 -16.84
C3 BMA I . -6.85 7.26 -18.23
C4 BMA I . -7.73 6.00 -18.17
C5 BMA I . -8.99 6.25 -17.30
C6 BMA I . -9.82 4.98 -17.09
O2 BMA I . -5.71 6.80 -16.21
O3 BMA I . -5.68 7.00 -18.98
O4 BMA I . -8.14 5.64 -19.48
O5 BMA I . -8.57 6.73 -16.01
O6 BMA I . -10.54 5.10 -15.86
C1 NAG J . 3.75 14.31 9.10
C2 NAG J . 5.22 14.66 9.28
C3 NAG J . 6.00 13.45 9.78
C4 NAG J . 5.34 12.85 11.02
C5 NAG J . 3.86 12.60 10.76
C6 NAG J . 3.11 12.10 11.97
C7 NAG J . 6.09 16.43 7.82
C8 NAG J . 6.68 16.75 6.48
N2 NAG J . 5.80 15.14 8.04
O3 NAG J . 7.34 13.86 10.07
O4 NAG J . 5.96 11.61 11.35
O5 NAG J . 3.22 13.82 10.34
O6 NAG J . 2.81 13.15 12.89
O7 NAG J . 5.89 17.29 8.66
C1 NAG J . 7.20 11.49 11.93
C2 NAG J . 7.27 10.30 12.87
C3 NAG J . 8.72 10.06 13.28
C4 NAG J . 9.60 9.91 12.05
C5 NAG J . 9.41 11.11 11.12
C6 NAG J . 10.16 10.97 9.81
C7 NAG J . 5.29 9.88 14.25
C8 NAG J . 4.54 10.25 15.49
N2 NAG J . 6.44 10.54 14.04
O3 NAG J . 8.80 8.89 14.08
O4 NAG J . 10.98 9.81 12.43
O5 NAG J . 8.03 11.26 10.80
O6 NAG J . 10.00 12.14 9.01
O7 NAG J . 4.87 9.04 13.46
C1 BMA J . 11.73 10.77 13.04
C2 BMA J . 12.72 10.21 14.05
C3 BMA J . 13.47 11.37 14.69
C4 BMA J . 14.10 12.28 13.63
C5 BMA J . 13.03 12.72 12.62
C6 BMA J . 13.59 13.52 11.47
O2 BMA J . 13.69 9.42 13.38
O3 BMA J . 14.46 10.92 15.62
O4 BMA J . 14.67 13.42 14.26
O5 BMA J . 12.41 11.55 12.08
O6 BMA J . 14.56 12.71 10.80
C1 MAN J . 15.01 13.03 9.54
C2 MAN J . 16.26 12.24 9.09
C3 MAN J . 17.55 12.89 9.67
C4 MAN J . 17.56 14.39 9.37
C5 MAN J . 16.32 15.02 9.99
C6 MAN J . 16.23 16.54 9.81
O2 MAN J . 16.41 12.26 7.67
O3 MAN J . 18.74 12.26 9.20
O4 MAN J . 18.71 14.98 9.96
O5 MAN J . 15.15 14.42 9.38
O6 MAN J . 16.42 16.84 8.43
C1 MAN J . 19.68 12.00 10.16
C2 MAN J . 20.93 11.65 9.33
C3 MAN J . 20.78 10.26 8.72
C4 MAN J . 20.36 9.22 9.78
C5 MAN J . 19.09 9.69 10.51
C6 MAN J . 18.67 8.76 11.64
O2 MAN J . 22.11 11.58 10.15
O3 MAN J . 21.96 9.85 8.03
O4 MAN J . 20.11 7.96 9.17
O5 MAN J . 19.33 10.99 11.09
O6 MAN J . 17.89 9.52 12.56
C1 MAN J . 16.29 18.20 8.31
C2 MAN J . 15.27 18.27 7.14
C3 MAN J . 15.98 18.09 5.80
C4 MAN J . 17.21 19.00 5.68
C5 MAN J . 18.14 18.78 6.89
C6 MAN J . 19.34 19.72 6.90
O2 MAN J . 14.62 19.54 7.07
O3 MAN J . 15.09 18.33 4.72
O4 MAN J . 17.93 18.71 4.49
O5 MAN J . 17.40 19.03 8.11
O6 MAN J . 20.11 19.47 5.73
C1 MAN J . 14.25 11.32 16.91
C2 MAN J . 15.60 10.96 17.57
C3 MAN J . 15.74 9.43 17.63
C4 MAN J . 14.50 8.80 18.29
C5 MAN J . 13.23 9.22 17.55
C6 MAN J . 11.95 8.72 18.20
O2 MAN J . 15.65 11.41 18.93
O3 MAN J . 16.93 9.04 18.29
O4 MAN J . 14.62 7.38 18.25
O5 MAN J . 13.16 10.68 17.51
O6 MAN J . 10.92 8.74 17.23
C1 NAG K . -16.59 -3.86 23.03
C2 NAG K . -15.25 -4.43 22.53
C3 NAG K . -14.94 -5.74 23.22
C4 NAG K . -15.00 -5.58 24.73
C5 NAG K . -16.36 -5.03 25.13
C6 NAG K . -16.51 -4.78 26.61
C7 NAG K . -14.57 -3.87 20.24
C8 NAG K . -14.71 -4.22 18.78
N2 NAG K . -15.28 -4.61 21.09
O3 NAG K . -13.64 -6.19 22.83
O4 NAG K . -14.79 -6.84 25.37
O5 NAG K . -16.58 -3.78 24.47
O6 NAG K . -15.43 -4.01 27.14
O7 NAG K . -13.85 -2.96 20.61
C1 NAG K . -13.73 -7.05 26.21
C2 NAG K . -13.98 -8.36 26.96
C3 NAG K . -12.81 -8.68 27.88
C4 NAG K . -11.51 -8.68 27.09
C5 NAG K . -11.36 -7.37 26.33
C6 NAG K . -10.15 -7.35 25.41
C7 NAG K . -16.37 -8.85 27.31
C8 NAG K . -17.54 -8.68 28.21
N2 NAG K . -15.23 -8.28 27.71
O3 NAG K . -13.02 -9.96 28.48
O4 NAG K . -10.40 -8.84 27.98
O5 NAG K . -12.50 -7.14 25.49
O6 NAG K . -10.35 -8.19 24.29
O7 NAG K . -16.44 -9.49 26.25
C1 NAG L . -8.17 -19.46 -16.14
C2 NAG L . -8.45 -18.34 -15.13
C3 NAG L . -9.96 -18.12 -14.99
C4 NAG L . -10.60 -17.91 -16.35
C5 NAG L . -10.25 -19.07 -17.28
C6 NAG L . -10.79 -18.90 -18.68
C7 NAG L . -6.72 -18.05 -13.42
C8 NAG L . -6.23 -18.47 -12.07
N2 NAG L . -7.84 -18.63 -13.85
O3 NAG L . -10.20 -16.99 -14.17
O4 NAG L . -12.02 -17.83 -16.22
O5 NAG L . -8.82 -19.18 -17.38
O6 NAG L . -9.80 -19.16 -19.66
O7 NAG L . -6.12 -17.22 -14.10
C1 EDO M . 19.77 0.67 7.46
O1 EDO M . 19.44 2.06 7.39
C2 EDO M . 19.32 -0.01 6.18
O2 EDO M . 18.74 -1.27 6.56
C1 EDO N . 38.28 -20.10 20.26
O1 EDO N . 39.32 -19.11 20.19
C2 EDO N . 37.38 -19.97 19.04
O2 EDO N . 38.15 -20.21 17.86
C1 EDO O . 14.68 0.85 8.52
O1 EDO O . 13.51 0.26 7.92
C2 EDO O . 15.85 -0.13 8.44
O2 EDO O . 16.13 -0.45 7.07
C1 EDO P . -9.62 -34.30 -10.56
O1 EDO P . -8.41 -35.06 -10.45
C2 EDO P . -9.36 -32.86 -10.13
O2 EDO P . -9.08 -32.05 -11.28
C1 EDO Q . 43.71 -22.49 11.71
O1 EDO Q . 43.03 -21.55 10.87
C2 EDO Q . 42.84 -23.73 11.97
O2 EDO Q . 42.99 -24.68 10.92
C1 EDO R . -22.48 -20.65 -6.15
O1 EDO R . -22.98 -21.36 -7.30
C2 EDO R . -22.15 -19.21 -6.53
O2 EDO R . -23.30 -18.60 -7.14
C1 EDO S . 7.22 4.63 -2.15
O1 EDO S . 6.46 3.52 -1.65
C2 EDO S . 6.64 5.13 -3.47
O2 EDO S . 5.27 5.52 -3.29
C1 EDO T . 29.67 -12.12 6.63
O1 EDO T . 28.65 -12.59 5.74
C2 EDO T . 30.70 -11.34 5.82
O2 EDO T . 31.06 -10.13 6.46
C1 EDO U . 11.18 6.70 -3.73
O1 EDO U . 12.13 7.76 -3.92
C2 EDO U . 11.20 6.21 -2.28
O2 EDO U . 10.87 7.28 -1.39
C1 EDO V . 0.55 -8.56 -7.83
O1 EDO V . -0.36 -8.55 -8.93
C2 EDO V . 1.70 -9.51 -8.15
O2 EDO V . 2.30 -9.15 -9.40
C1 EDO W . 20.70 16.89 0.35
O1 EDO W . 20.95 17.94 1.30
C2 EDO W . 20.85 15.54 1.04
O2 EDO W . 22.21 15.13 1.09
CL CL X . 24.49 -17.84 14.35
CL CL Y . 25.53 13.29 -20.64
C1 NAG Z . -20.46 53.59 -2.77
C2 NAG Z . -20.47 53.40 -1.25
C3 NAG Z . -21.71 54.05 -0.65
C4 NAG Z . -21.81 55.51 -1.08
C5 NAG Z . -21.72 55.64 -2.60
C6 NAG Z . -21.67 57.06 -3.07
C7 NAG Z . -19.51 51.49 -0.06
C8 NAG Z . -19.59 50.01 0.19
N2 NAG Z . -20.42 51.99 -0.90
O3 NAG Z . -21.66 53.95 0.77
O4 NAG Z . -23.03 56.07 -0.62
O5 NAG Z . -20.54 54.99 -3.07
O6 NAG Z . -20.53 57.30 -3.87
O7 NAG Z . -18.66 52.19 0.47
C1 EDO AA . -2.58 14.36 -10.58
O1 EDO AA . -2.59 14.83 -9.24
C2 EDO AA . -1.61 13.19 -10.70
O2 EDO AA . -2.01 12.12 -9.82
C1 EDO BA . -0.78 17.96 -9.85
O1 EDO BA . -1.02 18.44 -11.18
C2 EDO BA . -2.02 18.21 -8.99
O2 EDO BA . -3.11 17.44 -9.48
C1 EDO CA . -7.37 24.79 -11.87
O1 EDO CA . -6.70 23.64 -12.38
C2 EDO CA . -8.78 24.89 -12.46
O2 EDO CA . -8.71 25.27 -13.83
C1 EDO DA . -4.01 20.91 -13.28
O1 EDO DA . -3.77 22.31 -13.09
C2 EDO DA . -4.39 20.67 -14.74
O2 EDO DA . -5.52 21.48 -15.06
C1 EDO EA . -13.71 -19.06 16.64
O1 EDO EA . -12.91 -19.90 17.46
C2 EDO EA . -15.13 -19.63 16.57
O2 EDO EA . -15.66 -19.75 17.89
C1 EDO FA . 1.40 8.99 -3.21
O1 EDO FA . 1.74 7.75 -3.83
C2 EDO FA . 1.01 8.71 -1.76
O2 EDO FA . 0.20 9.78 -1.27
C1 EDO GA . -27.90 38.61 -16.90
O1 EDO GA . -28.34 39.16 -15.65
C2 EDO GA . -26.61 39.29 -17.35
O2 EDO GA . -25.58 39.07 -16.38
CL CL HA . -28.08 -4.77 9.04
CL CL IA . -20.93 20.70 -15.72
#